data_9OIN
#
_entry.id   9OIN
#
_cell.length_a   94.044
_cell.length_b   94.044
_cell.length_c   363.683
_cell.angle_alpha   90.000
_cell.angle_beta   90.000
_cell.angle_gamma   90.000
#
_symmetry.space_group_name_H-M   'P 41 2 2'
#
loop_
_entity.id
_entity.type
_entity.pdbx_description
1 polymer Elongin-B
2 polymer Elongin-C
3 polymer 'von Hippel-Lindau disease tumor suppressor'
4 polymer Elongin-C
5 non-polymer 1-(propan-2-yl)-4-[(pyridin-2-yl)methyl]piperazine
6 water water
#
loop_
_entity_poly.entity_id
_entity_poly.type
_entity_poly.pdbx_seq_one_letter_code
_entity_poly.pdbx_strand_id
1 'polypeptide(L)'
;MDVFLMIRRHKTTIFTDAKESSTVFELKRIVEGILKRPPDEQRLYKDDQLLDDGKTLGECGFTSQTARPQAPATVGLAFR
ADDTFEAL(CAS)IEPFSSPPELPDVMK
;
A,D,G,J
2 'polypeptide(L)'
;MGMYVKLISSDGHEFIVKREHALTSGTIKAMLSGPGQFAENETNEVNFREIPSHVLSKVCMYFTYKVRYTNSSTEIPEFP
IAPEIALELLMAANFLD(CAS)
;
B
3 'polypeptide(L)'
;MGSSHHHHHHSSGLVPRGSHMEAGRPRPVLRSVNSREPSQVIF(CAS)NRSPRVVLPVWLNFDGEPQPYPTLPPGTGRRI
HSYRGHLWLFRDAGTHDGLLVNQTELFVPSLNVDGQPIFANITLPVYTLKERCLQVVRSLVKPENYRRLDIVRSLYEDLE
DHPNVQKDLERLTQERIAHQRMGD
;
C,F,I,L
4 'polypeptide(L)'
;MGMYVKLISSDGHEFIVKREHALTSGTIKAMLSGPGQFAENETNEVNFREIPSHVLSKVCMYFTYKVRYTNSSTEIPEFP
IAPEIALELLMAANFLDC
;
E,H,K
#
loop_
_chem_comp.id
_chem_comp.type
_chem_comp.name
_chem_comp.formula
A1CBJ non-polymer 1-(propan-2-yl)-4-[(pyridin-2-yl)methyl]piperazine 'C13 H21 N3'
#
# COMPACT_ATOMS: atom_id res chain seq x y z
N MET A 1 -4.63 0.56 41.75
CA MET A 1 -3.73 0.07 40.72
C MET A 1 -2.37 -0.22 41.30
N ASP A 2 -1.74 -1.28 40.81
CA ASP A 2 -0.35 -1.59 41.13
C ASP A 2 0.58 -0.91 40.12
N VAL A 3 1.66 -0.33 40.62
CA VAL A 3 2.75 0.18 39.79
C VAL A 3 3.95 -0.72 40.03
N PHE A 4 4.75 -0.93 38.99
CA PHE A 4 5.87 -1.88 39.05
C PHE A 4 7.19 -1.14 38.89
N LEU A 5 8.07 -1.30 39.88
CA LEU A 5 9.23 -0.44 40.04
C LEU A 5 10.53 -1.22 40.09
N MET A 6 11.58 -0.58 39.60
CA MET A 6 12.96 -0.85 40.01
C MET A 6 13.42 0.30 40.90
N ILE A 7 13.82 -0.02 42.12
CA ILE A 7 14.44 0.94 43.02
C ILE A 7 15.94 0.73 42.95
N ARG A 8 16.68 1.77 42.57
CA ARG A 8 18.07 1.63 42.13
C ARG A 8 19.00 2.59 42.87
N ARG A 9 20.10 2.06 43.37
CA ARG A 9 21.18 2.88 43.91
C ARG A 9 22.47 2.12 43.70
N HIS A 10 23.48 2.76 43.10
CA HIS A 10 24.82 2.16 42.97
C HIS A 10 24.72 0.93 42.08
N LYS A 11 25.12 -0.27 42.54
CA LYS A 11 24.90 -1.53 41.82
C LYS A 11 23.83 -2.37 42.50
N THR A 12 22.84 -1.71 43.08
CA THR A 12 21.72 -2.35 43.76
C THR A 12 20.45 -1.99 42.99
N THR A 13 19.60 -2.99 42.73
CA THR A 13 18.33 -2.78 42.04
C THR A 13 17.26 -3.63 42.71
N ILE A 14 16.21 -3.01 43.27
CA ILE A 14 15.11 -3.75 43.88
C ILE A 14 13.92 -3.79 42.92
N PHE A 15 13.43 -4.98 42.59
CA PHE A 15 12.16 -5.13 41.87
C PHE A 15 11.03 -5.28 42.88
N THR A 16 10.10 -4.34 42.90
CA THR A 16 8.93 -4.48 43.75
C THR A 16 7.77 -3.75 43.09
N ASP A 17 6.57 -3.94 43.64
CA ASP A 17 5.37 -3.27 43.16
C ASP A 17 4.71 -2.51 44.31
N ALA A 18 3.86 -1.56 43.96
CA ALA A 18 3.22 -0.71 44.96
C ALA A 18 1.92 -0.15 44.39
N LYS A 19 1.08 0.33 45.28
CA LYS A 19 -0.17 0.92 44.81
C LYS A 19 0.10 2.33 44.32
N GLU A 20 -0.64 2.72 43.28
CA GLU A 20 -0.53 4.11 42.83
C GLU A 20 -0.86 5.10 43.94
N SER A 21 -1.71 4.72 44.89
CA SER A 21 -2.11 5.61 45.98
C SER A 21 -1.16 5.53 47.16
N SER A 22 -0.14 4.67 47.09
CA SER A 22 0.91 4.55 48.10
C SER A 22 1.74 5.82 48.15
N THR A 23 2.42 6.05 49.28
CA THR A 23 3.19 7.28 49.42
C THR A 23 4.68 7.04 49.24
N VAL A 24 5.37 8.12 48.88
CA VAL A 24 6.84 8.08 48.81
C VAL A 24 7.40 7.58 50.13
N PHE A 25 6.83 8.01 51.28
CA PHE A 25 7.35 7.57 52.57
C PHE A 25 7.11 6.07 52.78
N GLU A 26 5.92 5.57 52.37
CA GLU A 26 5.63 4.15 52.49
C GLU A 26 6.56 3.31 51.61
N LEU A 27 6.94 3.82 50.44
CA LEU A 27 7.98 3.15 49.66
C LEU A 27 9.29 3.12 50.42
N LYS A 28 9.61 4.22 51.12
CA LYS A 28 10.85 4.21 51.90
C LYS A 28 10.82 3.15 52.98
N ARG A 29 9.60 2.84 53.50
CA ARG A 29 9.43 1.72 54.42
C ARG A 29 9.77 0.40 53.75
N ILE A 30 9.23 0.18 52.53
CA ILE A 30 9.58 -1.03 51.79
C ILE A 30 11.10 -1.15 51.70
N VAL A 31 11.75 -0.08 51.23
CA VAL A 31 13.22 -0.11 51.16
C VAL A 31 13.80 -0.45 52.51
N GLU A 32 13.26 0.15 53.58
CA GLU A 32 13.80 -0.11 54.91
C GLU A 32 13.83 -1.59 55.22
N GLY A 33 12.80 -2.33 54.81
CA GLY A 33 12.78 -3.77 55.02
C GLY A 33 13.90 -4.50 54.30
N ILE A 34 14.12 -4.18 53.03
CA ILE A 34 15.14 -4.90 52.27
C ILE A 34 16.54 -4.49 52.68
N LEU A 35 16.82 -3.20 52.72
CA LEU A 35 18.20 -2.74 52.86
C LEU A 35 18.56 -2.29 54.28
N LYS A 36 17.58 -2.25 55.19
CA LYS A 36 17.80 -1.97 56.62
C LYS A 36 18.39 -0.56 56.83
N ARG A 37 17.76 0.42 56.20
CA ARG A 37 18.14 1.82 56.43
C ARG A 37 16.87 2.63 56.68
N PRO A 38 16.86 3.48 57.70
CA PRO A 38 15.63 4.20 58.04
C PRO A 38 15.26 5.18 56.93
N PRO A 39 13.97 5.51 56.79
CA PRO A 39 13.59 6.51 55.78
C PRO A 39 14.29 7.86 55.96
N ASP A 40 14.49 8.34 57.20
CA ASP A 40 15.18 9.64 57.36
C ASP A 40 16.59 9.63 56.81
N GLU A 41 17.11 8.46 56.43
CA GLU A 41 18.43 8.31 55.80
C GLU A 41 18.32 7.96 54.33
N GLN A 42 17.21 8.31 53.69
CA GLN A 42 16.91 7.89 52.33
C GLN A 42 16.31 9.04 51.56
N ARG A 43 16.73 9.20 50.30
CA ARG A 43 16.05 10.07 49.37
C ARG A 43 15.66 9.27 48.14
N LEU A 44 14.45 9.52 47.64
CA LEU A 44 13.93 8.91 46.42
C LEU A 44 13.72 9.96 45.35
N TYR A 45 14.06 9.60 44.11
CA TYR A 45 14.06 10.50 42.97
C TYR A 45 13.36 9.87 41.78
N LYS A 46 12.69 10.69 41.00
CA LYS A 46 12.23 10.33 39.67
C LYS A 46 13.12 11.09 38.71
N ASP A 47 13.86 10.37 37.89
CA ASP A 47 14.93 10.98 37.13
C ASP A 47 15.77 11.75 38.14
N ASP A 48 16.00 13.04 37.96
CA ASP A 48 16.85 13.78 38.89
C ASP A 48 16.04 14.63 39.86
N GLN A 49 14.74 14.38 39.97
CA GLN A 49 13.83 15.20 40.79
C GLN A 49 13.57 14.52 42.12
N LEU A 50 13.93 15.19 43.22
CA LEU A 50 13.68 14.64 44.54
C LEU A 50 12.20 14.60 44.83
N LEU A 51 11.74 13.50 45.41
CA LEU A 51 10.32 13.28 45.68
C LEU A 51 10.01 13.48 47.16
N ASP A 52 8.81 13.99 47.44
CA ASP A 52 8.41 14.38 48.79
C ASP A 52 7.60 13.26 49.46
N ASP A 53 7.91 13.03 50.75
CA ASP A 53 7.39 11.91 51.51
C ASP A 53 5.87 11.79 51.44
N GLY A 54 5.15 12.90 51.35
CA GLY A 54 3.70 12.82 51.41
C GLY A 54 3.02 12.58 50.08
N LYS A 55 3.76 12.68 48.99
CA LYS A 55 3.13 12.60 47.68
C LYS A 55 2.88 11.13 47.32
N THR A 56 1.81 10.89 46.60
CA THR A 56 1.55 9.53 46.16
C THR A 56 2.41 9.22 44.95
N LEU A 57 2.73 7.94 44.78
CA LEU A 57 3.53 7.52 43.65
C LEU A 57 2.87 7.93 42.34
N GLY A 58 1.55 8.10 42.35
CA GLY A 58 0.87 8.60 41.16
C GLY A 58 1.21 10.05 40.86
N GLU A 59 1.09 10.94 41.87
CA GLU A 59 1.50 12.34 41.75
C GLU A 59 2.98 12.48 41.39
N CYS A 60 3.79 11.46 41.67
CA CYS A 60 5.19 11.48 41.27
C CYS A 60 5.41 10.88 39.87
N GLY A 61 4.34 10.58 39.13
CA GLY A 61 4.48 10.12 37.77
C GLY A 61 4.62 8.63 37.56
N PHE A 62 4.43 7.80 38.59
CA PHE A 62 4.40 6.35 38.45
C PHE A 62 2.95 5.88 38.32
N THR A 63 2.58 5.35 37.14
CA THR A 63 1.20 4.94 36.84
C THR A 63 1.19 3.61 36.10
N SER A 64 -0.03 3.10 35.85
CA SER A 64 -0.15 1.89 35.06
C SER A 64 0.49 2.06 33.69
N GLN A 65 0.37 3.24 33.08
CA GLN A 65 0.95 3.44 31.75
C GLN A 65 2.48 3.37 31.77
N THR A 66 3.12 3.96 32.81
CA THR A 66 4.56 4.17 32.83
C THR A 66 5.32 3.15 33.64
N ALA A 67 4.67 2.35 34.46
CA ALA A 67 5.35 1.50 35.42
C ALA A 67 4.74 0.10 35.32
N ARG A 68 5.05 -0.62 34.23
CA ARG A 68 4.46 -1.89 33.87
C ARG A 68 5.29 -3.06 34.34
N PRO A 69 4.68 -4.24 34.45
CA PRO A 69 5.45 -5.42 34.88
C PRO A 69 6.67 -5.67 34.02
N GLN A 70 6.48 -5.69 32.70
CA GLN A 70 7.58 -6.00 31.80
C GLN A 70 8.38 -4.77 31.44
N ALA A 71 8.03 -3.59 31.98
CA ALA A 71 8.80 -2.36 31.78
C ALA A 71 8.62 -1.47 33.00
N PRO A 72 9.27 -1.81 34.11
CA PRO A 72 9.07 -1.05 35.35
C PRO A 72 9.77 0.29 35.34
N ALA A 73 9.14 1.26 36.00
CA ALA A 73 9.77 2.57 36.22
C ALA A 73 10.88 2.49 37.25
N THR A 74 11.85 3.37 37.09
CA THR A 74 13.04 3.41 37.93
C THR A 74 12.88 4.49 39.00
N VAL A 75 13.16 4.13 40.24
CA VAL A 75 13.15 5.08 41.36
C VAL A 75 14.58 5.15 41.84
N GLY A 76 15.18 6.35 41.79
CA GLY A 76 16.55 6.52 42.29
C GLY A 76 16.52 6.56 43.81
N LEU A 77 17.56 5.98 44.42
CA LEU A 77 17.68 5.95 45.87
C LEU A 77 19.05 6.44 46.25
N ALA A 78 19.10 7.32 47.26
CA ALA A 78 20.34 7.84 47.83
C ALA A 78 20.28 7.79 49.35
N PHE A 79 21.38 7.35 49.95
CA PHE A 79 21.50 7.13 51.39
C PHE A 79 22.20 8.30 52.07
N ARG A 80 21.87 8.52 53.33
CA ARG A 80 22.56 9.51 54.15
C ARG A 80 23.62 8.83 55.01
N ALA A 81 24.83 9.38 55.02
CA ALA A 81 25.87 9.00 55.98
C ALA A 81 26.30 10.26 56.73
N ASP A 82 26.42 10.15 58.07
CA ASP A 82 26.96 11.22 58.92
C ASP A 82 26.20 12.55 58.74
N ASP A 83 24.87 12.46 58.61
CA ASP A 83 23.96 13.59 58.42
C ASP A 83 24.21 14.37 57.12
N THR A 84 24.83 13.73 56.11
CA THR A 84 25.06 14.32 54.79
C THR A 84 24.68 13.30 53.72
N PHE A 85 23.68 13.62 52.90
CA PHE A 85 23.26 12.69 51.86
C PHE A 85 24.27 12.66 50.71
N GLU A 86 24.71 11.46 50.34
CA GLU A 86 25.47 11.31 49.11
C GLU A 86 24.64 11.80 47.92
N ALA A 87 25.31 12.04 46.81
CA ALA A 87 24.57 12.39 45.62
C ALA A 87 23.90 11.15 45.05
N LEU A 88 22.86 11.38 44.25
CA LEU A 88 22.23 10.26 43.56
C LEU A 88 23.25 9.65 42.65
N CAS A 89 23.48 8.35 42.80
CA CAS A 89 24.34 7.65 41.87
CB CAS A 89 25.75 7.52 42.46
C CAS A 89 23.76 6.29 41.51
O CAS A 89 23.52 5.46 42.38
SG CAS A 89 26.77 6.09 41.92
AS CAS A 89 27.63 6.87 40.02
CE1 CAS A 89 26.85 8.68 39.85
CE2 CAS A 89 29.46 7.30 40.63
N ILE A 90 23.55 6.05 40.21
CA ILE A 90 23.05 4.76 39.71
C ILE A 90 23.93 4.19 38.61
N GLU A 91 24.65 3.11 38.91
CA GLU A 91 25.57 2.53 37.94
C GLU A 91 24.82 1.87 36.79
N PRO A 92 25.20 2.10 35.53
CA PRO A 92 24.43 1.52 34.43
C PRO A 92 24.66 0.02 34.36
N PHE A 93 23.75 -0.64 33.65
CA PHE A 93 23.91 -2.05 33.38
C PHE A 93 25.01 -2.25 32.33
N SER A 94 25.49 -3.48 32.22
CA SER A 94 26.50 -3.85 31.24
C SER A 94 25.98 -3.54 29.84
N SER A 95 26.92 -3.50 28.85
CA SER A 95 26.52 -3.13 27.49
C SER A 95 26.46 -4.36 26.58
N PRO A 96 25.43 -4.42 25.75
CA PRO A 96 25.29 -5.56 24.84
C PRO A 96 26.40 -5.60 23.82
N PRO A 97 26.76 -6.78 23.32
CA PRO A 97 27.71 -6.85 22.20
C PRO A 97 27.08 -6.28 20.93
N GLU A 98 27.92 -5.91 19.97
CA GLU A 98 27.40 -5.44 18.69
C GLU A 98 26.57 -6.55 18.04
N LEU A 99 25.47 -6.17 17.40
CA LEU A 99 24.54 -7.15 16.85
C LEU A 99 25.26 -8.00 15.81
N PRO A 100 25.12 -9.33 15.85
CA PRO A 100 25.77 -10.15 14.82
C PRO A 100 25.25 -9.82 13.44
N ASP A 101 26.17 -9.76 12.47
CA ASP A 101 25.79 -9.42 11.10
C ASP A 101 24.64 -10.31 10.64
N VAL A 102 24.64 -11.57 11.07
CA VAL A 102 23.58 -12.55 10.80
C VAL A 102 22.20 -12.00 11.18
N MET A 103 22.13 -11.01 12.07
CA MET A 103 20.86 -10.40 12.49
C MET A 103 20.63 -9.01 11.86
N MET B 3 9.59 -11.86 51.96
CA MET B 3 11.00 -12.20 51.87
C MET B 3 11.51 -12.05 50.43
N TYR B 4 12.75 -11.59 50.32
CA TYR B 4 13.42 -11.36 49.05
C TYR B 4 14.67 -12.25 48.96
N VAL B 5 15.21 -12.33 47.75
CA VAL B 5 16.50 -12.97 47.51
C VAL B 5 17.30 -12.06 46.58
N LYS B 6 18.59 -12.34 46.49
CA LYS B 6 19.49 -11.49 45.73
C LYS B 6 20.15 -12.33 44.63
N LEU B 7 19.91 -11.94 43.40
CA LEU B 7 20.57 -12.53 42.24
C LEU B 7 21.66 -11.57 41.81
N ILE B 8 22.91 -12.05 41.76
CA ILE B 8 24.02 -11.20 41.39
C ILE B 8 24.47 -11.55 39.99
N SER B 9 24.69 -10.52 39.18
CA SER B 9 25.10 -10.70 37.80
C SER B 9 26.59 -10.94 37.75
N SER B 10 27.07 -11.27 36.55
CA SER B 10 28.50 -11.51 36.37
C SER B 10 29.32 -10.22 36.57
N ASP B 11 28.73 -9.05 36.33
CA ASP B 11 29.45 -7.78 36.48
C ASP B 11 29.18 -7.09 37.82
N GLY B 12 28.70 -7.82 38.83
CA GLY B 12 28.60 -7.27 40.17
C GLY B 12 27.27 -6.62 40.54
N HIS B 13 26.33 -6.46 39.62
CA HIS B 13 25.07 -5.85 39.97
C HIS B 13 24.25 -6.78 40.85
N GLU B 14 23.54 -6.21 41.83
CA GLU B 14 22.75 -6.96 42.80
C GLU B 14 21.27 -6.70 42.57
N PHE B 15 20.56 -7.70 42.02
CA PHE B 15 19.13 -7.65 41.79
C PHE B 15 18.40 -8.35 42.93
N ILE B 16 17.50 -7.61 43.59
CA ILE B 16 16.79 -8.05 44.79
C ILE B 16 15.33 -8.17 44.41
N VAL B 17 14.85 -9.41 44.32
CA VAL B 17 13.50 -9.71 43.87
C VAL B 17 12.81 -10.56 44.94
N LYS B 18 11.47 -10.58 44.88
CA LYS B 18 10.72 -11.38 45.83
C LYS B 18 11.07 -12.85 45.64
N ARG B 19 11.29 -13.57 46.76
N ARG B 19 11.27 -13.57 46.76
CA ARG B 19 11.53 -15.02 46.69
CA ARG B 19 11.53 -15.00 46.66
C ARG B 19 10.52 -15.72 45.79
C ARG B 19 10.52 -15.69 45.77
N GLU B 20 9.21 -15.50 46.02
CA GLU B 20 8.17 -16.15 45.21
C GLU B 20 8.38 -16.02 43.70
N HIS B 21 8.76 -14.82 43.22
CA HIS B 21 9.11 -14.65 41.80
C HIS B 21 10.32 -15.52 41.42
N ALA B 22 11.41 -15.46 42.21
CA ALA B 22 12.63 -16.17 41.85
C ALA B 22 12.46 -17.68 41.88
N LEU B 23 11.55 -18.19 42.74
CA LEU B 23 11.30 -19.63 42.80
C LEU B 23 10.60 -20.16 41.52
N THR B 24 9.97 -19.29 40.71
CA THR B 24 9.51 -19.72 39.37
C THR B 24 10.56 -20.58 38.66
N SER B 25 11.83 -20.18 38.73
CA SER B 25 12.91 -20.96 38.12
C SER B 25 13.25 -22.13 39.03
N GLY B 26 13.14 -23.36 38.50
CA GLY B 26 13.56 -24.53 39.26
C GLY B 26 15.06 -24.52 39.52
N THR B 27 15.83 -24.03 38.55
CA THR B 27 17.26 -23.88 38.71
C THR B 27 17.61 -22.93 39.86
N ILE B 28 16.89 -21.80 39.97
CA ILE B 28 17.18 -20.88 41.08
C ILE B 28 16.70 -21.49 42.39
N LYS B 29 15.59 -22.24 42.37
CA LYS B 29 15.21 -22.99 43.57
C LYS B 29 16.36 -23.88 44.03
N ALA B 30 16.91 -24.67 43.10
CA ALA B 30 18.05 -25.54 43.43
C ALA B 30 19.26 -24.76 43.92
N MET B 31 19.50 -23.56 43.37
CA MET B 31 20.70 -22.84 43.79
C MET B 31 20.52 -22.15 45.12
N LEU B 32 19.27 -21.90 45.54
CA LEU B 32 19.03 -21.32 46.85
C LEU B 32 18.98 -22.42 47.92
N SER B 33 18.28 -23.51 47.62
CA SER B 33 18.16 -24.68 48.51
C SER B 33 19.49 -25.41 48.71
N THR B 43 22.30 -19.24 50.43
CA THR B 43 20.95 -19.76 50.54
C THR B 43 19.90 -18.64 50.40
N ASN B 44 20.36 -17.38 50.52
CA ASN B 44 19.53 -16.21 50.18
C ASN B 44 20.17 -15.34 49.11
N GLU B 45 21.36 -15.67 48.64
CA GLU B 45 21.94 -15.02 47.47
C GLU B 45 22.31 -16.08 46.46
N VAL B 46 22.34 -15.68 45.19
CA VAL B 46 22.81 -16.52 44.08
C VAL B 46 23.76 -15.71 43.22
N ASN B 47 24.96 -16.22 42.98
CA ASN B 47 25.92 -15.58 42.10
C ASN B 47 25.89 -16.25 40.73
N PHE B 48 25.65 -15.46 39.69
CA PHE B 48 25.62 -15.95 38.30
C PHE B 48 26.88 -15.46 37.59
N ARG B 49 27.89 -16.32 37.52
CA ARG B 49 29.17 -15.95 36.95
C ARG B 49 29.13 -15.70 35.43
N GLU B 50 28.06 -16.08 34.75
CA GLU B 50 28.06 -16.02 33.29
C GLU B 50 26.85 -15.30 32.71
N ILE B 51 26.17 -14.47 33.50
CA ILE B 51 24.98 -13.72 33.07
C ILE B 51 25.23 -12.26 33.39
N PRO B 52 25.43 -11.40 32.38
CA PRO B 52 25.68 -9.98 32.65
C PRO B 52 24.39 -9.26 33.06
N SER B 53 24.54 -8.06 33.62
CA SER B 53 23.39 -7.41 34.22
C SER B 53 22.34 -7.01 33.20
N HIS B 54 22.70 -6.85 31.92
CA HIS B 54 21.69 -6.50 30.91
C HIS B 54 20.86 -7.71 30.49
N VAL B 55 21.26 -8.91 30.86
CA VAL B 55 20.42 -10.08 30.71
C VAL B 55 19.58 -10.29 31.97
N LEU B 56 20.24 -10.27 33.13
CA LEU B 56 19.55 -10.54 34.39
C LEU B 56 18.47 -9.50 34.70
N SER B 57 18.72 -8.23 34.39
CA SER B 57 17.66 -7.26 34.61
C SER B 57 16.42 -7.66 33.82
N LYS B 58 16.62 -8.27 32.64
CA LYS B 58 15.48 -8.67 31.81
C LYS B 58 14.82 -9.92 32.36
N VAL B 59 15.62 -10.88 32.84
CA VAL B 59 15.09 -12.04 33.57
C VAL B 59 14.15 -11.59 34.68
N CYS B 60 14.64 -10.69 35.57
CA CYS B 60 13.80 -10.24 36.68
C CYS B 60 12.51 -9.60 36.17
N MET B 61 12.57 -8.84 35.07
CA MET B 61 11.33 -8.28 34.54
C MET B 61 10.37 -9.39 34.13
N TYR B 62 10.89 -10.47 33.52
CA TYR B 62 10.04 -11.59 33.16
C TYR B 62 9.40 -12.23 34.39
N PHE B 63 10.14 -12.36 35.50
CA PHE B 63 9.52 -12.80 36.75
C PHE B 63 8.28 -11.97 37.07
N THR B 64 8.43 -10.64 37.13
CA THR B 64 7.28 -9.79 37.40
C THR B 64 6.17 -10.05 36.40
N TYR B 65 6.54 -10.19 35.14
CA TYR B 65 5.54 -10.27 34.08
C TYR B 65 4.79 -11.58 34.17
N LYS B 66 5.51 -12.69 34.43
CA LYS B 66 4.88 -13.99 34.51
C LYS B 66 3.92 -14.06 35.68
N VAL B 67 4.29 -13.48 36.81
CA VAL B 67 3.45 -13.54 38.00
C VAL B 67 2.21 -12.68 37.82
N ARG B 68 2.30 -11.61 37.04
CA ARG B 68 1.17 -10.71 36.92
C ARG B 68 0.18 -11.23 35.90
N TYR B 69 0.66 -11.84 34.83
CA TYR B 69 -0.20 -12.16 33.70
C TYR B 69 -0.46 -13.63 33.55
N THR B 70 0.09 -14.48 34.41
CA THR B 70 -0.35 -15.87 34.47
C THR B 70 -1.75 -15.91 35.09
N ASN B 71 -2.69 -16.51 34.36
CA ASN B 71 -4.11 -16.64 34.77
C ASN B 71 -4.82 -15.28 34.71
N SER B 72 -4.71 -14.62 33.56
CA SER B 72 -5.37 -13.34 33.32
C SER B 72 -6.37 -13.52 32.18
N SER B 73 -7.62 -13.14 32.44
CA SER B 73 -8.65 -13.08 31.40
C SER B 73 -8.56 -11.78 30.61
N THR B 74 -7.93 -10.77 31.19
CA THR B 74 -7.57 -9.56 30.48
C THR B 74 -6.66 -9.89 29.28
N GLU B 75 -6.43 -8.87 28.46
CA GLU B 75 -5.43 -8.97 27.40
C GLU B 75 -4.04 -8.98 28.02
N ILE B 76 -3.14 -9.76 27.41
CA ILE B 76 -1.76 -9.90 27.88
C ILE B 76 -0.90 -9.11 26.91
N PRO B 77 0.08 -8.33 27.36
CA PRO B 77 0.98 -7.67 26.43
C PRO B 77 2.18 -8.55 26.10
N GLU B 78 2.75 -8.31 24.91
CA GLU B 78 4.00 -8.96 24.54
C GLU B 78 5.07 -8.69 25.56
N PHE B 79 5.87 -9.72 25.86
CA PHE B 79 7.11 -9.49 26.59
C PHE B 79 8.15 -8.97 25.61
N PRO B 80 8.65 -7.76 25.78
CA PRO B 80 9.51 -7.16 24.76
C PRO B 80 10.98 -7.55 24.91
N ILE B 81 11.64 -7.92 23.81
CA ILE B 81 13.06 -8.26 23.81
C ILE B 81 13.75 -7.50 22.70
N ALA B 82 14.68 -6.61 23.07
CA ALA B 82 15.51 -5.93 22.10
C ALA B 82 16.37 -6.94 21.36
N PRO B 83 16.67 -6.71 20.08
CA PRO B 83 17.43 -7.73 19.32
C PRO B 83 18.83 -7.97 19.86
N GLU B 84 19.52 -6.96 20.36
CA GLU B 84 20.92 -7.12 20.79
C GLU B 84 21.06 -7.94 22.07
N ILE B 85 19.97 -8.13 22.82
CA ILE B 85 19.95 -8.94 24.04
C ILE B 85 19.44 -10.33 23.77
N ALA B 86 18.81 -10.55 22.60
CA ALA B 86 18.03 -11.76 22.38
C ALA B 86 18.88 -13.00 22.52
N LEU B 87 20.11 -12.96 22.04
CA LEU B 87 20.88 -14.20 22.03
C LEU B 87 21.40 -14.54 23.43
N GLU B 88 21.84 -13.53 24.19
CA GLU B 88 22.26 -13.80 25.55
C GLU B 88 21.09 -14.17 26.44
N LEU B 89 19.96 -13.49 26.25
CA LEU B 89 18.76 -13.85 27.00
C LEU B 89 18.38 -15.31 26.74
N LEU B 90 18.48 -15.76 25.47
CA LEU B 90 18.15 -17.14 25.14
C LEU B 90 19.04 -18.10 25.92
N MET B 91 20.33 -17.81 25.97
CA MET B 91 21.23 -18.74 26.62
C MET B 91 20.94 -18.81 28.12
N ALA B 92 20.69 -17.67 28.75
CA ALA B 92 20.32 -17.69 30.16
C ALA B 92 19.02 -18.46 30.37
N ALA B 93 18.00 -18.14 29.57
CA ALA B 93 16.70 -18.82 29.67
C ALA B 93 16.84 -20.32 29.47
N ASN B 94 17.73 -20.75 28.57
CA ASN B 94 17.92 -22.18 28.37
C ASN B 94 18.53 -22.83 29.60
N PHE B 95 19.53 -22.16 30.19
CA PHE B 95 20.19 -22.66 31.39
C PHE B 95 19.22 -22.71 32.56
N LEU B 96 18.37 -21.70 32.71
CA LEU B 96 17.51 -21.56 33.88
C LEU B 96 16.16 -22.24 33.71
N ASP B 97 15.90 -22.85 32.55
CA ASP B 97 14.60 -23.44 32.20
C ASP B 97 13.46 -22.49 32.51
N CAS B 98 13.31 -21.49 31.65
CA CAS B 98 12.42 -20.37 31.93
CB CAS B 98 13.24 -19.19 32.34
C CAS B 98 11.49 -19.90 30.81
O CAS B 98 11.82 -20.06 29.63
OXT CAS B 98 10.44 -19.35 31.24
SG CAS B 98 12.86 -18.91 34.07
AS CAS B 98 14.31 -17.23 34.25
CE1 CAS B 98 15.11 -17.47 32.47
CE2 CAS B 98 13.07 -15.77 33.79
N VAL C 29 -8.84 -38.25 15.37
CA VAL C 29 -9.42 -38.25 16.71
C VAL C 29 -9.84 -36.83 17.12
N LEU C 30 -9.00 -35.84 16.83
CA LEU C 30 -9.39 -34.44 17.00
C LEU C 30 -10.04 -33.97 15.70
N ARG C 31 -11.36 -33.92 15.70
CA ARG C 31 -12.12 -33.60 14.50
C ARG C 31 -13.36 -32.79 14.88
N SER C 32 -13.82 -31.94 13.97
CA SER C 32 -15.10 -31.30 14.16
C SER C 32 -16.19 -32.34 14.09
N VAL C 33 -17.25 -32.12 14.84
CA VAL C 33 -18.45 -32.93 14.75
C VAL C 33 -19.42 -32.28 13.77
N ASN C 34 -19.87 -33.06 12.78
CA ASN C 34 -20.80 -32.57 11.75
C ASN C 34 -22.21 -32.46 12.34
N SER C 35 -22.39 -31.51 13.26
CA SER C 35 -23.67 -31.38 13.93
C SER C 35 -24.72 -30.83 12.99
N ARG C 36 -24.28 -30.07 11.99
CA ARG C 36 -25.15 -29.31 11.11
C ARG C 36 -26.06 -28.35 11.91
N GLU C 37 -25.66 -27.98 13.14
CA GLU C 37 -26.39 -27.03 13.98
C GLU C 37 -25.62 -25.72 14.01
N PRO C 38 -26.09 -24.67 13.33
CA PRO C 38 -25.25 -23.48 13.14
C PRO C 38 -24.96 -22.79 14.45
N SER C 39 -23.74 -22.28 14.58
CA SER C 39 -23.35 -21.50 15.75
C SER C 39 -22.68 -20.23 15.28
N GLN C 40 -23.23 -19.10 15.67
CA GLN C 40 -22.73 -17.79 15.30
C GLN C 40 -21.68 -17.34 16.32
N VAL C 41 -20.57 -16.79 15.82
CA VAL C 41 -19.37 -16.63 16.61
C VAL C 41 -18.65 -15.37 16.15
N ILE C 42 -18.06 -14.66 17.11
CA ILE C 42 -17.17 -13.54 16.82
C ILE C 42 -15.75 -13.93 17.22
N PHE C 43 -14.84 -13.81 16.27
CA PHE C 43 -13.43 -14.00 16.52
C PHE C 43 -12.82 -12.67 16.96
N CAS C 44 -12.65 -12.48 18.26
CA CAS C 44 -12.00 -11.28 18.77
CB CAS C 44 -12.67 -10.84 20.09
C CAS C 44 -10.49 -11.46 18.95
O CAS C 44 -10.06 -12.19 19.86
SG CAS C 44 -12.53 -9.08 20.63
AS CAS C 44 -12.66 -7.82 18.76
CE1 CAS C 44 -10.85 -7.05 18.94
CE2 CAS C 44 -13.64 -6.19 19.30
N ASN C 45 -9.70 -10.82 18.11
CA ASN C 45 -8.23 -10.88 18.21
C ASN C 45 -7.68 -9.82 19.18
N ARG C 46 -7.57 -10.17 20.46
CA ARG C 46 -6.92 -9.30 21.44
C ARG C 46 -5.46 -9.66 21.60
N SER C 47 -4.72 -9.57 20.50
CA SER C 47 -3.32 -9.90 20.49
C SER C 47 -2.64 -8.94 19.53
N PRO C 48 -1.36 -8.63 19.73
CA PRO C 48 -0.64 -7.82 18.75
C PRO C 48 -0.19 -8.59 17.52
N ARG C 49 -0.57 -9.86 17.37
CA ARG C 49 -0.14 -10.67 16.24
C ARG C 49 -1.24 -10.72 15.18
N VAL C 50 -0.84 -11.03 13.95
CA VAL C 50 -1.84 -11.35 12.93
C VAL C 50 -2.34 -12.77 13.18
N VAL C 51 -3.64 -12.92 13.39
CA VAL C 51 -4.21 -14.20 13.80
C VAL C 51 -4.68 -14.97 12.59
N LEU C 52 -4.20 -16.21 12.47
CA LEU C 52 -4.66 -17.15 11.46
C LEU C 52 -5.65 -18.12 12.09
N PRO C 53 -6.94 -18.01 11.83
CA PRO C 53 -7.88 -19.02 12.34
C PRO C 53 -7.72 -20.32 11.57
N VAL C 54 -7.93 -21.43 12.29
CA VAL C 54 -7.68 -22.78 11.77
C VAL C 54 -8.81 -23.70 12.20
N TRP C 55 -9.58 -24.21 11.24
CA TRP C 55 -10.69 -25.11 11.50
C TRP C 55 -10.21 -26.55 11.27
N LEU C 56 -10.65 -27.47 12.14
CA LEU C 56 -10.27 -28.87 12.00
C LEU C 56 -11.44 -29.59 11.35
N ASN C 57 -11.27 -29.98 10.09
CA ASN C 57 -12.42 -30.49 9.34
C ASN C 57 -12.81 -31.87 9.87
N PHE C 58 -13.74 -32.53 9.20
CA PHE C 58 -14.35 -33.71 9.79
C PHE C 58 -13.44 -34.93 9.76
N ASP C 59 -12.34 -34.85 9.00
CA ASP C 59 -11.29 -35.86 8.98
C ASP C 59 -10.09 -35.46 9.81
N GLY C 60 -10.16 -34.33 10.53
CA GLY C 60 -9.07 -33.87 11.35
C GLY C 60 -8.04 -33.01 10.65
N GLU C 61 -8.19 -32.75 9.33
CA GLU C 61 -7.20 -31.95 8.62
C GLU C 61 -7.39 -30.46 8.90
N PRO C 62 -6.35 -29.74 9.29
CA PRO C 62 -6.52 -28.32 9.60
C PRO C 62 -6.70 -27.51 8.32
N GLN C 63 -7.75 -26.68 8.31
CA GLN C 63 -8.05 -25.82 7.18
C GLN C 63 -7.94 -24.36 7.58
N PRO C 64 -7.07 -23.58 6.93
CA PRO C 64 -6.89 -22.18 7.30
C PRO C 64 -7.97 -21.28 6.73
N TYR C 65 -8.32 -20.25 7.49
CA TYR C 65 -9.28 -19.22 7.13
C TYR C 65 -8.58 -17.87 6.97
N PRO C 66 -9.27 -16.84 6.42
CA PRO C 66 -8.59 -15.55 6.21
C PRO C 66 -8.07 -14.97 7.51
N THR C 67 -6.88 -14.39 7.42
CA THR C 67 -6.24 -13.86 8.62
C THR C 67 -7.07 -12.75 9.22
N LEU C 68 -6.83 -12.52 10.51
CA LEU C 68 -7.55 -11.57 11.34
C LEU C 68 -6.52 -10.57 11.86
N PRO C 69 -6.51 -9.33 11.38
CA PRO C 69 -5.46 -8.38 11.78
C PRO C 69 -5.56 -8.05 13.27
N PRO C 70 -4.48 -7.54 13.86
CA PRO C 70 -4.48 -7.26 15.31
C PRO C 70 -5.59 -6.28 15.72
N GLY C 71 -6.20 -6.57 16.88
CA GLY C 71 -7.26 -5.74 17.43
C GLY C 71 -8.54 -5.68 16.62
N THR C 72 -8.65 -6.47 15.55
CA THR C 72 -9.84 -6.50 14.69
C THR C 72 -10.70 -7.70 15.09
N GLY C 73 -11.95 -7.68 14.61
CA GLY C 73 -12.88 -8.76 14.89
C GLY C 73 -13.58 -9.22 13.62
N ARG C 74 -14.24 -10.36 13.71
CA ARG C 74 -14.91 -10.93 12.55
C ARG C 74 -16.03 -11.83 13.01
N ARG C 75 -17.23 -11.55 12.54
CA ARG C 75 -18.38 -12.42 12.76
C ARG C 75 -18.23 -13.64 11.86
N ILE C 76 -18.27 -14.83 12.43
CA ILE C 76 -18.15 -16.02 11.60
C ILE C 76 -19.35 -16.92 11.85
N HIS C 77 -19.73 -17.66 10.82
CA HIS C 77 -20.85 -18.61 10.89
C HIS C 77 -20.23 -20.00 10.97
N SER C 78 -20.35 -20.64 12.12
CA SER C 78 -19.81 -21.97 12.26
C SER C 78 -20.91 -22.90 12.74
N TYR C 79 -20.55 -23.90 13.55
CA TYR C 79 -21.50 -24.92 13.93
C TYR C 79 -21.08 -25.51 15.27
N ARG C 80 -22.06 -26.04 16.00
CA ARG C 80 -21.77 -26.67 17.27
C ARG C 80 -20.89 -27.91 17.08
N GLY C 81 -20.01 -28.14 18.04
CA GLY C 81 -19.11 -29.28 17.98
C GLY C 81 -17.93 -29.11 17.06
N HIS C 82 -17.79 -27.96 16.42
CA HIS C 82 -16.64 -27.73 15.55
C HIS C 82 -15.42 -27.29 16.36
N LEU C 83 -14.25 -27.59 15.83
CA LEU C 83 -12.98 -27.37 16.51
C LEU C 83 -12.23 -26.25 15.81
N TRP C 84 -11.89 -25.20 16.56
CA TRP C 84 -11.04 -24.14 16.06
C TRP C 84 -9.82 -24.03 16.96
N LEU C 85 -8.73 -23.60 16.37
CA LEU C 85 -7.51 -23.24 17.05
C LEU C 85 -6.97 -22.02 16.33
N PHE C 86 -6.01 -21.32 16.95
CA PHE C 86 -5.55 -20.04 16.42
C PHE C 86 -4.04 -19.90 16.60
N ARG C 87 -3.40 -19.29 15.60
CA ARG C 87 -1.97 -19.18 15.53
C ARG C 87 -1.59 -17.77 15.03
N ASP C 88 -0.32 -17.41 15.21
CA ASP C 88 0.27 -16.27 14.54
C ASP C 88 0.44 -16.61 13.06
N ALA C 89 -0.21 -15.84 12.17
CA ALA C 89 -0.25 -16.19 10.75
C ALA C 89 1.13 -16.28 10.13
N GLY C 90 2.12 -15.62 10.72
CA GLY C 90 3.48 -15.65 10.22
C GLY C 90 4.38 -16.72 10.81
N THR C 91 4.47 -16.79 12.13
CA THR C 91 5.37 -17.74 12.77
C THR C 91 4.67 -19.03 13.22
N HIS C 92 3.35 -19.12 13.13
CA HIS C 92 2.59 -20.25 13.65
C HIS C 92 2.81 -20.47 15.15
N ASP C 93 3.33 -19.45 15.83
CA ASP C 93 3.27 -19.43 17.28
C ASP C 93 1.84 -19.73 17.72
N GLY C 94 1.70 -20.57 18.75
CA GLY C 94 0.36 -20.88 19.27
C GLY C 94 -0.21 -19.71 20.08
N LEU C 95 -1.51 -19.49 19.94
CA LEU C 95 -2.22 -18.49 20.72
C LEU C 95 -3.30 -19.17 21.54
N LEU C 96 -3.84 -18.43 22.49
CA LEU C 96 -4.95 -18.91 23.31
C LEU C 96 -6.26 -18.31 22.80
N VAL C 97 -7.32 -19.10 22.95
CA VAL C 97 -8.67 -18.64 22.68
C VAL C 97 -9.48 -18.96 23.93
N ASN C 98 -10.12 -17.94 24.49
CA ASN C 98 -10.81 -18.03 25.79
C ASN C 98 -9.97 -18.81 26.79
N GLN C 99 -8.72 -18.39 26.94
CA GLN C 99 -7.77 -18.96 27.90
C GLN C 99 -7.50 -20.45 27.70
N THR C 100 -7.71 -21.01 26.51
CA THR C 100 -7.40 -22.43 26.28
C THR C 100 -6.96 -22.58 24.82
N GLU C 101 -6.50 -23.79 24.47
CA GLU C 101 -5.95 -24.01 23.13
C GLU C 101 -7.04 -24.14 22.07
N LEU C 102 -8.13 -24.82 22.38
CA LEU C 102 -9.19 -25.14 21.42
C LEU C 102 -10.50 -24.45 21.76
N PHE C 103 -11.14 -23.90 20.72
CA PHE C 103 -12.44 -23.24 20.78
C PHE C 103 -13.51 -24.13 20.15
N VAL C 104 -14.53 -24.47 20.92
CA VAL C 104 -15.65 -25.26 20.38
C VAL C 104 -16.92 -24.43 20.36
N PRO C 105 -17.36 -23.92 19.20
CA PRO C 105 -18.65 -23.21 19.15
C PRO C 105 -19.72 -24.04 19.85
N SER C 106 -20.48 -23.37 20.71
CA SER C 106 -21.54 -23.98 21.49
C SER C 106 -22.88 -23.41 21.04
N LEU C 107 -23.96 -23.86 21.70
CA LEU C 107 -25.28 -23.32 21.44
C LEU C 107 -25.30 -21.80 21.58
N ASN C 108 -25.80 -21.11 20.54
CA ASN C 108 -26.05 -19.67 20.64
C ASN C 108 -27.25 -19.46 21.56
N VAL C 109 -26.99 -18.98 22.77
CA VAL C 109 -28.05 -18.79 23.75
C VAL C 109 -28.54 -17.35 23.65
N ASP C 110 -29.87 -17.19 23.60
CA ASP C 110 -30.56 -15.90 23.45
C ASP C 110 -30.33 -15.27 22.09
N GLY C 111 -29.80 -16.02 21.12
CA GLY C 111 -29.41 -15.47 19.84
C GLY C 111 -28.05 -14.79 19.82
N GLN C 112 -27.53 -14.38 20.99
CA GLN C 112 -26.25 -13.67 21.04
C GLN C 112 -25.13 -14.61 20.61
N PRO C 113 -24.15 -14.12 19.85
CA PRO C 113 -23.14 -15.01 19.29
C PRO C 113 -22.03 -15.31 20.28
N ILE C 114 -21.38 -16.48 20.11
CA ILE C 114 -20.29 -16.85 21.00
C ILE C 114 -19.10 -15.97 20.73
N PHE C 115 -18.37 -15.67 21.80
CA PHE C 115 -17.26 -14.74 21.78
C PHE C 115 -15.96 -15.52 22.01
N ALA C 116 -15.09 -15.51 21.00
CA ALA C 116 -13.83 -16.23 21.01
C ALA C 116 -12.71 -15.20 21.14
N ASN C 117 -12.24 -14.99 22.36
CA ASN C 117 -11.20 -13.99 22.62
C ASN C 117 -9.83 -14.61 22.43
N ILE C 118 -9.11 -14.13 21.43
CA ILE C 118 -7.80 -14.65 21.07
C ILE C 118 -6.73 -13.80 21.75
N THR C 119 -5.90 -14.42 22.61
CA THR C 119 -4.89 -13.67 23.37
C THR C 119 -3.52 -14.32 23.23
N LEU C 120 -2.49 -13.53 23.55
CA LEU C 120 -1.17 -14.09 23.73
C LEU C 120 -1.18 -14.99 24.97
N PRO C 121 -0.61 -16.19 24.88
CA PRO C 121 -0.20 -16.90 26.11
C PRO C 121 0.87 -16.11 26.82
N VAL C 122 1.20 -16.58 28.02
CA VAL C 122 2.44 -16.17 28.69
C VAL C 122 3.49 -17.18 28.27
N TYR C 123 4.13 -16.92 27.13
CA TYR C 123 5.21 -17.78 26.66
C TYR C 123 6.30 -17.88 27.71
N THR C 124 6.99 -19.03 27.72
CA THR C 124 8.21 -19.14 28.51
C THR C 124 9.22 -18.12 27.99
N LEU C 125 10.15 -17.72 28.86
CA LEU C 125 11.18 -16.81 28.36
C LEU C 125 12.04 -17.47 27.30
N LYS C 126 12.23 -18.80 27.35
CA LYS C 126 13.03 -19.47 26.31
C LYS C 126 12.33 -19.40 24.97
N GLU C 127 11.07 -19.86 24.91
CA GLU C 127 10.33 -19.80 23.66
C GLU C 127 10.24 -18.37 23.14
N ARG C 128 10.08 -17.40 24.05
CA ARG C 128 9.95 -16.03 23.58
C ARG C 128 11.22 -15.58 22.88
N CYS C 129 12.39 -15.89 23.46
CA CYS C 129 13.66 -15.61 22.79
C CYS C 129 13.78 -16.37 21.48
N LEU C 130 13.30 -17.62 21.44
CA LEU C 130 13.34 -18.35 20.18
C LEU C 130 12.52 -17.60 19.13
N GLN C 131 11.33 -17.13 19.51
CA GLN C 131 10.50 -16.36 18.59
C GLN C 131 11.25 -15.16 18.06
N VAL C 132 11.93 -14.43 18.95
CA VAL C 132 12.58 -13.19 18.55
C VAL C 132 13.82 -13.49 17.72
N VAL C 133 14.51 -14.60 18.00
CA VAL C 133 15.73 -14.89 17.26
C VAL C 133 15.40 -15.44 15.88
N ARG C 134 14.31 -16.20 15.76
CA ARG C 134 13.87 -16.68 14.46
C ARG C 134 13.52 -15.50 13.55
N SER C 135 12.92 -14.45 14.12
CA SER C 135 12.51 -13.30 13.33
C SER C 135 13.71 -12.50 12.80
N LEU C 136 14.88 -12.66 13.40
CA LEU C 136 16.03 -11.86 13.00
C LEU C 136 16.98 -12.61 12.09
N VAL C 137 16.95 -13.94 12.11
CA VAL C 137 17.92 -14.78 11.39
C VAL C 137 17.18 -15.74 10.47
N LYS C 138 17.65 -15.84 9.21
CA LYS C 138 17.14 -16.82 8.25
C LYS C 138 17.68 -18.20 8.59
N PRO C 139 16.88 -19.25 8.39
CA PRO C 139 17.21 -20.56 8.99
C PRO C 139 18.49 -21.22 8.48
N GLU C 140 19.01 -20.83 7.31
CA GLU C 140 20.33 -21.34 6.91
C GLU C 140 21.42 -20.84 7.83
N ASN C 141 21.31 -19.60 8.28
CA ASN C 141 22.30 -18.93 9.11
C ASN C 141 22.08 -19.15 10.61
N TYR C 142 21.08 -19.94 11.00
CA TYR C 142 20.98 -20.38 12.39
C TYR C 142 22.30 -20.99 12.86
N ARG C 143 22.88 -21.89 12.05
CA ARG C 143 24.18 -22.47 12.39
C ARG C 143 25.26 -21.41 12.56
N ARG C 144 25.17 -20.29 11.83
CA ARG C 144 26.19 -19.25 11.93
C ARG C 144 26.23 -18.63 13.33
N LEU C 145 25.12 -18.62 14.08
CA LEU C 145 25.11 -18.03 15.41
C LEU C 145 25.88 -18.91 16.39
N ASP C 146 26.46 -18.29 17.42
CA ASP C 146 27.33 -18.97 18.38
C ASP C 146 26.56 -19.22 19.67
N ILE C 147 26.00 -20.43 19.78
CA ILE C 147 25.22 -20.87 20.92
C ILE C 147 25.40 -22.38 21.04
N VAL C 148 24.98 -22.95 22.19
CA VAL C 148 25.06 -24.41 22.34
C VAL C 148 24.24 -25.06 21.24
N ARG C 149 24.84 -26.07 20.59
CA ARG C 149 24.20 -26.72 19.45
C ARG C 149 22.80 -27.22 19.79
N SER C 150 22.54 -27.52 21.07
CA SER C 150 21.18 -27.89 21.50
C SER C 150 20.16 -26.78 21.22
N LEU C 151 20.60 -25.52 21.20
CA LEU C 151 19.68 -24.43 20.88
C LEU C 151 19.41 -24.34 19.39
N TYR C 152 20.39 -24.71 18.56
CA TYR C 152 20.18 -24.72 17.13
C TYR C 152 19.05 -25.68 16.76
N GLU C 153 18.87 -26.76 17.51
CA GLU C 153 17.74 -27.67 17.29
C GLU C 153 16.42 -27.03 17.72
N ASP C 154 16.37 -26.49 18.95
CA ASP C 154 15.19 -25.77 19.42
C ASP C 154 14.78 -24.67 18.42
N LEU C 155 15.77 -23.99 17.84
CA LEU C 155 15.48 -22.91 16.90
C LEU C 155 14.89 -23.43 15.61
N GLU C 156 15.28 -24.64 15.20
CA GLU C 156 14.76 -25.22 13.96
C GLU C 156 13.46 -25.99 14.16
N ASP C 157 13.08 -26.29 15.40
CA ASP C 157 11.79 -26.92 15.72
C ASP C 157 10.69 -25.85 15.76
N HIS C 158 10.45 -25.26 14.59
CA HIS C 158 9.44 -24.22 14.43
C HIS C 158 8.07 -24.68 14.92
N PRO C 159 7.31 -23.83 15.61
CA PRO C 159 5.93 -24.19 15.95
C PRO C 159 5.18 -24.52 14.67
N ASN C 160 4.35 -25.55 14.74
CA ASN C 160 3.66 -26.09 13.58
C ASN C 160 2.37 -26.74 14.06
N VAL C 161 1.30 -26.55 13.29
CA VAL C 161 0.00 -27.00 13.78
C VAL C 161 -0.13 -28.53 13.71
N GLN C 162 0.41 -29.16 12.65
CA GLN C 162 0.35 -30.63 12.60
C GLN C 162 1.07 -31.26 13.78
N LYS C 163 2.21 -30.68 14.19
CA LYS C 163 2.93 -31.19 15.36
C LYS C 163 2.09 -31.03 16.64
N ASP C 164 1.64 -29.80 16.92
CA ASP C 164 0.85 -29.54 18.12
C ASP C 164 -0.38 -30.45 18.17
N LEU C 165 -1.00 -30.71 17.02
CA LEU C 165 -2.21 -31.54 17.00
C LEU C 165 -1.94 -32.94 17.54
N GLU C 166 -0.78 -33.52 17.21
CA GLU C 166 -0.43 -34.82 17.79
C GLU C 166 -0.28 -34.73 19.30
N ARG C 167 0.38 -33.67 19.78
CA ARG C 167 0.47 -33.43 21.22
C ARG C 167 -0.91 -33.50 21.87
N LEU C 168 -1.86 -32.72 21.36
CA LEU C 168 -3.21 -32.72 21.93
C LEU C 168 -3.89 -34.09 21.80
N THR C 169 -3.53 -34.88 20.78
CA THR C 169 -4.04 -36.25 20.66
C THR C 169 -3.14 -37.23 21.41
N MET D 1 21.59 7.31 -1.01
CA MET D 1 21.95 7.95 0.26
C MET D 1 23.32 7.50 0.82
N ASP D 2 23.72 6.24 0.62
CA ASP D 2 25.07 5.84 0.96
C ASP D 2 26.09 6.47 0.02
N VAL D 3 27.23 6.91 0.55
CA VAL D 3 28.35 7.35 -0.26
C VAL D 3 29.55 6.50 0.15
N PHE D 4 30.49 6.35 -0.77
CA PHE D 4 31.59 5.40 -0.61
C PHE D 4 32.92 6.12 -0.77
N LEU D 5 33.76 6.07 0.26
CA LEU D 5 34.90 6.96 0.34
C LEU D 5 36.22 6.22 0.47
N MET D 6 37.28 6.95 0.12
CA MET D 6 38.66 6.59 0.42
C MET D 6 39.23 7.69 1.33
N ILE D 7 39.46 7.37 2.60
CA ILE D 7 40.07 8.29 3.54
C ILE D 7 41.58 8.05 3.53
N ARG D 8 42.31 9.00 2.95
CA ARG D 8 43.71 8.81 2.60
C ARG D 8 44.60 9.78 3.37
N ARG D 9 45.61 9.25 4.04
CA ARG D 9 46.66 10.02 4.69
C ARG D 9 47.97 9.26 4.53
N HIS D 10 48.97 9.92 3.92
CA HIS D 10 50.31 9.39 3.76
C HIS D 10 50.24 8.19 2.82
N LYS D 11 50.70 7.00 3.22
CA LYS D 11 50.49 5.71 2.54
C LYS D 11 49.45 4.86 3.28
N THR D 12 48.49 5.53 3.93
CA THR D 12 47.34 4.89 4.56
C THR D 12 46.08 5.28 3.80
N THR D 13 45.34 4.28 3.31
CA THR D 13 44.07 4.45 2.62
C THR D 13 43.02 3.59 3.29
N ILE D 14 41.89 4.18 3.66
CA ILE D 14 40.80 3.45 4.31
C ILE D 14 39.62 3.39 3.34
N PHE D 15 38.97 2.23 3.26
CA PHE D 15 37.78 2.07 2.44
C PHE D 15 36.59 1.93 3.39
N THR D 16 35.72 2.93 3.37
CA THR D 16 34.56 2.90 4.26
C THR D 16 33.35 3.49 3.51
N ASP D 17 32.17 3.22 4.06
CA ASP D 17 30.89 3.73 3.57
C ASP D 17 30.36 4.74 4.56
N ALA D 18 29.34 5.50 4.14
CA ALA D 18 28.80 6.56 4.98
C ALA D 18 27.56 7.14 4.34
N LYS D 19 26.60 7.54 5.17
CA LYS D 19 25.41 8.19 4.66
C LYS D 19 25.73 9.61 4.23
N GLU D 20 24.94 10.10 3.27
CA GLU D 20 25.11 11.47 2.81
C GLU D 20 24.82 12.48 3.92
N SER D 21 23.81 12.20 4.76
CA SER D 21 23.44 13.04 5.90
C SER D 21 24.38 12.91 7.09
N SER D 22 25.30 11.92 7.08
CA SER D 22 26.39 11.85 8.06
C SER D 22 27.12 13.19 8.16
N THR D 23 27.96 13.38 9.19
CA THR D 23 28.73 14.61 9.33
C THR D 23 30.22 14.32 9.40
N VAL D 24 31.01 15.35 9.07
CA VAL D 24 32.46 15.24 9.13
C VAL D 24 32.93 14.79 10.51
N PHE D 25 32.27 15.27 11.56
CA PHE D 25 32.66 14.85 12.91
C PHE D 25 32.46 13.34 13.05
N GLU D 26 31.25 12.87 12.72
CA GLU D 26 30.95 11.44 12.77
C GLU D 26 31.88 10.63 11.89
N LEU D 27 32.38 11.23 10.79
CA LEU D 27 33.38 10.56 9.98
C LEU D 27 34.75 10.58 10.65
N LYS D 28 35.05 11.63 11.44
CA LYS D 28 36.26 11.59 12.27
C LYS D 28 36.13 10.54 13.37
N ARG D 29 34.90 10.31 13.86
CA ARG D 29 34.63 9.23 14.81
C ARG D 29 34.75 7.85 14.17
N ILE D 30 34.40 7.68 12.89
CA ILE D 30 34.66 6.42 12.20
C ILE D 30 36.16 6.16 12.12
N VAL D 31 36.94 7.17 11.73
CA VAL D 31 38.40 7.08 11.70
C VAL D 31 38.95 6.66 13.06
N GLU D 32 38.23 6.96 14.14
CA GLU D 32 38.72 6.67 15.49
C GLU D 32 38.89 5.17 15.70
N GLY D 33 37.94 4.37 15.21
CA GLY D 33 38.04 2.92 15.36
C GLY D 33 39.18 2.32 14.57
N ILE D 34 39.45 2.87 13.38
CA ILE D 34 40.51 2.32 12.53
C ILE D 34 41.88 2.83 12.99
N LEU D 35 42.07 4.14 12.99
CA LEU D 35 43.40 4.69 13.22
C LEU D 35 43.66 5.04 14.68
N LYS D 36 42.67 4.82 15.57
CA LYS D 36 42.82 5.05 17.01
C LYS D 36 43.26 6.50 17.30
N ARG D 37 42.52 7.45 16.75
CA ARG D 37 42.77 8.87 16.96
C ARG D 37 41.45 9.58 17.21
N PRO D 38 41.45 10.62 18.04
CA PRO D 38 40.18 11.21 18.50
C PRO D 38 39.48 11.95 17.36
N PRO D 39 38.20 12.32 17.54
CA PRO D 39 37.64 13.29 16.58
C PRO D 39 38.45 14.58 16.56
N ASP D 40 38.84 15.09 17.74
CA ASP D 40 39.95 16.01 17.95
C ASP D 40 41.19 15.48 17.20
N GLU D 41 42.23 16.28 17.07
CA GLU D 41 43.49 15.85 16.49
C GLU D 41 43.35 15.38 15.04
N GLN D 42 42.20 15.65 14.42
CA GLN D 42 41.82 15.07 13.14
C GLN D 42 41.26 16.17 12.24
N ARG D 43 41.91 16.39 11.10
CA ARG D 43 41.45 17.34 10.10
C ARG D 43 41.18 16.57 8.81
N LEU D 44 39.95 16.64 8.32
CA LEU D 44 39.53 15.96 7.11
C LEU D 44 39.38 16.97 5.98
N TYR D 45 39.87 16.59 4.80
CA TYR D 45 39.97 17.51 3.67
C TYR D 45 39.23 16.98 2.47
N LYS D 46 38.71 17.92 1.68
CA LYS D 46 38.14 17.66 0.35
C LYS D 46 39.01 18.43 -0.63
N ASP D 47 39.76 17.72 -1.46
CA ASP D 47 40.85 18.31 -2.22
C ASP D 47 41.76 19.07 -1.27
N ASP D 48 41.74 20.39 -1.34
CA ASP D 48 42.59 21.22 -0.49
C ASP D 48 41.79 22.00 0.57
N GLN D 49 40.51 21.69 0.76
CA GLN D 49 39.62 22.45 1.64
C GLN D 49 39.42 21.71 2.95
N LEU D 50 39.75 22.36 4.07
CA LEU D 50 39.39 21.78 5.37
C LEU D 50 37.88 21.72 5.51
N LEU D 51 37.40 20.64 6.11
CA LEU D 51 35.97 20.39 6.27
C LEU D 51 35.54 20.67 7.70
N ASP D 52 34.51 21.50 7.84
CA ASP D 52 33.94 21.80 9.16
C ASP D 52 33.19 20.59 9.69
N ASP D 53 33.47 20.24 10.95
CA ASP D 53 32.88 19.05 11.56
C ASP D 53 31.35 19.03 11.46
N GLY D 54 30.70 20.19 11.63
CA GLY D 54 29.24 20.17 11.64
C GLY D 54 28.59 19.97 10.28
N LYS D 55 29.36 20.00 9.20
CA LYS D 55 28.77 19.92 7.86
C LYS D 55 28.51 18.46 7.45
N THR D 56 27.46 18.26 6.65
CA THR D 56 27.17 16.92 6.13
C THR D 56 28.06 16.62 4.93
N LEU D 57 28.18 15.32 4.62
CA LEU D 57 29.08 14.89 3.56
C LEU D 57 28.61 15.35 2.19
N GLY D 58 27.29 15.42 2.00
CA GLY D 58 26.76 16.00 0.77
C GLY D 58 27.02 17.48 0.67
N GLU D 59 26.86 18.23 1.79
CA GLU D 59 27.17 19.65 1.81
C GLU D 59 28.60 19.90 1.37
N CYS D 60 29.51 18.97 1.68
CA CYS D 60 30.90 19.03 1.32
C CYS D 60 31.18 18.46 -0.07
N GLY D 61 30.16 17.96 -0.77
CA GLY D 61 30.35 17.49 -2.13
C GLY D 61 30.58 16.00 -2.29
N PHE D 62 30.41 15.21 -1.24
CA PHE D 62 30.43 13.75 -1.33
C PHE D 62 29.00 13.28 -1.54
N THR D 63 28.71 12.83 -2.76
CA THR D 63 27.36 12.43 -3.12
C THR D 63 27.38 11.04 -3.74
N SER D 64 26.19 10.45 -3.81
CA SER D 64 26.03 9.13 -4.39
C SER D 64 26.65 9.07 -5.77
N GLN D 65 26.50 10.13 -6.57
CA GLN D 65 27.07 10.15 -7.91
C GLN D 65 28.57 10.37 -7.90
N THR D 66 29.09 11.11 -6.91
CA THR D 66 30.51 11.39 -6.85
C THR D 66 31.29 10.28 -6.16
N ALA D 67 30.69 9.58 -5.20
CA ALA D 67 31.40 8.63 -4.35
C ALA D 67 30.73 7.27 -4.53
N ARG D 68 31.24 6.49 -5.47
CA ARG D 68 30.61 5.27 -5.92
C ARG D 68 31.39 4.05 -5.43
N PRO D 69 30.71 2.91 -5.23
CA PRO D 69 31.44 1.70 -4.80
C PRO D 69 32.61 1.41 -5.71
N GLN D 70 32.40 1.39 -7.02
CA GLN D 70 33.47 1.08 -7.95
C GLN D 70 34.42 2.25 -8.16
N ALA D 71 34.08 3.43 -7.66
CA ALA D 71 34.91 4.62 -7.84
C ALA D 71 34.69 5.54 -6.66
N PRO D 72 35.29 5.22 -5.52
CA PRO D 72 35.04 6.02 -4.31
C PRO D 72 35.65 7.42 -4.43
N ALA D 73 35.15 8.32 -3.58
CA ALA D 73 35.66 9.69 -3.46
C ALA D 73 36.74 9.77 -2.39
N THR D 74 37.82 10.47 -2.70
CA THR D 74 38.93 10.58 -1.76
C THR D 74 38.69 11.67 -0.73
N VAL D 75 38.99 11.36 0.52
CA VAL D 75 38.93 12.30 1.64
C VAL D 75 40.32 12.42 2.23
N GLY D 76 40.86 13.64 2.28
CA GLY D 76 42.18 13.84 2.86
C GLY D 76 42.14 13.81 4.38
N LEU D 77 43.19 13.27 4.98
CA LEU D 77 43.32 13.27 6.43
C LEU D 77 44.67 13.88 6.81
N ALA D 78 44.67 14.67 7.89
CA ALA D 78 45.88 15.22 8.50
C ALA D 78 45.77 15.03 10.01
N PHE D 79 46.82 14.50 10.62
CA PHE D 79 46.87 14.16 12.04
C PHE D 79 47.55 15.30 12.82
N ARG D 80 48.09 14.98 14.00
CA ARG D 80 48.80 15.91 14.89
C ARG D 80 47.82 16.83 15.61
N ALA D 81 48.31 17.68 16.52
CA ALA D 81 47.48 18.64 17.28
C ALA D 81 46.18 18.07 17.84
N ASP D 83 51.11 18.82 18.99
CA ASP D 83 50.13 19.88 19.21
C ASP D 83 50.02 20.88 18.04
N THR D 84 50.59 20.52 16.88
CA THR D 84 50.60 21.35 15.67
C THR D 84 50.20 20.49 14.47
N PHE D 85 49.06 20.82 13.85
CA PHE D 85 48.53 20.04 12.71
C PHE D 85 49.54 19.97 11.56
N GLU D 86 49.79 18.76 11.07
CA GLU D 86 50.71 18.56 9.96
C GLU D 86 50.06 19.02 8.65
N ALA D 87 50.89 19.19 7.62
CA ALA D 87 50.35 19.46 6.30
C ALA D 87 49.70 18.20 5.72
N LEU D 88 48.81 18.40 4.75
CA LEU D 88 48.12 17.28 4.10
C LEU D 88 49.00 16.58 3.07
N CAS D 89 49.54 15.42 3.44
CA CAS D 89 50.34 14.57 2.55
CB CAS D 89 51.66 14.15 3.22
C CAS D 89 49.55 13.33 2.14
O CAS D 89 49.11 12.55 3.00
SG CAS D 89 52.86 13.26 2.14
AS CAS D 89 52.74 14.53 0.25
CE1 CAS D 89 54.57 15.19 0.10
CE2 CAS D 89 52.78 13.20 -1.20
N ILE D 90 49.38 13.14 0.84
CA ILE D 90 48.74 11.94 0.34
C ILE D 90 49.67 11.32 -0.70
N GLU D 91 50.33 10.23 -0.29
CA GLU D 91 51.27 9.57 -1.18
C GLU D 91 50.52 8.92 -2.34
N PRO D 92 50.97 9.08 -3.58
CA PRO D 92 50.25 8.50 -4.71
C PRO D 92 50.51 7.01 -4.86
N PHE D 93 49.58 6.34 -5.55
CA PHE D 93 49.78 4.92 -5.85
C PHE D 93 50.83 4.77 -6.94
N SER D 94 51.29 3.53 -7.13
CA SER D 94 52.28 3.20 -8.15
C SER D 94 51.73 3.51 -9.54
N SER D 95 52.57 3.37 -10.57
CA SER D 95 52.18 3.70 -11.92
C SER D 95 52.28 2.48 -12.83
N PRO D 96 51.31 2.31 -13.71
CA PRO D 96 51.29 1.12 -14.56
C PRO D 96 52.43 1.13 -15.56
N PRO D 97 52.69 0.00 -16.21
CA PRO D 97 53.59 0.00 -17.36
C PRO D 97 52.92 0.59 -18.61
N GLU D 98 53.74 0.83 -19.63
CA GLU D 98 53.21 1.20 -20.94
C GLU D 98 52.50 -0.01 -21.52
N LEU D 99 51.43 0.25 -22.29
CA LEU D 99 50.66 -0.85 -22.87
C LEU D 99 51.48 -1.59 -23.92
N PRO D 100 51.41 -2.92 -23.95
CA PRO D 100 52.11 -3.66 -25.00
C PRO D 100 51.54 -3.38 -26.38
N ASP D 101 52.32 -3.76 -27.39
CA ASP D 101 51.93 -3.45 -28.76
C ASP D 101 50.64 -4.15 -29.14
N VAL D 102 50.37 -5.34 -28.59
CA VAL D 102 49.12 -6.03 -28.91
C VAL D 102 47.90 -5.33 -28.33
N MET D 103 48.08 -4.25 -27.56
CA MET D 103 46.95 -3.50 -27.01
C MET D 103 46.87 -2.08 -27.58
N MET E 3 37.00 -6.76 12.72
CA MET E 3 36.40 -5.48 12.32
C MET E 3 36.98 -4.99 10.99
N TYR E 4 38.20 -4.46 11.03
CA TYR E 4 38.93 -4.07 9.83
C TYR E 4 40.22 -4.87 9.71
N VAL E 5 40.68 -5.05 8.47
CA VAL E 5 41.94 -5.70 8.19
C VAL E 5 42.79 -4.77 7.33
N LYS E 6 44.06 -5.14 7.19
CA LYS E 6 45.06 -4.29 6.55
C LYS E 6 45.70 -5.08 5.41
N LEU E 7 45.53 -4.62 4.19
CA LEU E 7 46.20 -5.22 3.04
C LEU E 7 47.31 -4.29 2.60
N ILE E 8 48.55 -4.73 2.76
CA ILE E 8 49.73 -3.93 2.47
C ILE E 8 50.19 -4.23 1.04
N SER E 9 50.39 -3.19 0.26
CA SER E 9 50.84 -3.32 -1.12
C SER E 9 52.33 -3.68 -1.16
N SER E 10 52.81 -4.01 -2.37
CA SER E 10 54.23 -4.32 -2.56
C SER E 10 55.13 -3.08 -2.44
N ASP E 11 54.58 -1.89 -2.70
CA ASP E 11 55.30 -0.63 -2.52
C ASP E 11 54.89 0.08 -1.23
N GLY E 12 54.48 -0.66 -0.18
CA GLY E 12 54.31 -0.08 1.13
C GLY E 12 52.96 0.54 1.43
N HIS E 13 52.11 0.77 0.43
CA HIS E 13 50.80 1.35 0.68
C HIS E 13 49.93 0.41 1.50
N GLU E 14 49.28 0.94 2.55
CA GLU E 14 48.47 0.14 3.45
C GLU E 14 47.00 0.46 3.21
N PHE E 15 46.25 -0.52 2.75
CA PHE E 15 44.82 -0.38 2.54
C PHE E 15 44.08 -1.03 3.69
N ILE E 16 43.05 -0.37 4.18
CA ILE E 16 42.27 -0.84 5.31
C ILE E 16 40.85 -1.07 4.83
N VAL E 17 40.39 -2.31 4.91
CA VAL E 17 39.08 -2.70 4.41
C VAL E 17 38.39 -3.47 5.51
N LYS E 18 37.06 -3.52 5.43
CA LYS E 18 36.29 -4.35 6.36
C LYS E 18 36.66 -5.82 6.18
N ARG E 19 36.80 -6.53 7.31
CA ARG E 19 37.22 -7.94 7.29
C ARG E 19 36.32 -8.78 6.39
N GLU E 20 35.00 -8.48 6.40
CA GLU E 20 34.04 -9.17 5.54
C GLU E 20 34.38 -8.99 4.05
N HIS E 21 34.57 -7.74 3.62
CA HIS E 21 35.04 -7.45 2.27
C HIS E 21 36.27 -8.28 1.91
N ALA E 22 37.25 -8.33 2.81
CA ALA E 22 38.43 -9.14 2.53
C ALA E 22 38.09 -10.63 2.45
N LEU E 23 37.28 -11.13 3.39
CA LEU E 23 36.95 -12.55 3.43
C LEU E 23 36.08 -12.99 2.25
N THR E 24 35.66 -12.07 1.38
CA THR E 24 35.21 -12.44 0.05
C THR E 24 36.18 -13.43 -0.59
N SER E 25 37.48 -13.17 -0.50
CA SER E 25 38.47 -14.02 -1.11
C SER E 25 38.88 -15.12 -0.14
N GLY E 26 39.01 -16.35 -0.66
CA GLY E 26 39.51 -17.44 0.16
C GLY E 26 41.02 -17.42 0.35
N THR E 27 41.76 -16.90 -0.63
CA THR E 27 43.21 -16.80 -0.51
C THR E 27 43.61 -15.81 0.57
N ILE E 28 42.98 -14.63 0.59
CA ILE E 28 43.26 -13.67 1.66
C ILE E 28 42.82 -14.24 3.00
N LYS E 29 41.71 -14.96 3.04
CA LYS E 29 41.25 -15.53 4.30
C LYS E 29 42.23 -16.55 4.86
N ALA E 30 42.82 -17.39 4.00
CA ALA E 30 43.82 -18.34 4.47
C ALA E 30 45.05 -17.62 5.00
N MET E 31 45.42 -16.50 4.36
CA MET E 31 46.55 -15.70 4.83
C MET E 31 46.21 -14.95 6.11
N LEU E 32 44.91 -14.68 6.32
CA LEU E 32 44.48 -14.01 7.55
C LEU E 32 44.46 -14.98 8.72
N SER E 33 44.00 -16.20 8.50
CA SER E 33 43.82 -17.20 9.54
C SER E 33 44.63 -18.45 9.16
N GLY E 34 45.72 -18.70 9.90
CA GLY E 34 46.65 -19.77 9.60
C GLY E 34 46.06 -21.09 9.16
N THR E 43 47.89 -11.28 12.76
CA THR E 43 46.99 -11.96 11.85
C THR E 43 45.88 -11.02 11.38
N ASN E 44 46.11 -9.71 11.57
CA ASN E 44 45.23 -8.67 11.06
C ASN E 44 45.82 -7.92 9.87
N GLU E 45 46.93 -8.39 9.32
CA GLU E 45 47.59 -7.71 8.23
C GLU E 45 48.13 -8.75 7.25
N VAL E 46 47.81 -8.59 5.97
CA VAL E 46 48.38 -9.42 4.90
C VAL E 46 49.28 -8.53 4.04
N ASN E 47 50.43 -9.08 3.64
CA ASN E 47 51.36 -8.39 2.76
C ASN E 47 51.49 -9.14 1.45
N PHE E 48 51.43 -8.41 0.34
CA PHE E 48 51.46 -8.98 -1.01
C PHE E 48 52.76 -8.53 -1.68
N ARG E 49 53.78 -9.39 -1.61
CA ARG E 49 55.08 -9.07 -2.16
C ARG E 49 55.06 -8.75 -3.66
N GLU E 50 53.96 -9.00 -4.37
CA GLU E 50 53.98 -8.79 -5.81
C GLU E 50 52.77 -8.05 -6.35
N ILE E 51 51.97 -7.42 -5.49
CA ILE E 51 50.80 -6.69 -5.95
C ILE E 51 51.01 -5.20 -5.72
N PRO E 52 51.24 -4.41 -6.78
CA PRO E 52 51.42 -2.96 -6.61
C PRO E 52 50.15 -2.29 -6.08
N SER E 53 50.33 -1.03 -5.62
CA SER E 53 49.22 -0.25 -5.09
C SER E 53 48.22 0.17 -6.16
N HIS E 54 48.63 0.24 -7.44
CA HIS E 54 47.64 0.55 -8.47
C HIS E 54 46.71 -0.62 -8.73
N VAL E 55 47.14 -1.86 -8.50
CA VAL E 55 46.19 -2.95 -8.63
C VAL E 55 45.48 -3.22 -7.31
N LEU E 56 46.18 -3.15 -6.18
CA LEU E 56 45.55 -3.45 -4.90
C LEU E 56 44.47 -2.45 -4.53
N SER E 57 44.62 -1.18 -4.95
CA SER E 57 43.52 -0.24 -4.75
C SER E 57 42.28 -0.69 -5.52
N LYS E 58 42.47 -1.08 -6.78
CA LYS E 58 41.34 -1.56 -7.58
C LYS E 58 40.71 -2.79 -6.95
N VAL E 59 41.53 -3.70 -6.45
CA VAL E 59 41.03 -4.88 -5.75
C VAL E 59 40.12 -4.49 -4.60
N CYS E 60 40.54 -3.52 -3.78
CA CYS E 60 39.67 -3.10 -2.68
C CYS E 60 38.40 -2.44 -3.18
N MET E 61 38.47 -1.72 -4.31
CA MET E 61 37.26 -1.14 -4.91
C MET E 61 36.33 -2.23 -5.44
N TYR E 62 36.88 -3.29 -6.06
CA TYR E 62 36.07 -4.45 -6.41
C TYR E 62 35.34 -4.98 -5.18
N PHE E 63 36.08 -5.21 -4.08
CA PHE E 63 35.45 -5.72 -2.87
C PHE E 63 34.20 -4.94 -2.50
N THR E 64 34.31 -3.62 -2.44
CA THR E 64 33.14 -2.84 -2.04
C THR E 64 32.06 -2.89 -3.12
N TYR E 65 32.46 -2.85 -4.40
CA TYR E 65 31.48 -2.97 -5.49
C TYR E 65 30.70 -4.29 -5.42
N LYS E 66 31.42 -5.39 -5.15
CA LYS E 66 30.80 -6.72 -5.05
C LYS E 66 29.82 -6.81 -3.88
N VAL E 67 30.21 -6.31 -2.70
CA VAL E 67 29.30 -6.25 -1.56
C VAL E 67 28.10 -5.35 -1.83
N ARG E 68 28.28 -4.30 -2.63
CA ARG E 68 27.18 -3.38 -2.83
C ARG E 68 26.12 -3.99 -3.72
N TYR E 69 26.52 -4.60 -4.82
CA TYR E 69 25.57 -4.95 -5.86
C TYR E 69 25.28 -6.44 -5.97
N THR E 70 25.84 -7.27 -5.10
CA THR E 70 25.51 -8.68 -5.09
C THR E 70 24.10 -8.86 -4.54
N ASN E 71 23.23 -9.45 -5.35
CA ASN E 71 21.80 -9.56 -5.03
C ASN E 71 21.19 -8.16 -4.89
N SER E 72 21.17 -7.46 -6.02
CA SER E 72 20.63 -6.10 -6.07
C SER E 72 19.64 -6.07 -7.23
N SER E 73 18.35 -5.93 -6.90
CA SER E 73 17.35 -5.80 -7.94
C SER E 73 17.48 -4.48 -8.68
N THR E 74 18.11 -3.47 -8.07
CA THR E 74 18.46 -2.23 -8.76
C THR E 74 19.38 -2.50 -9.96
N GLU E 75 19.67 -1.45 -10.70
CA GLU E 75 20.57 -1.60 -11.83
C GLU E 75 22.01 -1.57 -11.34
N ILE E 76 22.84 -2.38 -11.96
CA ILE E 76 24.24 -2.60 -11.60
C ILE E 76 25.13 -1.92 -12.63
N PRO E 77 26.08 -1.07 -12.24
CA PRO E 77 26.98 -0.45 -13.22
C PRO E 77 28.17 -1.36 -13.52
N GLU E 78 28.80 -1.08 -14.67
CA GLU E 78 29.98 -1.83 -15.07
C GLU E 78 31.11 -1.56 -14.09
N PHE E 79 31.90 -2.58 -13.78
CA PHE E 79 33.12 -2.34 -13.03
C PHE E 79 34.19 -1.82 -13.98
N PRO E 80 34.66 -0.57 -13.81
CA PRO E 80 35.60 0.00 -14.77
C PRO E 80 37.01 -0.51 -14.54
N ILE E 81 37.69 -0.88 -15.63
CA ILE E 81 39.10 -1.31 -15.60
C ILE E 81 39.84 -0.56 -16.69
N ALA E 82 40.78 0.30 -16.28
CA ALA E 82 41.64 0.98 -17.22
C ALA E 82 42.50 -0.01 -17.99
N PRO E 83 42.68 0.17 -19.31
CA PRO E 83 43.44 -0.82 -20.10
C PRO E 83 44.87 -1.03 -19.63
N GLU E 84 45.47 -0.03 -18.99
CA GLU E 84 46.84 -0.18 -18.49
C GLU E 84 46.89 -1.08 -17.26
N ILE E 85 45.79 -1.16 -16.52
CA ILE E 85 45.75 -1.95 -15.29
C ILE E 85 45.28 -3.37 -15.56
N ALA E 86 44.66 -3.62 -16.72
CA ALA E 86 43.96 -4.87 -16.98
C ALA E 86 44.88 -6.08 -16.77
N LEU E 87 46.04 -6.08 -17.43
CA LEU E 87 46.86 -7.30 -17.46
C LEU E 87 47.34 -7.69 -16.06
N GLU E 88 47.79 -6.72 -15.27
CA GLU E 88 48.18 -7.03 -13.90
C GLU E 88 46.97 -7.42 -13.08
N LEU E 89 45.93 -6.58 -13.09
CA LEU E 89 44.73 -6.87 -12.31
C LEU E 89 44.26 -8.29 -12.57
N LEU E 90 44.28 -8.73 -13.84
CA LEU E 90 43.99 -10.11 -14.17
C LEU E 90 44.79 -11.05 -13.28
N MET E 91 46.13 -10.95 -13.36
CA MET E 91 46.99 -11.89 -12.63
C MET E 91 46.71 -11.88 -11.13
N ALA E 92 46.50 -10.69 -10.56
CA ALA E 92 46.19 -10.64 -9.13
C ALA E 92 44.86 -11.33 -8.84
N ALA E 93 43.89 -11.20 -9.73
CA ALA E 93 42.61 -11.85 -9.52
C ALA E 93 42.69 -13.34 -9.77
N ASN E 94 43.61 -13.76 -10.64
CA ASN E 94 43.83 -15.17 -10.86
C ASN E 94 44.40 -15.82 -9.61
N PHE E 95 45.30 -15.09 -8.95
CA PHE E 95 46.00 -15.59 -7.76
C PHE E 95 45.11 -15.56 -6.53
N LEU E 96 44.26 -14.52 -6.40
CA LEU E 96 43.37 -14.38 -5.26
C LEU E 96 42.04 -15.13 -5.41
N ASP E 97 41.76 -15.71 -6.59
CA ASP E 97 40.44 -16.28 -6.88
C ASP E 97 39.31 -15.27 -6.66
N CYS E 98 39.57 -14.02 -7.07
CA CYS E 98 38.68 -12.84 -6.91
C CYS E 98 37.60 -12.82 -8.04
N VAL F 29 17.26 -31.31 -23.22
CA VAL F 29 16.74 -31.27 -21.85
C VAL F 29 16.19 -29.89 -21.47
N LEU F 30 16.84 -28.83 -21.95
CA LEU F 30 16.37 -27.45 -21.77
C LEU F 30 15.71 -27.01 -23.07
N ARG F 31 14.38 -27.04 -23.12
CA ARG F 31 13.65 -26.64 -24.30
C ARG F 31 12.42 -25.82 -23.90
N SER F 32 11.88 -25.09 -24.86
CA SER F 32 10.59 -24.44 -24.64
C SER F 32 9.48 -25.48 -24.73
N VAL F 33 8.38 -25.18 -24.06
CA VAL F 33 7.17 -25.99 -24.13
C VAL F 33 6.26 -25.41 -25.19
N ASN F 34 5.69 -26.29 -26.02
CA ASN F 34 4.70 -25.85 -27.01
C ASN F 34 3.34 -25.66 -26.33
N SER F 35 3.31 -24.68 -25.43
CA SER F 35 2.09 -24.43 -24.66
C SER F 35 0.99 -23.85 -25.51
N ARG F 36 1.35 -23.02 -26.49
CA ARG F 36 0.40 -22.20 -27.23
C ARG F 36 -0.47 -21.37 -26.28
N GLU F 37 0.10 -20.93 -25.14
CA GLU F 37 -0.61 -20.02 -24.24
C GLU F 37 0.10 -18.67 -24.26
N PRO F 38 -0.47 -17.63 -24.90
CA PRO F 38 0.26 -16.37 -25.08
C PRO F 38 0.54 -15.63 -23.77
N SER F 39 1.76 -15.09 -23.67
CA SER F 39 2.23 -14.32 -22.53
C SER F 39 2.94 -13.09 -23.06
N GLN F 40 2.49 -11.92 -22.61
CA GLN F 40 3.00 -10.65 -23.09
C GLN F 40 4.16 -10.20 -22.21
N VAL F 41 5.29 -9.91 -22.85
CA VAL F 41 6.56 -9.70 -22.16
C VAL F 41 7.22 -8.43 -22.69
N ILE F 42 7.91 -7.74 -21.79
CA ILE F 42 8.72 -6.58 -22.14
C ILE F 42 10.18 -6.90 -21.78
N PHE F 43 11.06 -6.83 -22.77
CA PHE F 43 12.51 -6.91 -22.54
C PHE F 43 13.07 -5.55 -22.20
N CAS F 44 13.52 -5.37 -20.96
CA CAS F 44 14.06 -4.08 -20.53
CB CAS F 44 13.34 -3.62 -19.26
C CAS F 44 15.58 -4.19 -20.31
O CAS F 44 16.03 -4.84 -19.36
SG CAS F 44 13.79 -1.97 -18.58
AS CAS F 44 13.17 -0.50 -20.19
CE1 CAS F 44 12.59 1.03 -19.06
CE2 CAS F 44 11.36 -1.20 -20.48
N ASN F 45 16.36 -3.55 -21.18
CA ASN F 45 17.82 -3.62 -21.08
C ASN F 45 18.42 -2.60 -20.08
N ARG F 46 18.53 -2.96 -18.80
CA ARG F 46 19.14 -2.10 -17.77
C ARG F 46 20.63 -2.41 -17.61
N SER F 47 21.36 -2.33 -18.71
CA SER F 47 22.75 -2.73 -18.78
C SER F 47 23.42 -1.84 -19.81
N PRO F 48 24.73 -1.63 -19.70
CA PRO F 48 25.42 -0.82 -20.71
C PRO F 48 25.72 -1.59 -22.00
N ARG F 49 25.49 -2.90 -22.03
CA ARG F 49 25.82 -3.72 -23.19
C ARG F 49 24.66 -3.78 -24.17
N VAL F 50 25.00 -3.99 -25.44
CA VAL F 50 24.01 -4.40 -26.43
C VAL F 50 23.57 -5.82 -26.10
N VAL F 51 22.26 -6.00 -25.92
CA VAL F 51 21.72 -7.29 -25.46
C VAL F 51 21.23 -8.09 -26.66
N LEU F 52 21.67 -9.35 -26.75
CA LEU F 52 21.12 -10.29 -27.70
C LEU F 52 20.13 -11.22 -27.01
N PRO F 53 18.83 -11.11 -27.27
CA PRO F 53 17.89 -12.07 -26.66
C PRO F 53 17.99 -13.40 -27.39
N VAL F 54 17.94 -14.49 -26.62
CA VAL F 54 18.10 -15.82 -27.17
C VAL F 54 16.96 -16.71 -26.67
N TRP F 55 16.17 -17.23 -27.61
CA TRP F 55 15.06 -18.14 -27.34
C TRP F 55 15.50 -19.57 -27.61
N LEU F 56 15.16 -20.47 -26.70
CA LEU F 56 15.47 -21.88 -26.86
C LEU F 56 14.26 -22.56 -27.50
N ASN F 57 14.40 -23.02 -28.74
CA ASN F 57 13.24 -23.56 -29.44
C ASN F 57 12.86 -24.92 -28.83
N PHE F 58 11.92 -25.62 -29.47
CA PHE F 58 11.36 -26.81 -28.87
C PHE F 58 12.29 -28.00 -28.97
N ASP F 59 13.21 -27.98 -29.94
CA ASP F 59 14.28 -28.96 -30.05
C ASP F 59 15.51 -28.58 -29.22
N GLY F 60 15.45 -27.47 -28.49
CA GLY F 60 16.56 -27.03 -27.66
C GLY F 60 17.61 -26.19 -28.35
N GLU F 61 17.36 -25.68 -29.57
CA GLU F 61 18.46 -24.92 -30.19
C GLU F 61 18.30 -23.43 -29.93
N PRO F 62 19.35 -22.76 -29.46
CA PRO F 62 19.25 -21.30 -29.27
C PRO F 62 18.92 -20.60 -30.59
N GLN F 63 17.90 -19.74 -30.55
CA GLN F 63 17.53 -18.89 -31.68
C GLN F 63 17.73 -17.43 -31.30
N PRO F 64 18.54 -16.66 -32.00
CA PRO F 64 18.74 -15.25 -31.67
C PRO F 64 17.62 -14.36 -32.18
N TYR F 65 17.40 -13.26 -31.45
CA TYR F 65 16.39 -12.25 -31.77
C TYR F 65 17.06 -10.91 -32.00
N PRO F 66 16.36 -9.93 -32.60
CA PRO F 66 17.01 -8.64 -32.88
C PRO F 66 17.49 -7.97 -31.59
N THR F 67 18.66 -7.34 -31.67
CA THR F 67 19.37 -6.84 -30.48
C THR F 67 18.62 -5.68 -29.83
N LEU F 68 18.78 -5.57 -28.51
CA LEU F 68 18.30 -4.41 -27.77
C LEU F 68 19.47 -3.51 -27.45
N PRO F 69 19.45 -2.26 -27.92
CA PRO F 69 20.51 -1.30 -27.54
C PRO F 69 20.44 -0.98 -26.06
N PRO F 70 21.52 -0.49 -25.48
CA PRO F 70 21.52 -0.18 -24.03
C PRO F 70 20.35 0.71 -23.62
N GLY F 71 19.70 0.36 -22.51
CA GLY F 71 18.68 1.22 -21.91
C GLY F 71 17.46 1.44 -22.77
N THR F 72 17.03 0.42 -23.51
CA THR F 72 15.87 0.46 -24.38
C THR F 72 14.93 -0.68 -24.02
N GLY F 73 13.77 -0.68 -24.67
CA GLY F 73 12.77 -1.68 -24.42
C GLY F 73 12.25 -2.24 -25.73
N ARG F 74 11.54 -3.36 -25.60
CA ARG F 74 10.85 -3.94 -26.74
C ARG F 74 9.73 -4.81 -26.20
N ARG F 75 8.51 -4.53 -26.63
CA ARG F 75 7.38 -5.39 -26.34
C ARG F 75 7.54 -6.65 -27.17
N ILE F 76 7.37 -7.84 -26.55
CA ILE F 76 7.52 -9.10 -27.28
C ILE F 76 6.35 -10.02 -26.96
N HIS F 77 5.96 -10.83 -27.95
CA HIS F 77 4.86 -11.80 -27.81
C HIS F 77 5.49 -13.18 -27.61
N SER F 78 5.31 -13.74 -26.42
CA SER F 78 5.86 -15.06 -26.13
C SER F 78 4.73 -15.95 -25.64
N TYR F 79 5.10 -17.00 -24.92
CA TYR F 79 4.19 -18.05 -24.53
C TYR F 79 4.63 -18.61 -23.20
N ARG F 80 3.65 -19.04 -22.40
CA ARG F 80 3.97 -19.60 -21.10
C ARG F 80 4.87 -20.81 -21.30
N GLY F 81 5.93 -20.88 -20.52
CA GLY F 81 6.82 -22.00 -20.57
C GLY F 81 7.93 -21.92 -21.61
N HIS F 82 8.01 -20.85 -22.37
CA HIS F 82 9.18 -20.71 -23.23
C HIS F 82 10.37 -20.26 -22.38
N LEU F 83 11.57 -20.47 -22.94
CA LEU F 83 12.82 -20.28 -22.22
C LEU F 83 13.67 -19.27 -22.98
N TRP F 84 14.10 -18.22 -22.27
CA TRP F 84 14.91 -17.15 -22.85
C TRP F 84 16.18 -16.97 -22.04
N LEU F 85 17.26 -16.55 -22.71
CA LEU F 85 18.47 -16.09 -22.03
C LEU F 85 18.98 -14.87 -22.78
N PHE F 86 19.98 -14.20 -22.21
CA PHE F 86 20.41 -12.91 -22.72
C PHE F 86 21.91 -12.77 -22.61
N ARG F 87 22.53 -12.28 -23.68
CA ARG F 87 23.97 -12.20 -23.79
C ARG F 87 24.33 -10.83 -24.35
N ASP F 88 25.49 -10.32 -23.96
CA ASP F 88 26.13 -9.24 -24.69
C ASP F 88 26.23 -9.62 -26.17
N ALA F 89 25.72 -8.74 -27.05
CA ALA F 89 25.58 -9.11 -28.46
C ALA F 89 26.93 -9.32 -29.13
N GLY F 90 27.95 -8.57 -28.71
CA GLY F 90 29.25 -8.63 -29.33
C GLY F 90 30.16 -9.69 -28.75
N THR F 91 30.23 -9.77 -27.42
CA THR F 91 31.16 -10.68 -26.74
C THR F 91 30.53 -11.97 -26.25
N HIS F 92 29.20 -12.09 -26.27
CA HIS F 92 28.47 -13.23 -25.73
C HIS F 92 28.69 -13.44 -24.23
N ASP F 93 29.29 -12.48 -23.52
CA ASP F 93 29.26 -12.47 -22.06
C ASP F 93 27.86 -12.77 -21.55
N GLY F 94 27.76 -13.35 -20.36
CA GLY F 94 26.47 -13.74 -19.84
C GLY F 94 25.84 -12.58 -19.08
N LEU F 95 24.53 -12.42 -19.26
CA LEU F 95 23.74 -11.40 -18.58
C LEU F 95 22.65 -12.06 -17.75
N LEU F 96 22.07 -11.25 -16.88
CA LEU F 96 21.04 -11.71 -15.97
C LEU F 96 19.70 -11.12 -16.39
N VAL F 97 18.65 -11.90 -16.18
CA VAL F 97 17.29 -11.47 -16.45
C VAL F 97 16.49 -11.73 -15.18
N ASN F 98 16.01 -10.64 -14.55
CA ASN F 98 15.38 -10.68 -13.24
C ASN F 98 16.21 -11.46 -12.23
N GLN F 99 17.49 -11.07 -12.08
CA GLN F 99 18.46 -11.66 -11.15
C GLN F 99 18.82 -13.11 -11.46
N THR F 100 18.43 -13.68 -12.59
CA THR F 100 18.73 -15.08 -12.86
C THR F 100 19.16 -15.25 -14.30
N GLU F 101 19.47 -16.49 -14.65
CA GLU F 101 20.03 -16.76 -15.97
C GLU F 101 18.95 -17.04 -17.00
N LEU F 102 17.84 -17.65 -16.60
CA LEU F 102 16.81 -18.01 -17.57
C LEU F 102 15.52 -17.28 -17.22
N PHE F 103 14.78 -16.90 -18.27
CA PHE F 103 13.51 -16.20 -18.19
C PHE F 103 12.42 -17.07 -18.79
N VAL F 104 11.43 -17.42 -17.98
CA VAL F 104 10.24 -18.16 -18.40
C VAL F 104 9.04 -17.21 -18.31
N PRO F 105 8.50 -16.71 -19.45
CA PRO F 105 7.22 -15.97 -19.41
C PRO F 105 6.21 -16.66 -18.51
N SER F 106 5.49 -15.88 -17.73
CA SER F 106 4.45 -16.37 -16.83
C SER F 106 3.09 -15.81 -17.24
N LEU F 107 2.08 -16.16 -16.46
CA LEU F 107 0.75 -15.62 -16.70
C LEU F 107 0.77 -14.11 -16.54
N ASN F 108 -0.03 -13.42 -17.37
CA ASN F 108 -0.21 -11.97 -17.27
C ASN F 108 -1.43 -11.69 -16.40
N VAL F 109 -1.21 -11.17 -15.20
CA VAL F 109 -2.32 -10.87 -14.29
C VAL F 109 -2.83 -9.46 -14.57
N ASP F 110 -4.17 -9.33 -14.58
CA ASP F 110 -4.84 -8.08 -14.95
C ASP F 110 -4.34 -7.58 -16.31
N GLY F 111 -3.96 -8.51 -17.20
CA GLY F 111 -3.43 -8.20 -18.51
C GLY F 111 -2.05 -7.58 -18.55
N GLN F 112 -1.40 -7.37 -17.39
CA GLN F 112 -0.12 -6.63 -17.35
C GLN F 112 1.01 -7.45 -17.97
N PRO F 113 1.85 -6.85 -18.83
CA PRO F 113 2.94 -7.62 -19.44
C PRO F 113 4.03 -7.90 -18.41
N ILE F 114 4.63 -9.09 -18.52
CA ILE F 114 5.75 -9.41 -17.64
C ILE F 114 6.93 -8.52 -17.99
N PHE F 115 7.67 -8.09 -16.99
CA PHE F 115 8.94 -7.41 -17.22
C PHE F 115 10.08 -8.42 -17.09
N ALA F 116 10.92 -8.45 -18.11
CA ALA F 116 12.19 -9.16 -18.11
C ALA F 116 13.27 -8.09 -17.98
N ASN F 117 13.77 -7.90 -16.75
CA ASN F 117 14.77 -6.86 -16.49
C ASN F 117 16.15 -7.45 -16.70
N ILE F 118 16.81 -7.01 -17.77
CA ILE F 118 18.10 -7.55 -18.16
C ILE F 118 19.18 -6.67 -17.57
N THR F 119 20.03 -7.23 -16.69
CA THR F 119 21.08 -6.46 -16.03
C THR F 119 22.43 -7.14 -16.18
N LEU F 120 23.48 -6.39 -15.85
CA LEU F 120 24.77 -7.01 -15.66
C LEU F 120 24.74 -7.86 -14.40
N PRO F 121 25.36 -9.04 -14.43
CA PRO F 121 25.71 -9.73 -13.18
C PRO F 121 26.89 -9.04 -12.52
N VAL F 122 27.20 -9.46 -11.29
CA VAL F 122 28.46 -9.09 -10.64
C VAL F 122 29.50 -10.12 -11.08
N TYR F 123 30.15 -9.83 -12.20
CA TYR F 123 31.21 -10.69 -12.71
C TYR F 123 32.30 -10.88 -11.67
N THR F 124 32.97 -12.04 -11.71
CA THR F 124 34.18 -12.16 -10.92
C THR F 124 35.16 -11.11 -11.40
N LEU F 125 36.04 -10.67 -10.50
CA LEU F 125 37.13 -9.80 -10.93
C LEU F 125 37.95 -10.45 -12.02
N LYS F 126 38.11 -11.78 -11.98
CA LYS F 126 38.86 -12.45 -13.03
C LYS F 126 38.14 -12.36 -14.37
N GLU F 127 36.85 -12.74 -14.43
CA GLU F 127 36.16 -12.67 -15.72
C GLU F 127 36.11 -11.23 -16.24
N ARG F 128 36.03 -10.25 -15.33
CA ARG F 128 35.96 -8.87 -15.79
C ARG F 128 37.26 -8.46 -16.50
N CYS F 129 38.41 -8.98 -16.03
CA CYS F 129 39.70 -8.70 -16.69
C CYS F 129 39.85 -9.45 -18.00
N LEU F 130 39.37 -10.68 -18.05
CA LEU F 130 39.38 -11.39 -19.32
C LEU F 130 38.47 -10.68 -20.29
N GLN F 131 37.43 -10.04 -19.80
CA GLN F 131 36.55 -9.28 -20.68
C GLN F 131 37.29 -8.08 -21.26
N VAL F 132 38.00 -7.35 -20.40
CA VAL F 132 38.68 -6.15 -20.86
C VAL F 132 39.83 -6.51 -21.77
N VAL F 133 40.62 -7.52 -21.39
CA VAL F 133 41.78 -7.89 -22.18
C VAL F 133 41.35 -8.45 -23.53
N ARG F 134 40.33 -9.31 -23.56
CA ARG F 134 39.82 -9.82 -24.83
C ARG F 134 39.47 -8.70 -25.78
N SER F 135 38.85 -7.64 -25.26
CA SER F 135 38.48 -6.50 -26.10
C SER F 135 39.72 -5.79 -26.67
N LEU F 136 40.80 -5.73 -25.90
CA LEU F 136 41.97 -4.96 -26.30
C LEU F 136 42.92 -5.72 -27.22
N VAL F 137 42.87 -7.05 -27.25
CA VAL F 137 43.82 -7.86 -27.99
C VAL F 137 43.08 -8.80 -28.93
N LYS F 138 43.45 -8.78 -30.21
CA LYS F 138 42.88 -9.73 -31.16
C LYS F 138 43.26 -11.13 -30.73
N PRO F 139 42.39 -12.11 -30.93
CA PRO F 139 42.70 -13.48 -30.50
C PRO F 139 43.97 -14.03 -31.14
N GLU F 140 44.30 -13.58 -32.35
CA GLU F 140 45.54 -13.99 -32.99
C GLU F 140 46.75 -13.65 -32.13
N ASN F 141 46.70 -12.54 -31.40
CA ASN F 141 47.85 -12.08 -30.62
C ASN F 141 47.69 -12.30 -29.11
N TYR F 142 46.73 -13.14 -28.67
CA TYR F 142 46.57 -13.41 -27.25
C TYR F 142 47.86 -13.95 -26.65
N ARG F 143 48.39 -15.01 -27.26
CA ARG F 143 49.63 -15.62 -26.76
C ARG F 143 50.80 -14.63 -26.75
N ARG F 144 50.75 -13.57 -27.57
CA ARG F 144 51.81 -12.57 -27.57
C ARG F 144 51.84 -11.76 -26.27
N LEU F 145 50.76 -11.82 -25.47
CA LEU F 145 50.78 -11.21 -24.15
C LEU F 145 51.69 -12.00 -23.22
N ASP F 146 52.31 -11.31 -22.26
CA ASP F 146 53.23 -11.96 -21.33
C ASP F 146 52.54 -12.13 -19.99
N ILE F 147 51.95 -13.31 -19.80
CA ILE F 147 51.25 -13.72 -18.59
C ILE F 147 51.40 -15.23 -18.48
N VAL F 148 50.99 -15.78 -17.33
CA VAL F 148 51.11 -17.22 -17.11
C VAL F 148 50.31 -17.98 -18.18
N ARG F 149 50.78 -19.17 -18.55
CA ARG F 149 50.14 -19.91 -19.62
C ARG F 149 48.73 -20.34 -19.26
N SER F 150 48.42 -20.49 -17.96
CA SER F 150 47.04 -20.73 -17.52
C SER F 150 46.10 -19.70 -18.12
N LEU F 151 46.38 -18.41 -17.85
CA LEU F 151 45.51 -17.32 -18.30
C LEU F 151 45.34 -17.33 -19.81
N TYR F 152 46.39 -17.71 -20.54
CA TYR F 152 46.29 -17.87 -21.99
C TYR F 152 45.06 -18.69 -22.36
N GLU F 153 44.83 -19.81 -21.66
CA GLU F 153 43.72 -20.68 -22.01
C GLU F 153 42.37 -20.12 -21.54
N ASP F 154 42.36 -19.34 -20.45
CA ASP F 154 41.12 -18.72 -19.98
C ASP F 154 40.65 -17.62 -20.94
N LEU F 155 41.59 -16.85 -21.49
CA LEU F 155 41.23 -15.86 -22.51
C LEU F 155 40.58 -16.51 -23.72
N GLU F 156 41.06 -17.69 -24.11
CA GLU F 156 40.55 -18.34 -25.31
C GLU F 156 39.22 -19.04 -25.07
N ASP F 157 38.81 -19.21 -23.81
CA ASP F 157 37.53 -19.82 -23.48
C ASP F 157 36.44 -18.74 -23.54
N HIS F 158 36.20 -18.29 -24.77
CA HIS F 158 35.25 -17.22 -25.01
C HIS F 158 33.87 -17.63 -24.53
N PRO F 159 33.16 -16.78 -23.80
CA PRO F 159 31.80 -17.10 -23.39
C PRO F 159 30.99 -17.55 -24.59
N ASN F 160 30.23 -18.63 -24.41
CA ASN F 160 29.50 -19.22 -25.52
C ASN F 160 28.22 -19.83 -24.97
N VAL F 161 27.12 -19.63 -25.69
CA VAL F 161 25.82 -20.00 -25.14
C VAL F 161 25.68 -21.52 -25.06
N GLN F 162 26.11 -22.25 -26.10
CA GLN F 162 25.93 -23.70 -26.07
C GLN F 162 26.71 -24.34 -24.93
N LYS F 163 27.84 -23.73 -24.53
CA LYS F 163 28.58 -24.20 -23.35
C LYS F 163 27.76 -24.02 -22.08
N ASP F 164 27.28 -22.79 -21.82
CA ASP F 164 26.45 -22.56 -20.64
C ASP F 164 25.23 -23.47 -20.63
N LEU F 165 24.66 -23.75 -21.81
CA LEU F 165 23.47 -24.60 -21.88
C LEU F 165 23.76 -25.99 -21.35
N GLU F 166 24.87 -26.60 -21.82
CA GLU F 166 25.29 -27.90 -21.31
C GLU F 166 25.58 -27.82 -19.82
N ARG F 167 26.22 -26.73 -19.36
CA ARG F 167 26.37 -26.51 -17.93
C ARG F 167 25.01 -26.53 -17.24
N LEU F 168 24.14 -25.55 -17.56
CA LEU F 168 22.81 -25.47 -16.94
C LEU F 168 22.03 -26.76 -17.06
N THR F 169 22.10 -27.43 -18.23
CA THR F 169 21.48 -28.75 -18.34
C THR F 169 22.12 -29.75 -17.38
N GLN F 170 23.46 -29.78 -17.32
CA GLN F 170 24.13 -30.70 -16.39
C GLN F 170 23.78 -30.39 -14.94
N GLU F 171 23.59 -29.11 -14.60
CA GLU F 171 23.23 -28.73 -13.23
C GLU F 171 21.83 -29.21 -12.84
N ARG F 172 20.96 -29.53 -13.81
CA ARG F 172 19.60 -29.97 -13.51
C ARG F 172 19.43 -31.48 -13.75
N MET G 1 -16.24 26.02 -19.46
CA MET G 1 -15.81 24.69 -19.90
C MET G 1 -14.37 24.37 -19.42
N ASP G 2 -13.99 23.10 -19.53
CA ASP G 2 -12.65 22.68 -19.14
C ASP G 2 -11.62 23.19 -20.15
N VAL G 3 -10.40 23.34 -19.68
CA VAL G 3 -9.31 23.90 -20.47
C VAL G 3 -8.08 23.03 -20.24
N PHE G 4 -7.23 22.94 -21.26
CA PHE G 4 -6.17 21.94 -21.27
C PHE G 4 -4.84 22.60 -21.61
N LEU G 5 -3.90 22.53 -20.67
CA LEU G 5 -2.73 23.41 -20.62
C LEU G 5 -1.43 22.65 -20.53
N MET G 6 -0.39 23.27 -21.05
CA MET G 6 1.00 22.89 -20.83
C MET G 6 1.68 24.02 -20.06
N ILE G 7 2.18 23.70 -18.87
CA ILE G 7 3.02 24.64 -18.13
C ILE G 7 4.47 24.25 -18.38
N ARG G 8 5.28 25.24 -18.80
CA ARG G 8 6.61 24.94 -19.32
C ARG G 8 7.68 25.89 -18.77
N ARG G 9 8.80 25.31 -18.33
CA ARG G 9 9.97 26.05 -17.88
C ARG G 9 11.21 25.21 -18.16
N HIS G 10 12.13 25.75 -18.97
CA HIS G 10 13.40 25.10 -19.31
C HIS G 10 13.07 23.81 -20.06
N LYS G 11 13.41 22.64 -19.55
CA LYS G 11 12.98 21.39 -20.15
C LYS G 11 11.79 20.76 -19.44
N THR G 12 11.33 21.38 -18.34
CA THR G 12 10.19 20.91 -17.57
C THR G 12 8.87 21.31 -18.25
N THR G 13 7.97 20.33 -18.38
CA THR G 13 6.67 20.53 -19.03
C THR G 13 5.61 19.81 -18.21
N ILE G 14 4.62 20.55 -17.73
CA ILE G 14 3.50 20.00 -16.97
C ILE G 14 2.31 19.93 -17.88
N PHE G 15 1.66 18.76 -17.94
CA PHE G 15 0.33 18.60 -18.53
C PHE G 15 -0.69 18.54 -17.40
N THR G 16 -1.64 19.47 -17.41
CA THR G 16 -2.76 19.48 -16.47
C THR G 16 -3.92 20.25 -17.06
N ASP G 17 -5.07 20.15 -16.40
CA ASP G 17 -6.30 20.74 -16.87
C ASP G 17 -6.87 21.62 -15.77
N ALA G 18 -7.85 22.44 -16.14
CA ALA G 18 -8.43 23.44 -15.24
C ALA G 18 -9.78 23.86 -15.81
N LYS G 19 -10.56 24.53 -14.98
CA LYS G 19 -11.79 25.13 -15.43
C LYS G 19 -11.49 26.54 -15.93
N GLU G 20 -12.29 26.99 -16.91
CA GLU G 20 -12.07 28.30 -17.51
C GLU G 20 -12.13 29.42 -16.49
N SER G 21 -12.89 29.23 -15.40
CA SER G 21 -13.08 30.23 -14.36
C SER G 21 -12.05 30.13 -13.24
N SER G 22 -11.05 29.26 -13.37
CA SER G 22 -10.02 29.14 -12.34
C SER G 22 -9.06 30.33 -12.39
N THR G 23 -8.58 30.74 -11.22
CA THR G 23 -7.69 31.88 -11.11
C THR G 23 -6.27 31.46 -11.45
N VAL G 24 -5.43 32.46 -11.73
CA VAL G 24 -4.01 32.20 -11.97
C VAL G 24 -3.34 31.69 -10.69
N PHE G 25 -3.78 32.19 -9.53
CA PHE G 25 -3.27 31.68 -8.26
C PHE G 25 -3.67 30.22 -8.05
N GLU G 26 -4.91 29.86 -8.42
CA GLU G 26 -5.34 28.47 -8.31
C GLU G 26 -4.42 27.54 -9.11
N LEU G 27 -3.92 28.04 -10.25
CA LEU G 27 -2.95 27.33 -11.07
C LEU G 27 -1.56 27.33 -10.43
N LYS G 28 -1.19 28.44 -9.78
CA LYS G 28 0.07 28.47 -9.03
C LYS G 28 0.02 27.49 -7.86
N ARG G 29 -1.17 27.30 -7.27
CA ARG G 29 -1.36 26.25 -6.27
C ARG G 29 -1.04 24.88 -6.86
N ILE G 30 -1.41 24.64 -8.13
CA ILE G 30 -1.18 23.33 -8.74
C ILE G 30 0.31 23.09 -8.98
N VAL G 31 1.05 24.14 -9.38
CA VAL G 31 2.49 23.98 -9.59
C VAL G 31 3.20 23.67 -8.28
N GLU G 32 2.76 24.34 -7.19
CA GLU G 32 3.31 24.03 -5.87
C GLU G 32 3.20 22.54 -5.56
N GLY G 33 2.15 21.89 -6.05
CA GLY G 33 2.04 20.46 -6.02
C GLY G 33 3.17 19.76 -6.76
N ILE G 34 3.23 19.90 -8.08
CA ILE G 34 4.19 19.11 -8.86
C ILE G 34 5.62 19.51 -8.55
N LEU G 35 5.95 20.79 -8.75
CA LEU G 35 7.33 21.26 -8.73
C LEU G 35 7.72 21.86 -7.39
N LYS G 36 6.83 21.80 -6.39
CA LYS G 36 7.18 22.04 -4.99
C LYS G 36 7.78 23.42 -4.77
N ARG G 37 7.09 24.44 -5.29
CA ARG G 37 7.50 25.85 -5.12
C ARG G 37 6.26 26.69 -4.88
N PRO G 38 6.30 27.61 -3.92
CA PRO G 38 5.11 28.41 -3.56
C PRO G 38 4.84 29.50 -4.59
N PRO G 39 3.57 29.93 -4.73
CA PRO G 39 3.24 30.93 -5.76
C PRO G 39 4.10 32.20 -5.73
N ASP G 40 4.52 32.67 -4.55
CA ASP G 40 5.33 33.89 -4.47
C ASP G 40 6.68 33.75 -5.18
N GLU G 41 7.12 32.53 -5.47
CA GLU G 41 8.36 32.28 -6.19
C GLU G 41 8.09 31.74 -7.59
N GLN G 42 6.87 31.87 -8.09
CA GLN G 42 6.52 31.49 -9.46
C GLN G 42 6.00 32.69 -10.21
N ARG G 43 6.31 32.74 -11.49
CA ARG G 43 5.64 33.67 -12.40
C ARG G 43 5.08 32.88 -13.58
N LEU G 44 3.81 33.10 -13.88
CA LEU G 44 3.15 32.51 -15.02
C LEU G 44 3.04 33.51 -16.17
N TYR G 45 3.29 33.03 -17.38
CA TYR G 45 3.35 33.89 -18.56
C TYR G 45 2.46 33.31 -19.65
N LYS G 46 1.62 34.17 -20.23
CA LYS G 46 0.90 33.85 -21.47
C LYS G 46 1.63 34.56 -22.59
N ASP G 47 2.46 33.83 -23.31
CA ASP G 47 3.48 34.41 -24.17
C ASP G 47 4.31 35.31 -23.25
N ASP G 48 4.57 36.57 -23.61
CA ASP G 48 5.40 37.44 -22.79
C ASP G 48 4.60 38.19 -21.73
N GLN G 49 3.27 38.09 -21.74
CA GLN G 49 2.46 38.81 -20.77
C GLN G 49 2.34 38.03 -19.48
N LEU G 50 2.76 38.66 -18.37
CA LEU G 50 2.62 38.06 -17.04
C LEU G 50 1.16 38.08 -16.59
N LEU G 51 0.72 36.97 -16.00
CA LEU G 51 -0.68 36.77 -15.62
C LEU G 51 -0.91 37.20 -14.19
N ASP G 52 -1.85 38.12 -14.00
CA ASP G 52 -2.26 38.54 -12.65
C ASP G 52 -3.00 37.40 -11.95
N ASP G 53 -2.67 37.20 -10.66
CA ASP G 53 -3.25 36.10 -9.88
C ASP G 53 -4.77 36.17 -9.78
N GLY G 54 -5.35 37.39 -9.77
CA GLY G 54 -6.79 37.52 -9.63
C GLY G 54 -7.57 37.30 -10.91
N LYS G 55 -6.89 37.31 -12.06
CA LYS G 55 -7.56 37.06 -13.34
C LYS G 55 -7.88 35.58 -13.51
N THR G 56 -8.97 35.32 -14.23
CA THR G 56 -9.36 33.97 -14.64
C THR G 56 -8.60 33.56 -15.90
N LEU G 57 -8.50 32.24 -16.10
CA LEU G 57 -7.89 31.71 -17.31
C LEU G 57 -8.67 32.13 -18.56
N GLY G 58 -10.00 32.20 -18.45
CA GLY G 58 -10.80 32.65 -19.58
C GLY G 58 -10.52 34.09 -19.96
N GLU G 59 -10.52 34.99 -18.97
CA GLU G 59 -10.17 36.39 -19.21
C GLU G 59 -8.80 36.51 -19.82
N CYS G 60 -7.87 35.67 -19.41
CA CYS G 60 -6.53 35.72 -19.97
C CYS G 60 -6.43 34.97 -21.30
N GLY G 61 -7.56 34.60 -21.92
CA GLY G 61 -7.54 34.08 -23.28
C GLY G 61 -7.44 32.58 -23.42
N PHE G 62 -7.55 31.83 -22.33
CA PHE G 62 -7.50 30.37 -22.36
C PHE G 62 -8.94 29.88 -22.45
N THR G 63 -9.32 29.41 -23.63
CA THR G 63 -10.68 29.00 -23.97
C THR G 63 -10.72 27.51 -24.29
N SER G 64 -11.87 26.90 -24.06
CA SER G 64 -12.03 25.48 -24.41
C SER G 64 -11.66 25.24 -25.87
N GLN G 65 -11.84 26.22 -26.76
CA GLN G 65 -11.53 26.03 -28.18
C GLN G 65 -10.08 26.38 -28.54
N THR G 66 -9.35 27.07 -27.68
CA THR G 66 -7.93 27.26 -27.96
C THR G 66 -7.08 26.23 -27.23
N ALA G 67 -7.43 25.89 -25.99
CA ALA G 67 -6.60 25.04 -25.15
C ALA G 67 -7.29 23.70 -24.99
N ARG G 68 -6.92 22.74 -25.83
CA ARG G 68 -7.67 21.52 -26.08
C ARG G 68 -6.85 20.28 -25.71
N PRO G 69 -7.51 19.18 -25.35
CA PRO G 69 -6.73 17.99 -24.97
C PRO G 69 -5.74 17.58 -26.05
N GLN G 70 -6.18 17.48 -27.31
CA GLN G 70 -5.28 17.13 -28.40
C GLN G 70 -4.25 18.22 -28.72
N ALA G 71 -4.47 19.45 -28.22
CA ALA G 71 -3.57 20.56 -28.53
C ALA G 71 -3.65 21.60 -27.42
N PRO G 72 -2.92 21.42 -26.34
CA PRO G 72 -3.07 22.29 -25.17
C PRO G 72 -2.31 23.61 -25.31
N ALA G 73 -2.77 24.60 -24.54
CA ALA G 73 -2.15 25.91 -24.54
C ALA G 73 -0.94 25.95 -23.63
N THR G 74 0.10 26.67 -24.06
CA THR G 74 1.32 26.78 -23.28
C THR G 74 1.21 27.92 -22.28
N VAL G 75 1.66 27.67 -21.06
CA VAL G 75 1.79 28.70 -20.03
C VAL G 75 3.24 28.72 -19.58
N GLY G 76 3.87 29.89 -19.67
CA GLY G 76 5.25 30.02 -19.22
C GLY G 76 5.35 30.03 -17.71
N LEU G 77 6.51 29.59 -17.23
CA LEU G 77 6.78 29.42 -15.81
C LEU G 77 8.17 29.94 -15.52
N ALA G 78 8.25 30.86 -14.56
CA ALA G 78 9.51 31.41 -14.09
C ALA G 78 9.57 31.27 -12.57
N PHE G 79 10.65 30.65 -12.10
CA PHE G 79 10.90 30.48 -10.67
C PHE G 79 11.80 31.60 -10.15
N ARG G 80 11.54 32.03 -8.92
CA ARG G 80 12.43 32.94 -8.21
C ARG G 80 13.52 32.14 -7.51
N ALA G 81 14.77 32.47 -7.82
CA ALA G 81 15.94 31.90 -7.17
C ALA G 81 16.65 33.00 -6.39
N ASP G 82 16.81 32.78 -5.07
CA ASP G 82 17.43 33.72 -4.14
C ASP G 82 16.63 35.03 -4.17
N ASP G 83 17.23 36.17 -4.52
CA ASP G 83 16.57 37.46 -4.45
C ASP G 83 15.79 37.82 -5.71
N THR G 84 16.10 37.19 -6.85
CA THR G 84 15.64 37.65 -8.15
C THR G 84 14.87 36.56 -8.89
N PHE G 85 13.78 36.96 -9.53
CA PHE G 85 13.01 36.07 -10.39
C PHE G 85 13.78 35.76 -11.66
N GLU G 86 13.67 34.52 -12.13
CA GLU G 86 14.41 34.20 -13.35
C GLU G 86 13.66 34.74 -14.57
N ALA G 87 14.38 34.88 -15.67
CA ALA G 87 13.74 35.21 -16.94
C ALA G 87 13.06 33.97 -17.51
N LEU G 88 11.86 34.16 -18.05
CA LEU G 88 11.09 33.10 -18.66
C LEU G 88 11.90 32.45 -19.79
N CAS G 89 12.32 31.21 -19.58
CA CAS G 89 13.03 30.44 -20.59
CB CAS G 89 14.49 30.22 -20.17
C CAS G 89 12.35 29.09 -20.86
O CAS G 89 12.24 28.24 -19.99
SG CAS G 89 15.38 28.83 -20.99
AS CAS G 89 15.88 29.64 -23.02
CE1 CAS G 89 16.22 27.90 -23.88
CE2 CAS G 89 17.77 30.17 -22.76
N ILE G 90 11.88 28.89 -22.09
CA ILE G 90 11.26 27.63 -22.42
C ILE G 90 12.08 26.91 -23.51
N GLU G 91 12.65 25.75 -23.19
CA GLU G 91 13.52 25.05 -24.15
C GLU G 91 12.67 24.37 -25.22
N PRO G 92 12.95 24.58 -26.49
CA PRO G 92 12.14 23.95 -27.53
C PRO G 92 12.40 22.45 -27.61
N PHE G 93 11.38 21.73 -28.02
CA PHE G 93 11.49 20.29 -28.23
C PHE G 93 12.41 20.00 -29.41
N SER G 94 12.74 18.73 -29.54
CA SER G 94 13.63 18.28 -30.60
C SER G 94 13.12 18.75 -31.96
N SER G 95 14.02 18.98 -32.87
CA SER G 95 13.64 19.20 -34.24
C SER G 95 13.27 17.86 -34.88
N PRO G 96 12.12 17.76 -35.53
CA PRO G 96 11.88 16.57 -36.36
C PRO G 96 12.85 16.52 -37.51
N PRO G 97 13.30 15.33 -37.91
CA PRO G 97 14.15 15.23 -39.09
C PRO G 97 13.43 15.71 -40.34
N GLU G 98 14.19 15.83 -41.42
CA GLU G 98 13.59 16.15 -42.69
C GLU G 98 12.72 14.99 -43.18
N LEU G 99 11.59 15.32 -43.80
CA LEU G 99 10.69 14.28 -44.28
C LEU G 99 11.43 13.33 -45.21
N PRO G 100 11.34 12.02 -45.00
CA PRO G 100 11.76 11.09 -46.06
C PRO G 100 11.05 11.44 -47.35
N ASP G 101 11.73 11.21 -48.46
CA ASP G 101 11.18 11.59 -49.76
C ASP G 101 9.89 10.82 -50.09
N VAL G 102 9.70 9.64 -49.48
CA VAL G 102 8.49 8.83 -49.69
C VAL G 102 7.25 9.51 -49.11
N MET G 103 7.45 10.69 -48.50
CA MET G 103 6.36 11.56 -48.03
C MET G 103 6.43 12.95 -48.67
N MET H 3 0.32 11.68 -7.59
CA MET H 3 -0.70 11.81 -8.63
C MET H 3 -0.10 12.12 -9.99
N TYR H 4 1.21 12.36 -9.99
CA TYR H 4 1.93 12.73 -11.20
C TYR H 4 3.14 11.84 -11.38
N VAL H 5 3.61 11.75 -12.63
CA VAL H 5 4.76 10.92 -12.98
C VAL H 5 5.57 11.67 -14.04
N LYS H 6 6.84 11.32 -14.15
CA LYS H 6 7.78 12.05 -14.99
C LYS H 6 8.23 11.15 -16.13
N LEU H 7 7.99 11.61 -17.35
CA LEU H 7 8.44 10.95 -18.55
C LEU H 7 9.53 11.82 -19.14
N ILE H 8 10.71 11.24 -19.36
CA ILE H 8 11.87 11.99 -19.82
C ILE H 8 12.24 11.51 -21.21
N SER H 9 12.41 12.46 -22.13
CA SER H 9 12.79 12.11 -23.49
C SER H 9 14.31 11.93 -23.59
N SER H 10 14.72 11.33 -24.71
CA SER H 10 16.14 11.20 -25.02
C SER H 10 16.81 12.57 -25.07
N ASP H 11 16.08 13.60 -25.51
CA ASP H 11 16.52 14.98 -25.51
C ASP H 11 16.72 15.53 -24.10
N GLY H 12 16.34 14.79 -23.07
CA GLY H 12 16.38 15.29 -21.72
C GLY H 12 15.19 16.13 -21.28
N HIS H 13 14.20 16.36 -22.16
CA HIS H 13 12.99 17.06 -21.75
C HIS H 13 12.18 16.22 -20.77
N GLU H 14 11.75 16.83 -19.67
CA GLU H 14 10.94 16.16 -18.64
C GLU H 14 9.49 16.57 -18.76
N PHE H 15 8.62 15.57 -19.01
CA PHE H 15 7.17 15.74 -19.13
C PHE H 15 6.52 15.16 -17.87
N ILE H 16 5.72 15.98 -17.19
CA ILE H 16 5.02 15.58 -15.97
C ILE H 16 3.54 15.47 -16.30
N VAL H 17 2.97 14.28 -16.13
CA VAL H 17 1.58 13.97 -16.48
C VAL H 17 0.90 13.35 -15.25
N LYS H 18 -0.43 13.51 -15.16
CA LYS H 18 -1.15 12.82 -14.10
C LYS H 18 -1.02 11.31 -14.31
N ARG H 19 -0.90 10.56 -13.20
CA ARG H 19 -0.54 9.14 -13.30
C ARG H 19 -1.65 8.32 -13.97
N GLU H 20 -2.90 8.55 -13.54
CA GLU H 20 -4.06 7.94 -14.19
C GLU H 20 -3.98 8.04 -15.71
N HIS H 21 -3.68 9.24 -16.21
CA HIS H 21 -3.53 9.45 -17.65
C HIS H 21 -2.38 8.62 -18.22
N ALA H 22 -1.24 8.57 -17.52
CA ALA H 22 -0.13 7.76 -18.01
C ALA H 22 -0.44 6.26 -18.00
N LEU H 23 -1.43 5.83 -17.20
CA LEU H 23 -1.79 4.42 -17.17
C LEU H 23 -2.48 3.97 -18.46
N THR H 24 -2.85 4.90 -19.33
CA THR H 24 -3.30 4.59 -20.68
C THR H 24 -2.25 3.80 -21.47
N SER H 25 -0.98 3.92 -21.13
CA SER H 25 0.07 3.07 -21.68
C SER H 25 0.20 1.85 -20.76
N GLY H 26 -0.15 0.66 -21.27
CA GLY H 26 0.02 -0.54 -20.47
C GLY H 26 1.45 -0.75 -20.03
N THR H 27 2.39 -0.53 -20.96
CA THR H 27 3.82 -0.54 -20.67
C THR H 27 4.17 0.33 -19.45
N ILE H 28 3.83 1.63 -19.50
CA ILE H 28 4.05 2.52 -18.35
C ILE H 28 3.29 2.04 -17.12
N LYS H 29 2.12 1.41 -17.30
CA LYS H 29 1.34 0.91 -16.17
C LYS H 29 2.12 -0.15 -15.42
N ALA H 30 2.86 -0.99 -16.16
CA ALA H 30 3.68 -2.01 -15.52
C ALA H 30 4.98 -1.42 -14.98
N MET H 31 5.54 -0.38 -15.60
CA MET H 31 6.74 0.26 -15.08
C MET H 31 6.49 0.87 -13.70
N LEU H 32 5.39 1.61 -13.55
CA LEU H 32 5.06 2.20 -12.25
C LEU H 32 4.87 1.15 -11.18
N SER H 33 4.32 -0.01 -11.54
CA SER H 33 4.12 -1.10 -10.58
C SER H 33 4.91 -2.34 -10.99
N GLY H 34 6.24 -2.24 -10.96
CA GLY H 34 7.11 -3.36 -11.33
C GLY H 34 8.53 -3.23 -10.83
N THR H 43 6.95 3.95 -8.67
CA THR H 43 8.06 4.43 -9.50
C THR H 43 7.68 5.74 -10.19
N ASN H 44 8.11 6.88 -9.63
CA ASN H 44 7.62 8.16 -10.11
C ASN H 44 8.24 8.56 -11.46
N GLU H 45 9.47 8.11 -11.74
CA GLU H 45 10.21 8.54 -12.92
C GLU H 45 10.38 7.37 -13.89
N VAL H 46 10.06 7.62 -15.16
CA VAL H 46 10.28 6.67 -16.25
C VAL H 46 11.11 7.38 -17.32
N ASN H 47 12.17 6.73 -17.78
CA ASN H 47 13.12 7.34 -18.71
C ASN H 47 13.10 6.56 -20.01
N PHE H 48 12.93 7.27 -21.13
CA PHE H 48 12.80 6.65 -22.45
C PHE H 48 13.98 7.13 -23.29
N ARG H 49 15.11 6.45 -23.13
CA ARG H 49 16.30 6.81 -23.89
C ARG H 49 16.08 6.80 -25.42
N GLU H 50 14.92 6.34 -25.89
CA GLU H 50 14.74 6.10 -27.32
C GLU H 50 13.69 7.01 -27.97
N ILE H 51 12.98 7.82 -27.20
CA ILE H 51 11.89 8.63 -27.71
C ILE H 51 12.27 10.11 -27.56
N PRO H 52 12.44 10.84 -28.67
CA PRO H 52 12.85 12.24 -28.56
C PRO H 52 11.69 13.11 -28.06
N SER H 53 12.04 14.34 -27.67
CA SER H 53 11.05 15.22 -27.03
C SER H 53 9.89 15.57 -27.95
N HIS H 54 10.12 15.63 -29.26
CA HIS H 54 9.01 15.93 -30.14
C HIS H 54 8.05 14.75 -30.30
N VAL H 55 8.51 13.52 -30.06
CA VAL H 55 7.56 12.40 -30.05
C VAL H 55 6.85 12.32 -28.72
N LEU H 56 7.61 12.41 -27.62
CA LEU H 56 7.03 12.21 -26.30
C LEU H 56 6.00 13.30 -25.98
N SER H 57 6.16 14.49 -26.57
CA SER H 57 5.19 15.56 -26.31
C SER H 57 3.83 15.23 -26.90
N LYS H 58 3.80 14.79 -28.16
CA LYS H 58 2.53 14.40 -28.76
C LYS H 58 1.92 13.24 -27.99
N VAL H 59 2.76 12.39 -27.40
CA VAL H 59 2.25 11.23 -26.67
C VAL H 59 1.47 11.67 -25.42
N CYS H 60 2.03 12.55 -24.59
CA CYS H 60 1.27 12.99 -23.42
C CYS H 60 -0.02 13.67 -23.83
N MET H 61 -0.04 14.31 -25.00
CA MET H 61 -1.27 14.92 -25.49
C MET H 61 -2.32 13.85 -25.77
N TYR H 62 -1.91 12.76 -26.43
CA TYR H 62 -2.82 11.63 -26.62
C TYR H 62 -3.43 11.16 -25.29
N PHE H 63 -2.64 11.21 -24.22
CA PHE H 63 -3.15 10.76 -22.93
C PHE H 63 -4.28 11.66 -22.45
N THR H 64 -4.16 12.97 -22.66
CA THR H 64 -5.23 13.86 -22.23
C THR H 64 -6.45 13.67 -23.11
N TYR H 65 -6.21 13.43 -24.40
CA TYR H 65 -7.29 13.28 -25.39
C TYR H 65 -8.10 12.01 -25.13
N LYS H 66 -7.42 10.88 -24.95
CA LYS H 66 -8.09 9.60 -24.74
C LYS H 66 -8.87 9.61 -23.43
N VAL H 67 -8.31 10.20 -22.36
CA VAL H 67 -9.03 10.24 -21.09
C VAL H 67 -10.26 11.13 -21.21
N ARG H 68 -10.15 12.24 -21.95
CA ARG H 68 -11.28 13.16 -22.04
C ARG H 68 -12.42 12.55 -22.85
N TYR H 69 -12.10 11.92 -23.99
CA TYR H 69 -13.12 11.62 -24.97
C TYR H 69 -13.60 10.17 -24.94
N THR H 70 -12.91 9.30 -24.21
CA THR H 70 -13.31 7.89 -24.19
C THR H 70 -14.60 7.73 -23.40
N ASN H 71 -15.54 6.97 -23.98
CA ASN H 71 -16.88 6.79 -23.43
C ASN H 71 -17.54 8.16 -23.17
N SER H 72 -17.60 8.97 -24.22
CA SER H 72 -18.34 10.23 -24.18
C SER H 72 -19.24 10.29 -25.40
N SER H 73 -20.44 10.84 -25.22
CA SER H 73 -21.38 11.02 -26.32
C SER H 73 -21.11 12.30 -27.11
N THR H 74 -20.38 13.26 -26.52
CA THR H 74 -19.99 14.47 -27.24
C THR H 74 -19.27 14.12 -28.53
N GLU H 75 -19.42 14.96 -29.55
CA GLU H 75 -18.65 14.80 -30.79
C GLU H 75 -17.16 14.76 -30.46
N ILE H 76 -16.46 13.80 -31.03
CA ILE H 76 -15.05 13.55 -30.72
C ILE H 76 -14.20 14.15 -31.84
N PRO H 77 -13.21 14.99 -31.54
CA PRO H 77 -12.40 15.61 -32.59
C PRO H 77 -11.26 14.71 -33.03
N GLU H 78 -10.68 15.06 -34.17
CA GLU H 78 -9.56 14.30 -34.70
C GLU H 78 -8.31 14.54 -33.84
N PHE H 79 -7.54 13.46 -33.61
CA PHE H 79 -6.25 13.64 -32.96
C PHE H 79 -5.21 13.99 -34.00
N PRO H 80 -4.70 15.22 -33.97
CA PRO H 80 -3.77 15.68 -35.01
C PRO H 80 -2.35 15.17 -34.80
N ILE H 81 -1.69 14.93 -35.94
CA ILE H 81 -0.34 14.38 -36.00
C ILE H 81 0.41 14.98 -37.20
N ALA H 82 1.46 15.75 -36.92
CA ALA H 82 2.25 16.39 -37.98
C ALA H 82 2.99 15.35 -38.81
N PRO H 83 3.01 15.49 -40.14
CA PRO H 83 3.62 14.44 -40.99
C PRO H 83 5.03 14.06 -40.57
N GLU H 84 5.79 14.97 -39.94
CA GLU H 84 7.21 14.73 -39.72
C GLU H 84 7.44 13.88 -38.48
N ILE H 85 6.59 14.02 -37.47
CA ILE H 85 6.67 13.15 -36.30
C ILE H 85 5.92 11.84 -36.47
N ALA H 86 5.25 11.64 -37.60
CA ALA H 86 4.38 10.47 -37.73
C ALA H 86 5.16 9.18 -37.57
N LEU H 87 6.22 9.02 -38.39
CA LEU H 87 7.00 7.79 -38.35
C LEU H 87 7.46 7.45 -36.93
N GLU H 88 7.89 8.47 -36.18
CA GLU H 88 8.47 8.21 -34.87
C GLU H 88 7.39 8.12 -33.80
N LEU H 89 6.28 8.82 -33.98
CA LEU H 89 5.14 8.59 -33.11
C LEU H 89 4.68 7.14 -33.20
N LEU H 90 4.67 6.58 -34.42
CA LEU H 90 4.29 5.19 -34.62
C LEU H 90 5.12 4.24 -33.77
N MET H 91 6.46 4.40 -33.79
CA MET H 91 7.32 3.44 -33.08
C MET H 91 7.18 3.58 -31.58
N ALA H 92 6.91 4.78 -31.08
CA ALA H 92 6.71 4.98 -29.64
C ALA H 92 5.39 4.36 -29.19
N ALA H 93 4.31 4.59 -29.94
CA ALA H 93 3.03 4.00 -29.59
C ALA H 93 3.08 2.48 -29.65
N ASN H 94 3.92 1.95 -30.55
CA ASN H 94 4.09 0.50 -30.62
C ASN H 94 4.67 -0.05 -29.33
N PHE H 95 5.72 0.61 -28.80
CA PHE H 95 6.31 0.16 -27.54
C PHE H 95 5.34 0.38 -26.37
N LEU H 96 4.74 1.57 -26.30
CA LEU H 96 3.95 1.94 -25.11
C LEU H 96 2.64 1.19 -24.97
N ASP H 97 2.12 0.61 -26.05
CA ASP H 97 0.80 -0.03 -26.07
C ASP H 97 -0.29 0.95 -25.67
N CYS H 98 -0.41 2.03 -26.45
CA CYS H 98 -1.49 3.00 -26.31
C CYS H 98 -2.22 3.27 -27.65
N VAL I 29 -24.19 -15.37 -41.27
CA VAL I 29 -23.77 -15.01 -39.91
C VAL I 29 -24.21 -13.58 -39.54
N LEU I 30 -23.63 -12.57 -40.21
CA LEU I 30 -24.06 -11.16 -40.08
C LEU I 30 -24.73 -10.75 -41.38
N ARG I 31 -26.05 -10.59 -41.33
CA ARG I 31 -26.83 -10.30 -42.51
C ARG I 31 -28.03 -9.45 -42.08
N SER I 32 -28.68 -8.82 -43.05
CA SER I 32 -29.90 -8.08 -42.75
C SER I 32 -31.08 -9.04 -42.76
N VAL I 33 -31.97 -8.86 -41.78
CA VAL I 33 -33.24 -9.58 -41.77
C VAL I 33 -34.13 -9.04 -42.88
N ASN I 34 -34.78 -9.92 -43.63
CA ASN I 34 -35.67 -9.46 -44.70
C ASN I 34 -37.06 -9.20 -44.15
N SER I 35 -37.13 -8.27 -43.17
CA SER I 35 -38.38 -8.04 -42.47
C SER I 35 -39.46 -7.46 -43.38
N ARG I 36 -39.07 -6.81 -44.46
CA ARG I 36 -40.00 -6.01 -45.27
C ARG I 36 -40.79 -5.01 -44.42
N GLU I 37 -40.21 -4.53 -43.31
CA GLU I 37 -40.86 -3.52 -42.47
C GLU I 37 -40.07 -2.22 -42.58
N PRO I 38 -40.59 -1.19 -43.24
CA PRO I 38 -39.83 0.05 -43.38
C PRO I 38 -39.56 0.68 -42.01
N SER I 39 -38.39 1.31 -41.94
CA SER I 39 -37.91 2.04 -40.78
C SER I 39 -37.24 3.28 -41.34
N GLN I 40 -37.64 4.45 -40.84
CA GLN I 40 -37.16 5.72 -41.34
C GLN I 40 -36.00 6.18 -40.46
N VAL I 41 -34.85 6.37 -41.09
CA VAL I 41 -33.57 6.63 -40.42
C VAL I 41 -33.00 7.97 -40.90
N ILE I 42 -32.31 8.68 -40.00
CA ILE I 42 -31.46 9.82 -40.35
C ILE I 42 -30.02 9.40 -40.11
N PHE I 43 -29.18 9.45 -41.15
CA PHE I 43 -27.73 9.26 -41.00
C PHE I 43 -27.09 10.58 -40.62
N CAS I 44 -26.44 10.68 -39.47
CA CAS I 44 -25.97 11.99 -39.03
CB CAS I 44 -26.76 12.40 -37.79
C CAS I 44 -24.46 11.99 -38.76
O CAS I 44 -24.00 11.53 -37.71
SG CAS I 44 -26.60 14.11 -37.11
AS CAS I 44 -26.90 15.57 -38.82
CE1 CAS I 44 -25.27 16.63 -38.68
CE2 CAS I 44 -28.15 16.85 -37.97
N ASN I 45 -23.69 12.52 -39.71
CA ASN I 45 -22.22 12.41 -39.67
C ASN I 45 -21.59 13.46 -38.73
N ARG I 46 -21.55 13.19 -37.43
CA ARG I 46 -20.83 14.00 -36.44
C ARG I 46 -19.38 13.57 -36.33
N SER I 47 -18.70 13.38 -37.47
CA SER I 47 -17.26 13.08 -37.56
C SER I 47 -16.60 13.96 -38.61
N PRO I 48 -15.28 14.17 -38.52
CA PRO I 48 -14.59 15.00 -39.51
C PRO I 48 -14.30 14.28 -40.82
N ARG I 49 -14.82 13.07 -40.99
CA ARG I 49 -14.54 12.24 -42.16
C ARG I 49 -15.70 12.28 -43.16
N VAL I 50 -15.35 12.03 -44.42
CA VAL I 50 -16.36 11.66 -45.40
C VAL I 50 -16.79 10.23 -45.12
N VAL I 51 -18.08 10.04 -44.77
CA VAL I 51 -18.58 8.76 -44.27
C VAL I 51 -19.20 7.95 -45.40
N LEU I 52 -18.80 6.68 -45.48
CA LEU I 52 -19.42 5.76 -46.40
C LEU I 52 -20.34 4.84 -45.62
N PRO I 53 -21.64 4.86 -45.83
CA PRO I 53 -22.53 3.90 -45.17
C PRO I 53 -22.55 2.60 -45.96
N VAL I 54 -22.46 1.48 -45.23
CA VAL I 54 -22.40 0.14 -45.82
C VAL I 54 -23.55 -0.69 -45.27
N TRP I 55 -24.45 -1.13 -46.15
CA TRP I 55 -25.57 -2.00 -45.79
C TRP I 55 -25.15 -3.44 -46.04
N LEU I 56 -25.40 -4.32 -45.08
CA LEU I 56 -25.16 -5.74 -45.29
C LEU I 56 -26.41 -6.34 -45.94
N ASN I 57 -26.25 -6.97 -47.09
CA ASN I 57 -27.44 -7.47 -47.78
C ASN I 57 -27.88 -8.79 -47.16
N PHE I 58 -28.88 -9.42 -47.80
CA PHE I 58 -29.50 -10.59 -47.19
C PHE I 58 -28.61 -11.82 -47.22
N ASP I 59 -27.66 -11.86 -48.14
CA ASP I 59 -26.58 -12.84 -48.12
C ASP I 59 -25.37 -12.39 -47.32
N GLY I 60 -25.49 -11.30 -46.56
CA GLY I 60 -24.38 -10.83 -45.77
C GLY I 60 -23.28 -10.15 -46.53
N GLU I 61 -23.51 -9.82 -47.78
CA GLU I 61 -22.47 -9.17 -48.59
C GLU I 61 -22.53 -7.65 -48.42
N PRO I 62 -21.42 -6.97 -48.19
CA PRO I 62 -21.49 -5.51 -47.96
C PRO I 62 -21.83 -4.76 -49.24
N GLN I 63 -22.69 -3.75 -49.10
CA GLN I 63 -23.14 -2.92 -50.22
C GLN I 63 -22.99 -1.44 -49.85
N PRO I 64 -22.15 -0.70 -50.55
CA PRO I 64 -22.00 0.74 -50.25
C PRO I 64 -23.10 1.61 -50.81
N TYR I 65 -23.44 2.65 -50.05
CA TYR I 65 -24.39 3.70 -50.39
C TYR I 65 -23.66 5.04 -50.59
N PRO I 66 -24.36 6.10 -51.04
CA PRO I 66 -23.68 7.37 -51.31
C PRO I 66 -23.05 7.98 -50.07
N THR I 67 -21.85 8.56 -50.26
CA THR I 67 -21.05 9.07 -49.15
C THR I 67 -21.74 10.25 -48.49
N LEU I 68 -21.31 10.56 -47.28
CA LEU I 68 -21.86 11.63 -46.46
C LEU I 68 -20.74 12.61 -46.14
N PRO I 69 -20.84 13.88 -46.55
CA PRO I 69 -19.81 14.85 -46.20
C PRO I 69 -19.82 15.13 -44.69
N PRO I 70 -18.68 15.52 -44.13
CA PRO I 70 -18.63 15.80 -42.69
C PRO I 70 -19.65 16.86 -42.30
N GLY I 71 -20.32 16.64 -41.16
CA GLY I 71 -21.26 17.62 -40.63
C GLY I 71 -22.59 17.69 -41.34
N THR I 72 -22.93 16.68 -42.14
CA THR I 72 -24.18 16.62 -42.88
C THR I 72 -25.00 15.41 -42.45
N GLY I 73 -26.33 15.55 -42.58
CA GLY I 73 -27.24 14.47 -42.27
C GLY I 73 -28.04 14.13 -43.51
N ARG I 74 -28.56 12.91 -43.55
CA ARG I 74 -29.35 12.47 -44.69
C ARG I 74 -30.49 11.59 -44.21
N ARG I 75 -31.66 11.76 -44.81
CA ARG I 75 -32.80 10.90 -44.53
C ARG I 75 -32.68 9.63 -45.37
N ILE I 76 -32.81 8.47 -44.72
CA ILE I 76 -32.58 7.17 -45.33
C ILE I 76 -33.83 6.34 -45.13
N HIS I 77 -34.24 5.61 -46.17
CA HIS I 77 -35.35 4.65 -46.07
C HIS I 77 -34.79 3.25 -45.94
N SER I 78 -34.95 2.67 -44.75
CA SER I 78 -34.41 1.35 -44.42
C SER I 78 -35.51 0.39 -43.96
N TYR I 79 -35.13 -0.61 -43.19
CA TYR I 79 -36.10 -1.62 -42.77
C TYR I 79 -35.71 -2.13 -41.39
N ARG I 80 -36.72 -2.52 -40.62
CA ARG I 80 -36.43 -3.10 -39.30
C ARG I 80 -35.59 -4.37 -39.46
N GLY I 81 -34.55 -4.49 -38.64
CA GLY I 81 -33.72 -5.68 -38.70
C GLY I 81 -32.59 -5.64 -39.70
N HIS I 82 -32.46 -4.59 -40.50
CA HIS I 82 -31.32 -4.51 -41.40
C HIS I 82 -30.06 -4.07 -40.64
N LEU I 83 -28.89 -4.31 -41.25
CA LEU I 83 -27.60 -4.07 -40.59
C LEU I 83 -26.74 -3.11 -41.39
N TRP I 84 -26.19 -2.11 -40.69
CA TRP I 84 -25.39 -1.04 -41.29
C TRP I 84 -24.11 -0.85 -40.51
N LEU I 85 -23.06 -0.46 -41.21
CA LEU I 85 -21.84 0.01 -40.57
C LEU I 85 -21.35 1.21 -41.35
N PHE I 86 -20.39 1.93 -40.76
CA PHE I 86 -19.94 3.20 -41.33
C PHE I 86 -18.42 3.29 -41.29
N ARG I 87 -17.86 3.75 -42.40
CA ARG I 87 -16.41 3.75 -42.62
C ARG I 87 -15.99 5.09 -43.23
N ASP I 88 -14.73 5.46 -43.01
CA ASP I 88 -14.14 6.55 -43.78
C ASP I 88 -14.17 6.17 -45.27
N ALA I 89 -14.70 7.06 -46.11
CA ALA I 89 -14.92 6.69 -47.50
C ALA I 89 -13.61 6.40 -48.22
N GLY I 90 -12.56 7.15 -47.90
CA GLY I 90 -11.31 7.00 -48.64
C GLY I 90 -10.43 5.89 -48.09
N THR I 91 -10.20 5.90 -46.78
CA THR I 91 -9.27 5.02 -46.07
C THR I 91 -9.91 3.74 -45.54
N HIS I 92 -11.25 3.66 -45.52
CA HIS I 92 -12.02 2.57 -44.90
C HIS I 92 -11.73 2.39 -43.40
N ASP I 93 -11.25 3.44 -42.71
CA ASP I 93 -11.16 3.40 -41.26
C ASP I 93 -12.55 3.18 -40.68
N GLY I 94 -12.61 2.38 -39.62
CA GLY I 94 -13.89 2.10 -38.99
C GLY I 94 -14.38 3.30 -38.21
N LEU I 95 -15.70 3.49 -38.23
CA LEU I 95 -16.32 4.56 -37.48
C LEU I 95 -17.33 3.94 -36.52
N LEU I 96 -17.80 4.75 -35.59
CA LEU I 96 -18.81 4.31 -34.65
C LEU I 96 -20.14 4.89 -35.07
N VAL I 97 -21.19 4.10 -34.88
CA VAL I 97 -22.54 4.54 -35.13
C VAL I 97 -23.29 4.36 -33.81
N ASN I 98 -23.84 5.45 -33.29
CA ASN I 98 -24.49 5.45 -31.99
C ASN I 98 -23.61 4.79 -30.92
N GLN I 99 -22.31 5.10 -30.96
CA GLN I 99 -21.30 4.65 -30.01
C GLN I 99 -21.05 3.15 -30.09
N THR I 100 -21.48 2.47 -31.15
CA THR I 100 -21.21 1.04 -31.32
C THR I 100 -20.92 0.76 -32.80
N GLU I 101 -20.65 -0.50 -33.14
CA GLU I 101 -20.12 -0.77 -34.47
C GLU I 101 -21.22 -0.99 -35.51
N LEU I 102 -22.35 -1.51 -35.10
CA LEU I 102 -23.42 -1.86 -36.04
C LEU I 102 -24.65 -1.05 -35.70
N PHE I 103 -25.40 -0.66 -36.74
CA PHE I 103 -26.65 0.07 -36.57
C PHE I 103 -27.79 -0.77 -37.13
N VAL I 104 -28.82 -0.99 -36.32
CA VAL I 104 -29.96 -1.81 -36.73
C VAL I 104 -31.23 -0.96 -36.65
N PRO I 105 -31.79 -0.52 -37.77
CA PRO I 105 -33.00 0.30 -37.70
C PRO I 105 -34.07 -0.43 -36.92
N SER I 106 -34.80 0.33 -36.13
CA SER I 106 -35.81 -0.22 -35.24
C SER I 106 -37.18 0.26 -35.69
N LEU I 107 -38.18 -0.21 -34.96
CA LEU I 107 -39.53 0.28 -35.16
C LEU I 107 -39.58 1.78 -34.90
N ASN I 108 -40.19 2.53 -35.83
CA ASN I 108 -40.44 3.96 -35.64
C ASN I 108 -41.66 4.14 -34.77
N VAL I 109 -41.52 4.91 -33.70
CA VAL I 109 -42.65 5.20 -32.82
C VAL I 109 -43.07 6.66 -33.02
N ASP I 110 -44.38 6.89 -32.94
CA ASP I 110 -45.04 8.19 -33.14
C ASP I 110 -44.45 9.00 -34.30
N GLY I 111 -44.16 8.35 -35.42
CA GLY I 111 -43.62 9.05 -36.59
C GLY I 111 -42.27 9.70 -36.38
N GLN I 112 -41.40 9.11 -35.51
CA GLN I 112 -40.06 9.64 -35.26
C GLN I 112 -39.02 8.84 -36.02
N PRO I 113 -38.16 9.49 -36.79
CA PRO I 113 -37.05 8.78 -37.40
C PRO I 113 -36.03 8.37 -36.34
N ILE I 114 -35.35 7.25 -36.62
CA ILE I 114 -34.24 6.78 -35.80
C ILE I 114 -32.99 7.49 -36.26
N PHE I 115 -32.17 7.93 -35.33
CA PHE I 115 -30.96 8.67 -35.66
C PHE I 115 -29.77 7.74 -35.60
N ALA I 116 -28.94 7.77 -36.63
CA ALA I 116 -27.68 7.04 -36.68
C ALA I 116 -26.55 8.07 -36.53
N ASN I 117 -26.15 8.33 -35.29
CA ASN I 117 -25.11 9.33 -35.01
C ASN I 117 -23.74 8.72 -35.25
N ILE I 118 -23.14 9.08 -36.38
CA ILE I 118 -21.84 8.56 -36.78
C ILE I 118 -20.73 9.44 -36.22
N THR I 119 -19.87 8.86 -35.37
CA THR I 119 -18.81 9.62 -34.75
C THR I 119 -17.46 8.94 -34.96
N LEU I 120 -16.43 9.72 -34.81
CA LEU I 120 -15.08 9.19 -34.82
C LEU I 120 -14.88 8.42 -33.53
N PRO I 121 -14.36 7.19 -33.60
CA PRO I 121 -13.97 6.49 -32.37
C PRO I 121 -12.73 7.13 -31.77
N VAL I 122 -12.42 6.73 -30.55
CA VAL I 122 -11.12 7.12 -30.02
C VAL I 122 -10.09 6.09 -30.45
N TYR I 123 -9.50 6.29 -31.63
CA TYR I 123 -8.46 5.38 -32.09
C TYR I 123 -7.31 5.29 -31.07
N THR I 124 -6.68 4.12 -31.01
CA THR I 124 -5.37 4.04 -30.38
C THR I 124 -4.40 4.99 -31.08
N LEU I 125 -3.34 5.37 -30.37
CA LEU I 125 -2.28 6.13 -31.01
C LEU I 125 -1.66 5.34 -32.15
N LYS I 126 -1.38 4.04 -31.91
CA LYS I 126 -0.73 3.24 -32.93
C LYS I 126 -1.54 3.24 -34.22
N GLU I 127 -2.86 3.02 -34.11
CA GLU I 127 -3.69 3.05 -35.31
C GLU I 127 -3.74 4.46 -35.88
N ARG I 128 -3.85 5.49 -35.04
CA ARG I 128 -3.87 6.84 -35.59
C ARG I 128 -2.59 7.14 -36.38
N CYS I 129 -1.42 6.68 -35.89
CA CYS I 129 -0.21 6.92 -36.64
C CYS I 129 -0.20 6.12 -37.93
N LEU I 130 -0.67 4.86 -37.88
CA LEU I 130 -0.77 4.05 -39.11
C LEU I 130 -1.64 4.75 -40.15
N GLN I 131 -2.69 5.43 -39.71
CA GLN I 131 -3.53 6.17 -40.64
C GLN I 131 -2.74 7.28 -41.32
N VAL I 132 -2.12 8.14 -40.52
CA VAL I 132 -1.40 9.29 -41.08
C VAL I 132 -0.34 8.81 -42.07
N VAL I 133 0.50 7.87 -41.63
CA VAL I 133 1.58 7.39 -42.49
C VAL I 133 1.01 6.82 -43.79
N ARG I 134 -0.04 5.99 -43.70
CA ARG I 134 -0.68 5.49 -44.92
C ARG I 134 -1.15 6.63 -45.80
N SER I 135 -1.64 7.72 -45.19
CA SER I 135 -2.10 8.88 -45.97
C SER I 135 -0.95 9.54 -46.71
N LEU I 136 0.27 9.45 -46.17
CA LEU I 136 1.42 10.14 -46.75
C LEU I 136 2.24 9.26 -47.70
N VAL I 137 2.16 7.95 -47.60
CA VAL I 137 3.07 7.06 -48.30
C VAL I 137 2.30 6.18 -49.28
N LYS I 138 2.73 6.18 -50.55
CA LYS I 138 2.16 5.26 -51.53
C LYS I 138 2.50 3.83 -51.13
N PRO I 139 1.59 2.88 -51.33
CA PRO I 139 1.84 1.50 -50.85
C PRO I 139 3.02 0.83 -51.53
N GLU I 140 3.39 1.27 -52.74
CA GLU I 140 4.60 0.74 -53.37
C GLU I 140 5.83 1.07 -52.53
N ASN I 141 5.85 2.27 -51.93
CA ASN I 141 7.00 2.77 -51.18
C ASN I 141 6.84 2.59 -49.68
N TYR I 142 5.91 1.73 -49.25
CA TYR I 142 5.81 1.37 -47.85
C TYR I 142 7.15 0.84 -47.31
N ARG I 143 7.74 -0.13 -48.01
CA ARG I 143 8.91 -0.83 -47.47
C ARG I 143 10.14 0.08 -47.38
N ARG I 144 10.23 1.09 -48.26
CA ARG I 144 11.33 2.05 -48.24
C ARG I 144 11.27 3.00 -47.04
N LEU I 145 11.00 2.47 -45.85
CA LEU I 145 10.80 3.27 -44.65
C LEU I 145 11.74 2.76 -43.57
N ASP I 146 12.51 3.67 -42.97
CA ASP I 146 13.45 3.24 -41.94
C ASP I 146 12.66 2.82 -40.70
N ILE I 147 11.83 1.80 -40.85
CA ILE I 147 10.89 1.35 -39.83
C ILE I 147 10.93 -0.17 -39.77
N VAL I 148 10.67 -0.72 -38.58
CA VAL I 148 10.70 -2.17 -38.30
C VAL I 148 9.84 -2.92 -39.32
N ARG I 149 10.09 -4.23 -39.46
CA ARG I 149 9.28 -5.03 -40.37
C ARG I 149 7.93 -5.40 -39.74
N SER I 150 7.85 -5.40 -38.41
CA SER I 150 6.56 -5.62 -37.76
C SER I 150 5.64 -4.42 -38.01
N LEU I 151 6.16 -3.20 -37.83
CA LEU I 151 5.40 -2.00 -38.19
C LEU I 151 5.13 -1.94 -39.69
N TYR I 152 6.07 -2.38 -40.52
CA TYR I 152 5.84 -2.42 -41.97
C TYR I 152 4.64 -3.28 -42.32
N GLU I 153 4.52 -4.46 -41.71
CA GLU I 153 3.36 -5.31 -42.00
C GLU I 153 2.08 -4.66 -41.50
N ASP I 154 2.14 -3.99 -40.33
CA ASP I 154 0.95 -3.29 -39.82
C ASP I 154 0.43 -2.26 -40.82
N LEU I 155 1.32 -1.55 -41.51
CA LEU I 155 0.89 -0.56 -42.49
C LEU I 155 0.17 -1.22 -43.65
N GLU I 156 0.66 -2.37 -44.10
CA GLU I 156 0.05 -3.03 -45.24
C GLU I 156 -1.35 -3.54 -44.91
N ASP I 157 -1.63 -3.84 -43.64
CA ASP I 157 -2.94 -4.35 -43.22
C ASP I 157 -3.96 -3.21 -43.26
N HIS I 158 -4.34 -2.83 -44.48
CA HIS I 158 -5.32 -1.78 -44.66
C HIS I 158 -6.64 -2.16 -44.00
N PRO I 159 -7.32 -1.22 -43.35
CA PRO I 159 -8.63 -1.54 -42.77
C PRO I 159 -9.56 -2.05 -43.85
N ASN I 160 -10.24 -3.15 -43.55
CA ASN I 160 -11.02 -3.89 -44.53
C ASN I 160 -12.35 -4.26 -43.89
N VAL I 161 -13.45 -3.84 -44.50
CA VAL I 161 -14.75 -4.14 -43.91
C VAL I 161 -15.00 -5.65 -43.86
N GLN I 162 -14.68 -6.37 -44.95
CA GLN I 162 -14.91 -7.81 -44.93
C GLN I 162 -14.13 -8.48 -43.81
N LYS I 163 -12.88 -8.04 -43.59
CA LYS I 163 -12.10 -8.52 -42.46
C LYS I 163 -12.80 -8.24 -41.13
N ASP I 164 -13.22 -6.98 -40.90
CA ASP I 164 -13.89 -6.63 -39.64
C ASP I 164 -15.18 -7.43 -39.45
N LEU I 165 -15.90 -7.71 -40.55
CA LEU I 165 -17.08 -8.57 -40.48
C LEU I 165 -16.73 -9.98 -40.04
N GLU I 166 -15.52 -10.45 -40.37
CA GLU I 166 -15.08 -11.75 -39.90
C GLU I 166 -14.74 -11.72 -38.41
N ARG I 167 -14.18 -10.60 -37.92
CA ARG I 167 -13.86 -10.48 -36.49
C ARG I 167 -15.13 -10.49 -35.63
N LEU I 168 -16.14 -9.73 -36.04
CA LEU I 168 -17.38 -9.62 -35.28
C LEU I 168 -18.10 -10.96 -35.19
N THR I 169 -18.12 -11.71 -36.31
CA THR I 169 -18.76 -13.03 -36.33
C THR I 169 -18.08 -13.99 -35.36
N GLN I 170 -16.74 -14.03 -35.36
CA GLN I 170 -16.00 -14.83 -34.39
C GLN I 170 -16.47 -14.52 -32.97
N GLU I 171 -16.28 -13.27 -32.53
CA GLU I 171 -16.75 -12.83 -31.22
C GLU I 171 -18.27 -12.70 -31.19
N MET J 1 -42.37 17.27 21.18
CA MET J 1 -41.53 16.95 20.03
C MET J 1 -40.09 16.67 20.45
N ASP J 2 -39.57 15.55 20.01
CA ASP J 2 -38.20 15.19 20.34
C ASP J 2 -37.23 15.76 19.32
N VAL J 3 -36.10 16.25 19.80
CA VAL J 3 -35.02 16.70 18.91
C VAL J 3 -33.81 15.81 19.15
N PHE J 4 -33.06 15.58 18.09
CA PHE J 4 -31.97 14.61 18.16
C PHE J 4 -30.64 15.29 17.90
N LEU J 5 -29.69 15.09 18.81
CA LEU J 5 -28.53 15.95 18.95
C LEU J 5 -27.23 15.16 18.91
N MET J 6 -26.17 15.91 18.61
CA MET J 6 -24.78 15.48 18.75
C MET J 6 -24.08 16.54 19.56
N ILE J 7 -23.73 16.24 20.80
CA ILE J 7 -22.97 17.14 21.65
C ILE J 7 -21.51 16.82 21.45
N ARG J 8 -20.75 17.79 20.98
CA ARG J 8 -19.41 17.52 20.48
C ARG J 8 -18.41 18.49 21.09
N ARG J 9 -17.30 17.94 21.60
CA ARG J 9 -16.14 18.66 22.12
C ARG J 9 -14.90 17.87 21.75
N HIS J 10 -13.90 18.53 21.17
CA HIS J 10 -12.64 17.90 20.78
C HIS J 10 -12.86 16.63 19.98
N LYS J 11 -12.53 15.48 20.60
CA LYS J 11 -12.72 14.17 20.01
C LYS J 11 -13.89 13.42 20.64
N THR J 12 -14.81 14.12 21.28
CA THR J 12 -15.90 13.46 21.99
C THR J 12 -17.25 13.85 21.38
N THR J 13 -18.11 12.86 21.19
CA THR J 13 -19.47 13.07 20.67
C THR J 13 -20.48 12.32 21.53
N ILE J 14 -21.46 13.05 22.09
CA ILE J 14 -22.57 12.45 22.82
C ILE J 14 -23.82 12.49 21.94
N PHE J 15 -24.33 11.30 21.58
CA PHE J 15 -25.65 11.18 20.96
C PHE J 15 -26.71 11.15 22.06
N THR J 16 -27.62 12.09 22.05
CA THR J 16 -28.75 12.02 22.98
C THR J 16 -29.93 12.68 22.30
N ASP J 17 -31.12 12.46 22.84
CA ASP J 17 -32.31 13.21 22.43
C ASP J 17 -32.77 14.08 23.58
N ALA J 18 -33.73 14.94 23.28
CA ALA J 18 -34.31 15.86 24.26
C ALA J 18 -35.58 16.46 23.67
N LYS J 19 -36.37 17.07 24.53
CA LYS J 19 -37.57 17.72 24.07
C LYS J 19 -37.24 19.08 23.50
N GLU J 20 -37.95 19.45 22.43
CA GLU J 20 -37.82 20.80 21.90
C GLU J 20 -38.05 21.84 22.99
N SER J 21 -38.80 21.46 24.05
CA SER J 21 -39.12 22.27 25.22
C SER J 21 -38.05 22.18 26.30
N SER J 22 -37.23 21.12 26.29
CA SER J 22 -36.05 21.01 27.15
C SER J 22 -35.30 22.34 27.16
N THR J 23 -34.53 22.63 28.20
CA THR J 23 -33.74 23.85 28.21
C THR J 23 -32.28 23.54 27.95
N VAL J 24 -31.53 24.60 27.61
CA VAL J 24 -30.09 24.46 27.54
C VAL J 24 -29.54 23.89 28.85
N PHE J 25 -30.04 24.39 30.00
CA PHE J 25 -29.50 23.93 31.27
C PHE J 25 -29.74 22.45 31.49
N GLU J 26 -30.96 21.96 31.19
CA GLU J 26 -31.27 20.54 31.30
C GLU J 26 -30.36 19.69 30.39
N LEU J 27 -29.91 20.25 29.27
CA LEU J 27 -28.93 19.56 28.43
C LEU J 27 -27.54 19.58 29.06
N LYS J 28 -27.16 20.66 29.74
CA LYS J 28 -25.90 20.62 30.46
C LYS J 28 -25.95 19.57 31.57
N ARG J 29 -27.15 19.34 32.14
CA ARG J 29 -27.27 18.34 33.19
C ARG J 29 -26.99 16.94 32.64
N ILE J 30 -27.60 16.61 31.50
CA ILE J 30 -27.28 15.38 30.77
C ILE J 30 -25.77 15.29 30.51
N VAL J 31 -25.16 16.39 30.05
CA VAL J 31 -23.72 16.36 29.81
C VAL J 31 -22.97 16.03 31.09
N GLU J 32 -23.40 16.62 32.20
CA GLU J 32 -22.76 16.36 33.49
C GLU J 32 -22.76 14.88 33.82
N GLY J 33 -23.88 14.19 33.57
CA GLY J 33 -23.95 12.78 33.86
C GLY J 33 -22.87 12.00 33.14
N ILE J 34 -22.59 12.34 31.89
CA ILE J 34 -21.72 11.50 31.09
C ILE J 34 -20.26 11.86 31.34
N LEU J 35 -19.92 13.15 31.29
CA LEU J 35 -18.50 13.55 31.34
C LEU J 35 -18.09 14.12 32.70
N LYS J 36 -19.02 14.15 33.67
CA LYS J 36 -18.70 14.34 35.09
C LYS J 36 -18.16 15.75 35.35
N ARG J 37 -18.88 16.76 34.85
CA ARG J 37 -18.52 18.16 35.01
C ARG J 37 -19.81 18.93 35.23
N PRO J 38 -19.86 19.78 36.25
CA PRO J 38 -21.11 20.44 36.60
C PRO J 38 -21.58 21.36 35.50
N PRO J 39 -22.88 21.63 35.44
CA PRO J 39 -23.39 22.63 34.48
C PRO J 39 -22.63 23.94 34.42
N ASP J 40 -22.18 24.47 35.55
CA ASP J 40 -21.52 25.78 35.55
C ASP J 40 -20.12 25.75 34.96
N GLU J 41 -19.52 24.58 34.77
CA GLU J 41 -18.22 24.48 34.12
C GLU J 41 -18.34 24.12 32.65
N GLN J 42 -19.53 24.27 32.05
CA GLN J 42 -19.80 23.91 30.66
C GLN J 42 -20.34 25.11 29.91
N ARG J 43 -19.90 25.27 28.65
CA ARG J 43 -20.51 26.21 27.72
C ARG J 43 -21.01 25.43 26.52
N LEU J 44 -22.27 25.66 26.14
CA LEU J 44 -22.87 25.01 24.99
C LEU J 44 -23.02 26.01 23.86
N TYR J 45 -22.75 25.56 22.65
CA TYR J 45 -22.77 26.44 21.48
C TYR J 45 -23.66 25.85 20.39
N LYS J 46 -24.46 26.70 19.76
CA LYS J 46 -24.94 26.40 18.42
C LYS J 46 -24.10 27.18 17.43
N ASP J 47 -23.38 26.46 16.59
CA ASP J 47 -22.39 27.04 15.67
C ASP J 47 -21.39 27.81 16.55
N ASP J 48 -21.09 29.07 16.25
CA ASP J 48 -20.13 29.81 17.06
C ASP J 48 -20.82 30.61 18.15
N GLN J 49 -22.12 30.42 18.33
CA GLN J 49 -22.95 31.26 19.19
C GLN J 49 -23.24 30.58 20.52
N LEU J 50 -22.75 31.17 21.61
CA LEU J 50 -23.03 30.68 22.95
C LEU J 50 -24.53 30.66 23.21
N LEU J 51 -24.96 29.69 24.02
CA LEU J 51 -26.38 29.40 24.21
C LEU J 51 -26.75 29.76 25.64
N ASP J 52 -27.91 30.39 25.82
CA ASP J 52 -28.32 30.83 27.15
C ASP J 52 -29.03 29.72 27.92
N ASP J 53 -28.64 29.56 29.19
CA ASP J 53 -29.15 28.46 30.02
C ASP J 53 -30.67 28.33 29.97
N GLY J 54 -31.38 29.46 30.03
CA GLY J 54 -32.82 29.37 30.13
C GLY J 54 -33.56 29.28 28.83
N LYS J 55 -32.86 29.32 27.70
CA LYS J 55 -33.58 29.27 26.42
C LYS J 55 -33.91 27.83 26.07
N THR J 56 -35.04 27.65 25.39
CA THR J 56 -35.42 26.30 25.01
C THR J 56 -34.64 25.86 23.77
N LEU J 57 -34.54 24.54 23.61
CA LEU J 57 -33.91 24.00 22.42
C LEU J 57 -34.54 24.56 21.16
N GLY J 58 -35.87 24.59 21.10
CA GLY J 58 -36.54 25.14 19.93
C GLY J 58 -36.10 26.56 19.62
N GLU J 59 -36.11 27.43 20.64
CA GLU J 59 -35.71 28.82 20.46
C GLU J 59 -34.26 28.93 19.98
N CYS J 60 -33.43 27.94 20.30
CA CYS J 60 -32.08 27.87 19.79
C CYS J 60 -32.01 27.22 18.41
N GLY J 61 -33.16 26.92 17.78
CA GLY J 61 -33.15 26.46 16.41
C GLY J 61 -33.09 24.97 16.23
N PHE J 62 -33.07 24.21 17.31
CA PHE J 62 -33.14 22.75 17.25
C PHE J 62 -34.60 22.36 17.20
N THR J 63 -35.07 21.94 16.03
CA THR J 63 -36.44 21.51 15.83
C THR J 63 -36.47 20.13 15.21
N SER J 64 -37.67 19.56 15.11
CA SER J 64 -37.84 18.28 14.45
C SER J 64 -37.32 18.29 13.01
N GLN J 65 -37.46 19.40 12.29
CA GLN J 65 -36.98 19.44 10.90
C GLN J 65 -35.46 19.56 10.86
N THR J 66 -34.88 20.12 11.90
CA THR J 66 -33.46 20.44 11.97
C THR J 66 -32.66 19.34 12.64
N ALA J 67 -33.25 18.60 13.57
CA ALA J 67 -32.51 17.73 14.47
C ALA J 67 -33.15 16.35 14.42
N ARG J 68 -32.78 15.57 13.43
CA ARG J 68 -33.41 14.31 13.05
C ARG J 68 -32.66 13.12 13.61
N PRO J 69 -33.35 12.00 13.85
CA PRO J 69 -32.62 10.81 14.31
C PRO J 69 -31.57 10.36 13.31
N GLN J 70 -31.92 10.30 12.01
CA GLN J 70 -30.92 9.91 11.00
C GLN J 70 -29.97 11.06 10.65
N ALA J 71 -30.23 12.27 11.14
CA ALA J 71 -29.36 13.42 10.88
C ALA J 71 -29.41 14.36 12.08
N PRO J 72 -28.69 14.03 13.15
CA PRO J 72 -28.78 14.85 14.36
C PRO J 72 -28.10 16.21 14.23
N ALA J 73 -28.69 17.22 14.88
CA ALA J 73 -28.07 18.54 15.01
C ALA J 73 -26.87 18.50 15.94
N THR J 74 -25.91 19.39 15.70
CA THR J 74 -24.67 19.46 16.47
C THR J 74 -24.72 20.59 17.50
N VAL J 75 -24.31 20.27 18.72
CA VAL J 75 -24.19 21.26 19.79
C VAL J 75 -22.76 21.24 20.29
N GLY J 76 -22.10 22.39 20.26
CA GLY J 76 -20.73 22.47 20.69
C GLY J 76 -20.62 22.55 22.20
N LEU J 77 -19.48 22.08 22.70
CA LEU J 77 -19.27 21.95 24.14
C LEU J 77 -17.84 22.37 24.48
N ALA J 78 -17.73 23.31 25.42
CA ALA J 78 -16.45 23.81 25.91
C ALA J 78 -16.46 23.75 27.43
N PHE J 79 -15.38 23.25 28.01
CA PHE J 79 -15.23 23.07 29.44
C PHE J 79 -14.34 24.17 30.03
N ARG J 80 -14.44 24.35 31.35
CA ARG J 80 -13.56 25.28 32.03
C ARG J 80 -12.22 24.59 32.27
N ALA J 81 -11.12 25.28 31.97
CA ALA J 81 -9.79 24.70 32.16
C ALA J 81 -9.27 24.99 33.57
N ASP J 82 -8.86 26.24 33.84
CA ASP J 82 -8.33 26.63 35.15
C ASP J 82 -8.73 28.09 35.37
N ASP J 83 -9.98 28.29 35.77
CA ASP J 83 -10.60 29.61 35.85
C ASP J 83 -10.58 30.31 34.50
N THR J 84 -10.58 29.54 33.41
CA THR J 84 -10.69 30.10 32.06
C THR J 84 -11.24 29.01 31.18
N PHE J 85 -12.44 29.24 30.66
CA PHE J 85 -13.03 28.32 29.71
C PHE J 85 -12.14 28.18 28.50
N GLU J 86 -11.99 26.94 28.02
CA GLU J 86 -11.29 26.71 26.77
C GLU J 86 -12.08 27.32 25.62
N ALA J 87 -11.40 27.49 24.49
CA ALA J 87 -12.09 27.91 23.29
C ALA J 87 -12.78 26.69 22.68
N LEU J 88 -13.95 26.91 22.10
CA LEU J 88 -14.70 25.88 21.43
C LEU J 88 -13.83 25.16 20.41
N CAS J 89 -13.79 23.83 20.50
CA CAS J 89 -13.00 23.09 19.55
CB CAS J 89 -11.57 22.97 20.05
C CAS J 89 -13.57 21.72 19.24
O CAS J 89 -13.75 20.91 20.17
SG CAS J 89 -10.42 23.74 18.85
AS CAS J 89 -10.10 22.15 17.30
CE1 CAS J 89 -10.69 23.19 15.73
CE2 CAS J 89 -8.14 22.08 17.05
N ILE J 90 -13.85 21.45 17.97
CA ILE J 90 -14.43 20.17 17.57
C ILE J 90 -13.61 19.49 16.48
N GLU J 91 -13.03 18.36 16.80
CA GLU J 91 -12.17 17.71 15.82
C GLU J 91 -13.05 17.12 14.72
N PRO J 92 -12.72 17.33 13.45
CA PRO J 92 -13.55 16.77 12.38
C PRO J 92 -13.45 15.26 12.37
N PHE J 93 -14.46 14.63 11.80
CA PHE J 93 -14.36 13.20 11.60
C PHE J 93 -13.38 12.93 10.47
N SER J 94 -12.99 11.66 10.35
CA SER J 94 -12.08 11.24 9.28
C SER J 94 -12.68 11.55 7.92
N SER J 95 -11.79 11.62 6.93
CA SER J 95 -12.28 11.85 5.57
C SER J 95 -12.51 10.53 4.85
N PRO J 96 -13.61 10.42 4.13
CA PRO J 96 -13.84 9.21 3.34
C PRO J 96 -12.91 9.18 2.14
N PRO J 97 -12.51 7.98 1.69
CA PRO J 97 -11.67 7.87 0.49
C PRO J 97 -12.43 8.30 -0.76
N GLU J 98 -11.65 8.66 -1.78
CA GLU J 98 -12.25 9.12 -3.03
C GLU J 98 -13.13 8.02 -3.63
N LEU J 99 -14.25 8.41 -4.21
CA LEU J 99 -15.17 7.43 -4.75
C LEU J 99 -14.46 6.58 -5.79
N PRO J 100 -14.59 5.25 -5.73
CA PRO J 100 -14.11 4.43 -6.85
C PRO J 100 -14.81 4.83 -8.14
N ASP J 101 -14.19 4.45 -9.26
CA ASP J 101 -14.77 4.75 -10.57
C ASP J 101 -16.07 4.01 -10.79
N VAL J 102 -16.17 2.76 -10.30
CA VAL J 102 -17.41 2.00 -10.44
C VAL J 102 -18.60 2.72 -9.80
N MET J 103 -18.37 3.69 -8.91
CA MET J 103 -19.49 4.49 -8.33
C MET J 103 -19.50 5.95 -8.80
N GLY K 2 -30.58 6.89 31.81
CA GLY K 2 -30.10 5.88 30.88
C GLY K 2 -28.60 5.74 30.95
N MET K 3 -28.09 4.52 31.07
CA MET K 3 -26.65 4.33 31.00
C MET K 3 -26.19 4.54 29.56
N TYR K 4 -24.93 4.88 29.41
CA TYR K 4 -24.31 5.08 28.11
C TYR K 4 -23.13 4.12 27.96
N VAL K 5 -22.57 4.08 26.75
CA VAL K 5 -21.40 3.26 26.43
C VAL K 5 -20.53 4.04 25.45
N LYS K 6 -19.29 3.61 25.31
CA LYS K 6 -18.32 4.34 24.53
C LYS K 6 -17.89 3.50 23.35
N LEU K 7 -18.12 4.01 22.14
CA LEU K 7 -17.63 3.39 20.92
C LEU K 7 -16.48 4.25 20.41
N ILE K 8 -15.30 3.66 20.27
CA ILE K 8 -14.10 4.38 19.90
C ILE K 8 -13.69 3.98 18.49
N SER K 9 -13.51 4.97 17.62
CA SER K 9 -13.21 4.66 16.23
C SER K 9 -11.71 4.45 16.06
N SER K 10 -11.31 4.03 14.85
CA SER K 10 -9.90 3.83 14.55
C SER K 10 -9.11 5.14 14.66
N ASP K 11 -9.66 6.25 14.15
CA ASP K 11 -8.96 7.50 14.38
C ASP K 11 -9.17 8.06 15.79
N GLY K 12 -9.66 7.22 16.71
CA GLY K 12 -9.75 7.56 18.12
C GLY K 12 -10.86 8.51 18.54
N HIS K 13 -11.82 8.82 17.66
CA HIS K 13 -12.98 9.61 18.07
C HIS K 13 -13.81 8.80 19.06
N GLU K 14 -14.25 9.47 20.12
CA GLU K 14 -15.03 8.80 21.15
C GLU K 14 -16.52 9.14 20.99
N PHE K 15 -17.32 8.14 20.63
CA PHE K 15 -18.77 8.26 20.46
C PHE K 15 -19.46 7.62 21.65
N ILE K 16 -20.38 8.37 22.27
CA ILE K 16 -21.05 7.96 23.50
C ILE K 16 -22.55 7.91 23.24
N VAL K 17 -23.12 6.71 23.24
CA VAL K 17 -24.52 6.48 22.89
C VAL K 17 -25.23 5.81 24.08
N LYS K 18 -26.55 5.91 24.09
CA LYS K 18 -27.30 5.20 25.13
C LYS K 18 -27.14 3.69 24.93
N ARG K 19 -27.01 2.96 26.04
CA ARG K 19 -26.72 1.53 25.94
C ARG K 19 -27.82 0.80 25.16
N GLU K 20 -29.08 1.12 25.45
CA GLU K 20 -30.20 0.50 24.74
C GLU K 20 -30.01 0.58 23.23
N HIS K 21 -29.62 1.75 22.72
CA HIS K 21 -29.36 1.90 21.29
C HIS K 21 -28.21 1.02 20.82
N ALA K 22 -27.11 0.98 21.58
CA ALA K 22 -25.99 0.17 21.15
C ALA K 22 -26.39 -1.29 21.05
N LEU K 23 -27.24 -1.75 21.98
CA LEU K 23 -27.72 -3.13 21.97
C LEU K 23 -28.46 -3.49 20.69
N THR K 24 -28.81 -2.51 19.86
CA THR K 24 -29.34 -2.80 18.54
C THR K 24 -28.39 -3.68 17.74
N SER K 25 -27.08 -3.51 17.93
CA SER K 25 -26.12 -4.41 17.30
C SER K 25 -25.97 -5.64 18.18
N GLY K 26 -26.23 -6.82 17.59
CA GLY K 26 -26.02 -8.06 18.34
C GLY K 26 -24.55 -8.26 18.72
N THR K 27 -23.65 -7.97 17.79
CA THR K 27 -22.22 -8.02 18.07
C THR K 27 -21.87 -7.18 19.30
N ILE K 28 -22.29 -5.91 19.33
CA ILE K 28 -22.03 -5.04 20.47
C ILE K 28 -22.66 -5.62 21.73
N LYS K 29 -23.85 -6.24 21.60
CA LYS K 29 -24.56 -6.78 22.75
C LYS K 29 -23.71 -7.77 23.52
N ALA K 30 -23.10 -8.73 22.83
CA ALA K 30 -22.26 -9.70 23.52
C ALA K 30 -20.92 -9.07 23.92
N MET K 31 -20.38 -8.21 23.07
CA MET K 31 -19.12 -7.51 23.34
C MET K 31 -19.12 -6.88 24.73
N LEU K 32 -20.20 -6.16 25.07
CA LEU K 32 -20.35 -5.58 26.40
C LEU K 32 -20.42 -6.67 27.47
N SER K 33 -21.20 -7.71 27.20
CA SER K 33 -21.50 -8.78 28.15
C SER K 33 -20.43 -9.88 28.18
N THR K 43 -17.21 -4.20 28.94
CA THR K 43 -18.31 -3.63 29.72
C THR K 43 -18.80 -2.26 29.16
N ASN K 44 -18.32 -1.13 29.71
CA ASN K 44 -18.81 0.19 29.29
C ASN K 44 -18.03 0.80 28.12
N GLU K 45 -16.98 0.14 27.61
CA GLU K 45 -16.17 0.68 26.51
C GLU K 45 -15.93 -0.38 25.45
N VAL K 46 -15.91 0.02 24.17
CA VAL K 46 -15.66 -0.88 23.04
C VAL K 46 -14.86 -0.15 21.97
N ASN K 47 -13.77 -0.76 21.50
CA ASN K 47 -12.81 -0.14 20.58
C ASN K 47 -12.79 -0.83 19.22
N PHE K 48 -13.01 -0.07 18.17
CA PHE K 48 -13.05 -0.60 16.81
C PHE K 48 -11.83 -0.08 16.07
N ARG K 49 -10.82 -0.95 15.86
CA ARG K 49 -9.66 -0.54 15.08
C ARG K 49 -9.93 -0.58 13.58
N GLU K 50 -11.03 -1.20 13.16
N GLU K 50 -11.03 -1.23 13.14
CA GLU K 50 -11.33 -1.32 11.74
CA GLU K 50 -11.37 -1.34 11.72
C GLU K 50 -12.27 -0.23 11.23
C GLU K 50 -12.25 -0.20 11.23
N ILE K 51 -12.89 0.55 12.13
CA ILE K 51 -13.96 1.46 11.75
C ILE K 51 -13.56 2.92 11.94
N PRO K 52 -13.31 3.63 10.86
CA PRO K 52 -13.03 5.07 10.96
C PRO K 52 -14.25 5.83 11.44
N SER K 53 -14.02 7.07 11.87
CA SER K 53 -15.05 7.82 12.58
C SER K 53 -16.18 8.27 11.65
N HIS K 54 -15.87 8.65 10.41
CA HIS K 54 -16.94 8.98 9.46
C HIS K 54 -17.90 7.82 9.20
N VAL K 55 -17.48 6.56 9.47
CA VAL K 55 -18.42 5.44 9.43
C VAL K 55 -19.11 5.28 10.78
N LEU K 56 -18.33 5.20 11.86
CA LEU K 56 -18.93 4.96 13.17
C LEU K 56 -19.95 6.01 13.56
N SER K 57 -19.78 7.25 13.10
CA SER K 57 -20.77 8.25 13.43
C SER K 57 -22.09 7.95 12.73
N LYS K 58 -22.02 7.46 11.50
CA LYS K 58 -23.25 7.10 10.80
C LYS K 58 -23.89 5.87 11.42
N VAL K 59 -23.07 4.96 11.94
CA VAL K 59 -23.58 3.81 12.66
C VAL K 59 -24.46 4.26 13.82
N CYS K 60 -23.96 5.22 14.62
CA CYS K 60 -24.71 5.72 15.75
C CYS K 60 -26.00 6.38 15.33
N MET K 61 -25.97 7.17 14.26
CA MET K 61 -27.22 7.75 13.79
C MET K 61 -28.22 6.65 13.46
N TYR K 62 -27.75 5.52 12.93
CA TYR K 62 -28.66 4.44 12.58
C TYR K 62 -29.30 3.83 13.83
N PHE K 63 -28.53 3.65 14.90
CA PHE K 63 -29.12 3.24 16.17
C PHE K 63 -30.27 4.15 16.57
N THR K 64 -30.03 5.47 16.60
CA THR K 64 -31.09 6.44 16.89
C THR K 64 -32.27 6.21 15.97
N TYR K 65 -32.02 6.05 14.67
CA TYR K 65 -33.10 5.88 13.70
C TYR K 65 -33.91 4.62 13.97
N LYS K 66 -33.24 3.47 14.10
CA LYS K 66 -33.96 2.23 14.38
C LYS K 66 -34.74 2.29 15.69
N VAL K 67 -34.15 2.85 16.75
CA VAL K 67 -34.90 2.89 18.00
C VAL K 67 -36.07 3.85 17.89
N ARG K 68 -35.87 4.98 17.21
CA ARG K 68 -36.97 5.93 17.08
C ARG K 68 -38.12 5.37 16.26
N TYR K 69 -37.87 4.46 15.29
CA TYR K 69 -38.89 4.15 14.28
C TYR K 69 -39.35 2.69 14.24
N THR K 70 -38.66 1.78 14.90
CA THR K 70 -39.13 0.41 14.98
C THR K 70 -40.51 0.36 15.62
N ASN K 71 -41.47 -0.24 14.91
CA ASN K 71 -42.86 -0.42 15.37
C ASN K 71 -43.58 0.92 15.50
N SER K 72 -43.61 1.69 14.41
CA SER K 72 -44.29 2.98 14.40
C SER K 72 -45.05 3.13 13.10
N SER K 73 -46.32 3.51 13.20
CA SER K 73 -47.14 3.79 12.02
C SER K 73 -46.85 5.16 11.41
N THR K 74 -46.19 6.05 12.15
CA THR K 74 -45.71 7.32 11.59
C THR K 74 -44.93 7.04 10.31
N GLU K 75 -45.11 7.91 9.31
CA GLU K 75 -44.34 7.80 8.08
C GLU K 75 -42.85 7.78 8.44
N ILE K 76 -42.21 6.67 8.13
CA ILE K 76 -40.80 6.44 8.41
C ILE K 76 -39.98 7.10 7.31
N PRO K 77 -38.97 7.90 7.64
CA PRO K 77 -38.15 8.52 6.59
C PRO K 77 -37.03 7.59 6.15
N GLU K 78 -36.52 7.84 4.95
CA GLU K 78 -35.37 7.09 4.48
C GLU K 78 -34.17 7.35 5.38
N PHE K 79 -33.32 6.34 5.54
CA PHE K 79 -32.04 6.52 6.21
C PHE K 79 -31.02 6.87 5.16
N PRO K 80 -30.49 8.09 5.14
CA PRO K 80 -29.58 8.51 4.06
C PRO K 80 -28.15 7.98 4.28
N ILE K 81 -27.49 7.63 3.18
CA ILE K 81 -26.12 7.14 3.17
C ILE K 81 -25.44 7.77 1.95
N ALA K 82 -24.45 8.64 2.19
CA ALA K 82 -23.75 9.29 1.09
C ALA K 82 -22.84 8.30 0.39
N PRO K 83 -22.77 8.34 -0.94
CA PRO K 83 -22.02 7.28 -1.69
C PRO K 83 -20.56 7.11 -1.25
N GLU K 84 -19.92 8.16 -0.74
CA GLU K 84 -18.53 8.11 -0.26
C GLU K 84 -18.35 7.26 0.99
N ILE K 85 -19.45 6.92 1.67
CA ILE K 85 -19.43 6.11 2.89
C ILE K 85 -20.02 4.74 2.67
N ALA K 86 -20.78 4.54 1.59
CA ALA K 86 -21.56 3.31 1.41
C ALA K 86 -20.71 2.06 1.59
N LEU K 87 -19.58 1.99 0.90
CA LEU K 87 -18.77 0.78 0.98
C LEU K 87 -18.32 0.48 2.41
N GLU K 88 -17.80 1.47 3.13
CA GLU K 88 -17.27 1.15 4.45
C GLU K 88 -18.38 0.97 5.49
N LEU K 89 -19.48 1.70 5.34
CA LEU K 89 -20.64 1.41 6.15
C LEU K 89 -21.08 -0.03 5.94
N LEU K 90 -21.12 -0.49 4.68
CA LEU K 90 -21.51 -1.88 4.41
C LEU K 90 -20.61 -2.85 5.17
N MET K 91 -19.29 -2.60 5.16
CA MET K 91 -18.37 -3.51 5.84
C MET K 91 -18.60 -3.50 7.34
N ALA K 92 -18.66 -2.31 7.93
CA ALA K 92 -18.90 -2.23 9.37
C ALA K 92 -20.26 -2.82 9.74
N ALA K 93 -21.28 -2.54 8.93
CA ALA K 93 -22.61 -3.11 9.19
C ALA K 93 -22.54 -4.63 9.19
N ASN K 94 -21.85 -5.21 8.21
CA ASN K 94 -21.67 -6.66 8.19
C ASN K 94 -21.07 -7.16 9.51
N PHE K 95 -20.00 -6.50 10.01
CA PHE K 95 -19.36 -6.95 11.24
C PHE K 95 -20.30 -6.82 12.44
N LEU K 96 -20.91 -5.64 12.61
CA LEU K 96 -21.71 -5.38 13.80
C LEU K 96 -23.08 -6.07 13.76
N ASP K 97 -23.46 -6.64 12.63
CA ASP K 97 -24.75 -7.31 12.46
C ASP K 97 -25.89 -6.41 12.94
N CYS K 98 -26.02 -5.23 12.32
CA CYS K 98 -27.17 -4.37 12.60
C CYS K 98 -27.93 -3.97 11.31
N VAL L 29 -50.51 -22.47 -2.51
CA VAL L 29 -50.79 -22.28 -1.10
C VAL L 29 -50.90 -20.79 -0.77
N LEU L 30 -50.05 -19.94 -1.34
CA LEU L 30 -50.17 -18.49 -1.14
C LEU L 30 -50.81 -17.87 -2.39
N ARG L 31 -52.13 -17.79 -2.39
CA ARG L 31 -52.86 -17.36 -3.57
C ARG L 31 -54.05 -16.51 -3.15
N SER L 32 -54.56 -15.75 -4.10
CA SER L 32 -55.87 -15.14 -3.93
C SER L 32 -56.93 -16.22 -4.00
N VAL L 33 -57.90 -16.21 -3.07
CA VAL L 33 -59.11 -17.00 -3.22
C VAL L 33 -60.09 -16.27 -4.13
N ASN L 34 -60.80 -17.03 -4.97
CA ASN L 34 -61.68 -16.44 -5.98
C ASN L 34 -63.08 -16.22 -5.38
N SER L 35 -63.15 -15.23 -4.50
CA SER L 35 -64.42 -14.97 -3.80
C SER L 35 -65.45 -14.32 -4.71
N ARG L 36 -65.01 -13.55 -5.70
CA ARG L 36 -65.90 -12.73 -6.50
C ARG L 36 -66.73 -11.78 -5.63
N GLU L 37 -66.37 -11.63 -4.33
CA GLU L 37 -67.01 -10.64 -3.45
C GLU L 37 -66.20 -9.33 -3.47
N PRO L 38 -66.69 -8.26 -4.11
CA PRO L 38 -65.86 -7.05 -4.26
C PRO L 38 -65.52 -6.34 -2.94
N SER L 39 -64.36 -5.69 -2.94
CA SER L 39 -63.84 -4.95 -1.81
C SER L 39 -63.16 -3.70 -2.32
N GLN L 40 -63.66 -2.55 -1.90
CA GLN L 40 -63.14 -1.25 -2.36
C GLN L 40 -62.02 -0.82 -1.43
N VAL L 41 -60.87 -0.51 -2.03
CA VAL L 41 -59.59 -0.36 -1.36
C VAL L 41 -58.91 0.90 -1.87
N ILE L 42 -58.15 1.55 -0.98
CA ILE L 42 -57.27 2.65 -1.38
C ILE L 42 -55.82 2.27 -1.13
N PHE L 43 -54.98 2.43 -2.16
CA PHE L 43 -53.55 2.26 -2.03
C PHE L 43 -52.96 3.60 -1.70
N CAS L 44 -52.36 3.68 -0.51
CA CAS L 44 -51.87 4.95 -0.01
CB CAS L 44 -52.64 5.30 1.27
C CAS L 44 -50.35 4.86 0.23
O CAS L 44 -49.89 4.16 1.16
SG CAS L 44 -52.21 6.91 1.99
AS CAS L 44 -52.72 8.38 0.36
CE1 CAS L 44 -51.29 9.71 0.71
CE2 CAS L 44 -54.31 9.19 1.22
N ASN L 45 -49.58 5.52 -0.62
CA ASN L 45 -48.11 5.33 -0.59
C ASN L 45 -47.44 6.32 0.37
N ARG L 46 -47.33 5.94 1.64
CA ARG L 46 -46.67 6.75 2.66
C ARG L 46 -45.19 6.42 2.78
N SER L 47 -44.48 6.29 1.68
CA SER L 47 -43.06 6.00 1.63
C SER L 47 -42.46 6.96 0.63
N PRO L 48 -41.14 7.11 0.57
CA PRO L 48 -40.53 7.95 -0.47
C PRO L 48 -40.20 7.22 -1.76
N ARG L 49 -40.62 5.97 -1.90
CA ARG L 49 -40.29 5.17 -3.08
C ARG L 49 -41.46 5.15 -4.05
N VAL L 50 -41.16 4.88 -5.33
CA VAL L 50 -42.21 4.54 -6.28
C VAL L 50 -42.67 3.12 -5.98
N VAL L 51 -43.97 2.95 -5.80
CA VAL L 51 -44.49 1.70 -5.26
C VAL L 51 -45.16 0.90 -6.37
N LEU L 52 -44.73 -0.34 -6.50
CA LEU L 52 -45.30 -1.25 -7.46
C LEU L 52 -46.23 -2.20 -6.72
N PRO L 53 -47.55 -2.09 -6.89
CA PRO L 53 -48.44 -3.07 -6.25
C PRO L 53 -48.42 -4.40 -7.03
N VAL L 54 -48.50 -5.51 -6.30
CA VAL L 54 -48.32 -6.84 -6.88
C VAL L 54 -49.45 -7.72 -6.38
N TRP L 55 -50.37 -8.08 -7.28
CA TRP L 55 -51.48 -8.98 -6.93
C TRP L 55 -51.08 -10.43 -7.17
N LEU L 56 -51.44 -11.32 -6.24
CA LEU L 56 -51.16 -12.74 -6.42
C LEU L 56 -52.37 -13.41 -7.07
N ASN L 57 -52.19 -13.95 -8.27
CA ASN L 57 -53.38 -14.42 -8.97
C ASN L 57 -53.81 -15.76 -8.39
N PHE L 58 -54.84 -16.33 -9.01
CA PHE L 58 -55.45 -17.51 -8.41
C PHE L 58 -54.53 -18.71 -8.48
N ASP L 59 -53.45 -18.63 -9.28
CA ASP L 59 -52.41 -19.65 -9.34
C ASP L 59 -51.20 -19.32 -8.47
N GLY L 60 -51.20 -18.19 -7.75
CA GLY L 60 -50.07 -17.84 -6.90
C GLY L 60 -48.98 -17.00 -7.54
N GLU L 61 -49.11 -16.66 -8.85
CA GLU L 61 -48.14 -15.95 -9.70
C GLU L 61 -48.28 -14.44 -9.53
N PRO L 62 -47.18 -13.70 -9.36
CA PRO L 62 -47.30 -12.26 -9.07
C PRO L 62 -47.72 -11.48 -10.30
N GLN L 63 -48.67 -10.58 -10.11
CA GLN L 63 -49.14 -9.74 -11.22
C GLN L 63 -48.93 -8.26 -10.96
N PRO L 64 -48.04 -7.58 -11.70
CA PRO L 64 -47.79 -6.15 -11.47
C PRO L 64 -48.95 -5.28 -11.94
N TYR L 65 -49.24 -4.21 -11.16
CA TYR L 65 -50.24 -3.17 -11.46
C TYR L 65 -49.59 -1.78 -11.61
N PRO L 66 -50.29 -0.78 -12.12
CA PRO L 66 -49.64 0.53 -12.32
C PRO L 66 -49.03 1.05 -11.02
N THR L 67 -47.88 1.70 -11.13
CA THR L 67 -47.09 2.10 -9.97
C THR L 67 -47.72 3.33 -9.30
N LEU L 68 -47.36 3.57 -8.05
CA LEU L 68 -47.83 4.71 -7.30
C LEU L 68 -46.65 5.61 -7.02
N PRO L 69 -46.69 6.86 -7.48
CA PRO L 69 -45.64 7.80 -7.11
C PRO L 69 -45.63 8.04 -5.61
N PRO L 70 -44.48 8.42 -5.05
CA PRO L 70 -44.42 8.76 -3.62
C PRO L 70 -45.48 9.77 -3.23
N GLY L 71 -45.89 9.71 -1.97
CA GLY L 71 -46.97 10.55 -1.45
C GLY L 71 -48.38 10.47 -2.02
N THR L 72 -48.64 9.65 -3.05
CA THR L 72 -49.95 9.62 -3.72
C THR L 72 -50.79 8.41 -3.30
N GLY L 73 -52.07 8.53 -3.53
CA GLY L 73 -53.01 7.47 -3.19
C GLY L 73 -53.82 7.11 -4.43
N ARG L 74 -54.39 5.90 -4.46
CA ARG L 74 -55.24 5.47 -5.55
C ARG L 74 -56.34 4.57 -5.03
N ARG L 75 -57.52 4.73 -5.58
CA ARG L 75 -58.67 3.89 -5.30
C ARG L 75 -58.66 2.69 -6.24
N ILE L 76 -58.64 1.48 -5.69
CA ILE L 76 -58.61 0.28 -6.52
C ILE L 76 -59.77 -0.61 -6.16
N HIS L 77 -60.21 -1.41 -7.14
CA HIS L 77 -61.35 -2.32 -6.99
C HIS L 77 -60.82 -3.76 -6.88
N SER L 78 -60.94 -4.33 -5.69
CA SER L 78 -60.42 -5.66 -5.46
C SER L 78 -61.55 -6.57 -4.98
N TYR L 79 -61.20 -7.61 -4.21
CA TYR L 79 -62.11 -8.68 -3.86
C TYR L 79 -61.70 -9.20 -2.50
N ARG L 80 -62.68 -9.59 -1.68
CA ARG L 80 -62.35 -10.18 -0.39
C ARG L 80 -61.49 -11.41 -0.62
N GLY L 81 -60.50 -11.60 0.24
CA GLY L 81 -59.64 -12.76 0.13
C GLY L 81 -58.57 -12.71 -0.94
N HIS L 82 -58.44 -11.59 -1.67
CA HIS L 82 -57.31 -11.47 -2.58
C HIS L 82 -56.06 -11.08 -1.80
N LEU L 83 -54.90 -11.32 -2.41
CA LEU L 83 -53.61 -11.07 -1.76
C LEU L 83 -52.80 -10.05 -2.55
N TRP L 84 -52.15 -9.14 -1.83
CA TRP L 84 -51.33 -8.11 -2.43
C TRP L 84 -50.07 -7.94 -1.61
N LEU L 85 -48.99 -7.56 -2.29
CA LEU L 85 -47.78 -7.13 -1.60
C LEU L 85 -47.27 -5.92 -2.35
N PHE L 86 -46.31 -5.21 -1.76
CA PHE L 86 -45.88 -3.96 -2.36
C PHE L 86 -44.36 -3.86 -2.33
N ARG L 87 -43.81 -3.37 -3.43
CA ARG L 87 -42.38 -3.38 -3.65
C ARG L 87 -41.97 -2.04 -4.25
N ASP L 88 -40.71 -1.68 -4.04
CA ASP L 88 -40.11 -0.56 -4.77
C ASP L 88 -40.10 -0.87 -6.27
N ALA L 89 -40.66 0.05 -7.06
CA ALA L 89 -40.88 -0.21 -8.48
C ALA L 89 -39.58 -0.40 -9.25
N GLY L 90 -38.46 0.14 -8.76
CA GLY L 90 -37.23 0.05 -9.54
C GLY L 90 -36.24 -0.99 -9.07
N THR L 91 -36.27 -1.28 -7.78
CA THR L 91 -35.30 -2.16 -7.14
C THR L 91 -35.93 -3.39 -6.50
N HIS L 92 -37.25 -3.44 -6.39
CA HIS L 92 -37.99 -4.54 -5.79
C HIS L 92 -37.72 -4.71 -4.31
N ASP L 93 -37.02 -3.76 -3.66
CA ASP L 93 -36.97 -3.69 -2.20
C ASP L 93 -38.36 -3.92 -1.63
N GLY L 94 -38.44 -4.77 -0.61
CA GLY L 94 -39.72 -5.00 0.04
C GLY L 94 -40.22 -3.77 0.75
N LEU L 95 -41.54 -3.59 0.73
CA LEU L 95 -42.18 -2.54 1.50
C LEU L 95 -43.24 -3.17 2.40
N LEU L 96 -43.64 -2.41 3.41
CA LEU L 96 -44.66 -2.80 4.38
C LEU L 96 -46.01 -2.22 3.99
N VAL L 97 -47.07 -3.00 4.14
CA VAL L 97 -48.44 -2.55 3.88
C VAL L 97 -49.26 -2.80 5.13
N ASN L 98 -49.87 -1.73 5.67
CA ASN L 98 -50.49 -1.78 7.00
C ASN L 98 -49.61 -2.52 8.01
N GLN L 99 -48.29 -2.28 7.97
CA GLN L 99 -47.22 -2.76 8.87
C GLN L 99 -46.94 -4.26 8.78
N THR L 100 -47.45 -4.97 7.78
CA THR L 100 -47.06 -6.36 7.50
C THR L 100 -46.73 -6.53 6.03
N GLU L 101 -46.45 -7.78 5.66
CA GLU L 101 -45.96 -7.99 4.31
C GLU L 101 -47.08 -8.23 3.31
N LEU L 102 -48.23 -8.76 3.74
CA LEU L 102 -49.35 -8.99 2.83
C LEU L 102 -50.57 -8.19 3.23
N PHE L 103 -51.37 -7.82 2.24
CA PHE L 103 -52.61 -7.08 2.43
C PHE L 103 -53.74 -7.89 1.80
N VAL L 104 -54.80 -8.12 2.57
CA VAL L 104 -55.94 -8.90 2.10
C VAL L 104 -57.21 -8.06 2.22
N PRO L 105 -57.79 -7.61 1.12
CA PRO L 105 -59.01 -6.81 1.22
C PRO L 105 -60.08 -7.55 2.01
N SER L 106 -60.81 -6.83 2.85
CA SER L 106 -61.86 -7.43 3.67
C SER L 106 -63.23 -6.90 3.22
N LEU L 107 -64.25 -7.15 4.04
CA LEU L 107 -65.59 -6.64 3.74
C LEU L 107 -65.67 -5.16 4.07
N ASN L 108 -66.07 -4.34 3.09
CA ASN L 108 -66.23 -2.92 3.36
C ASN L 108 -67.39 -2.73 4.32
N VAL L 109 -67.28 -1.71 5.17
CA VAL L 109 -68.31 -1.43 6.19
C VAL L 109 -68.63 0.06 6.20
N ASP L 110 -69.92 0.38 6.32
CA ASP L 110 -70.46 1.73 6.27
C ASP L 110 -70.11 2.45 4.96
N GLY L 111 -69.86 1.69 3.89
CA GLY L 111 -69.36 2.29 2.67
C GLY L 111 -67.96 2.86 2.80
N GLN L 112 -67.14 2.32 3.74
CA GLN L 112 -65.80 2.88 3.83
C GLN L 112 -64.80 1.98 3.11
N PRO L 113 -63.93 2.55 2.30
CA PRO L 113 -62.88 1.75 1.67
C PRO L 113 -61.88 1.31 2.72
N ILE L 114 -61.20 0.20 2.42
CA ILE L 114 -60.13 -0.27 3.28
C ILE L 114 -58.86 0.41 2.82
N PHE L 115 -58.12 0.97 3.77
CA PHE L 115 -56.85 1.61 3.47
C PHE L 115 -55.72 0.59 3.52
N ALA L 116 -54.90 0.58 2.49
CA ALA L 116 -53.66 -0.17 2.46
C ALA L 116 -52.54 0.87 2.60
N ASN L 117 -52.04 1.05 3.81
CA ASN L 117 -51.01 2.07 4.08
C ASN L 117 -49.65 1.46 3.83
N ILE L 118 -49.02 1.90 2.76
CA ILE L 118 -47.75 1.36 2.32
C ILE L 118 -46.66 2.24 2.90
N THR L 119 -45.77 1.66 3.69
CA THR L 119 -44.71 2.43 4.31
C THR L 119 -43.37 1.76 4.05
N LEU L 120 -42.34 2.56 4.18
CA LEU L 120 -41.00 2.06 4.13
C LEU L 120 -40.74 1.31 5.42
N PRO L 121 -40.16 0.11 5.36
CA PRO L 121 -39.78 -0.58 6.60
C PRO L 121 -38.51 0.03 7.18
N VAL L 122 -38.23 -0.36 8.42
CA VAL L 122 -36.94 -0.07 9.02
C VAL L 122 -35.96 -1.15 8.58
N TYR L 123 -35.29 -0.94 7.45
CA TYR L 123 -34.30 -1.93 7.02
C TYR L 123 -33.15 -2.02 8.03
N THR L 124 -32.53 -3.20 8.10
CA THR L 124 -31.22 -3.31 8.73
C THR L 124 -30.28 -2.32 8.06
N LEU L 125 -29.31 -1.84 8.83
CA LEU L 125 -28.24 -1.03 8.23
C LEU L 125 -27.61 -1.75 7.04
N LYS L 126 -27.23 -3.02 7.23
CA LYS L 126 -26.57 -3.78 6.17
C LYS L 126 -27.39 -3.77 4.89
N GLU L 127 -28.69 -4.10 4.98
CA GLU L 127 -29.52 -4.07 3.78
C GLU L 127 -29.59 -2.65 3.20
N ARG L 128 -29.64 -1.63 4.05
CA ARG L 128 -29.71 -0.28 3.51
C ARG L 128 -28.46 0.02 2.70
N CYS L 129 -27.29 -0.38 3.21
CA CYS L 129 -26.04 -0.18 2.47
C CYS L 129 -26.05 -0.95 1.15
N LEU L 130 -26.51 -2.21 1.16
CA LEU L 130 -26.57 -2.96 -0.09
C LEU L 130 -27.45 -2.22 -1.10
N GLN L 131 -28.55 -1.60 -0.64
CA GLN L 131 -29.40 -0.85 -1.55
C GLN L 131 -28.64 0.28 -2.19
N VAL L 132 -27.96 1.10 -1.36
CA VAL L 132 -27.27 2.28 -1.85
C VAL L 132 -26.18 1.90 -2.82
N VAL L 133 -25.37 0.91 -2.45
CA VAL L 133 -24.30 0.48 -3.34
C VAL L 133 -24.87 -0.01 -4.66
N ARG L 134 -25.87 -0.92 -4.59
CA ARG L 134 -26.50 -1.43 -5.81
C ARG L 134 -27.01 -0.30 -6.68
N SER L 135 -27.47 0.80 -6.06
CA SER L 135 -27.93 1.96 -6.81
C SER L 135 -26.79 2.71 -7.51
N LEU L 136 -25.55 2.55 -7.05
CA LEU L 136 -24.43 3.29 -7.60
C LEU L 136 -23.51 2.48 -8.50
N VAL L 137 -23.56 1.15 -8.44
CA VAL L 137 -22.63 0.31 -9.18
C VAL L 137 -23.43 -0.59 -10.13
N LYS L 138 -23.05 -0.58 -11.42
CA LYS L 138 -23.67 -1.49 -12.39
C LYS L 138 -23.29 -2.93 -12.05
N PRO L 139 -24.20 -3.89 -12.20
CA PRO L 139 -23.95 -5.23 -11.66
C PRO L 139 -22.79 -5.96 -12.32
N GLU L 140 -22.38 -5.55 -13.53
CA GLU L 140 -21.16 -6.10 -14.11
C GLU L 140 -19.94 -5.62 -13.34
N ASN L 141 -19.97 -4.39 -12.82
CA ASN L 141 -18.88 -3.79 -12.06
C ASN L 141 -18.84 -4.23 -10.59
N TYR L 142 -19.81 -5.02 -10.11
CA TYR L 142 -19.85 -5.40 -8.69
C TYR L 142 -18.52 -5.99 -8.24
N ARG L 143 -17.98 -6.94 -9.01
CA ARG L 143 -16.74 -7.60 -8.63
C ARG L 143 -15.52 -6.70 -8.72
N ARG L 144 -15.67 -5.45 -9.19
CA ARG L 144 -14.59 -4.47 -9.18
C ARG L 144 -14.55 -3.64 -7.89
N LEU L 145 -15.06 -4.17 -6.77
CA LEU L 145 -15.21 -3.45 -5.52
C LEU L 145 -14.30 -4.05 -4.46
N ASP L 146 -13.42 -3.23 -3.87
CA ASP L 146 -12.47 -3.75 -2.89
C ASP L 146 -13.17 -4.18 -1.59
N ILE L 147 -14.02 -5.20 -1.68
CA ILE L 147 -14.74 -5.78 -0.55
C ILE L 147 -14.58 -7.28 -0.62
N VAL L 148 -15.12 -7.97 0.39
CA VAL L 148 -14.94 -9.41 0.55
C VAL L 148 -15.87 -10.15 -0.42
N ARG L 149 -15.73 -11.47 -0.52
CA ARG L 149 -16.57 -12.20 -1.46
C ARG L 149 -18.00 -12.31 -0.97
N SER L 150 -18.18 -12.58 0.33
CA SER L 150 -19.53 -12.73 0.87
C SER L 150 -20.38 -11.47 0.64
N LEU L 151 -19.77 -10.28 0.64
CA LEU L 151 -20.48 -9.05 0.28
C LEU L 151 -20.69 -8.90 -1.22
N TYR L 152 -19.87 -9.55 -2.06
CA TYR L 152 -20.21 -9.67 -3.47
C TYR L 152 -21.50 -10.45 -3.62
N GLU L 153 -21.61 -11.58 -2.92
CA GLU L 153 -22.79 -12.42 -3.06
C GLU L 153 -24.02 -11.72 -2.52
N ASP L 154 -23.90 -11.03 -1.38
CA ASP L 154 -25.01 -10.23 -0.88
C ASP L 154 -25.41 -9.15 -1.90
N LEU L 155 -24.44 -8.56 -2.60
CA LEU L 155 -24.81 -7.54 -3.59
C LEU L 155 -25.64 -8.15 -4.70
N GLU L 156 -25.26 -9.34 -5.18
CA GLU L 156 -25.90 -9.94 -6.34
C GLU L 156 -27.23 -10.59 -6.01
N ASP L 157 -27.46 -10.92 -4.74
CA ASP L 157 -28.75 -11.45 -4.31
C ASP L 157 -29.77 -10.31 -4.20
N HIS L 158 -30.16 -9.80 -5.38
CA HIS L 158 -31.11 -8.71 -5.47
C HIS L 158 -32.46 -9.13 -4.90
N PRO L 159 -33.21 -8.22 -4.27
CA PRO L 159 -34.54 -8.59 -3.75
C PRO L 159 -35.45 -9.02 -4.88
N ASN L 160 -36.28 -10.03 -4.60
CA ASN L 160 -36.90 -10.86 -5.63
C ASN L 160 -38.24 -11.35 -5.10
N VAL L 161 -39.33 -10.93 -5.74
CA VAL L 161 -40.65 -11.24 -5.19
C VAL L 161 -40.89 -12.75 -5.15
N GLN L 162 -40.48 -13.48 -6.21
CA GLN L 162 -40.71 -14.92 -6.23
C GLN L 162 -39.94 -15.61 -5.11
N LYS L 163 -38.73 -15.16 -4.81
CA LYS L 163 -37.99 -15.75 -3.69
C LYS L 163 -38.63 -15.40 -2.35
N ASP L 164 -39.03 -14.13 -2.15
CA ASP L 164 -39.75 -13.77 -0.93
C ASP L 164 -41.05 -14.54 -0.81
N LEU L 165 -41.76 -14.74 -1.92
CA LEU L 165 -42.95 -15.57 -1.86
C LEU L 165 -42.60 -17.00 -1.44
N GLU L 166 -41.41 -17.49 -1.79
CA GLU L 166 -41.03 -18.81 -1.30
C GLU L 166 -40.72 -18.78 0.18
N ARG L 167 -40.08 -17.71 0.67
CA ARG L 167 -39.80 -17.59 2.10
C ARG L 167 -41.08 -17.52 2.91
N LEU L 168 -42.05 -16.73 2.46
CA LEU L 168 -43.30 -16.63 3.21
C LEU L 168 -44.00 -17.98 3.25
N THR L 169 -44.06 -18.67 2.09
CA THR L 169 -44.76 -19.95 2.01
C THR L 169 -44.14 -20.99 2.93
N GLN L 170 -42.81 -20.94 3.15
CA GLN L 170 -42.20 -21.78 4.17
C GLN L 170 -42.56 -21.29 5.58
N GLU L 171 -43.87 -21.13 5.87
CA GLU L 171 -44.36 -20.60 7.14
C GLU L 171 -45.90 -20.55 7.23
C01 A1CBJ M . -56.81 -13.91 -13.22
C02 A1CBJ M . -57.42 -12.83 -14.16
C03 A1CBJ M . -56.34 -12.14 -15.05
C05 A1CBJ M . -57.58 -10.78 -13.17
C06 A1CBJ M . -58.47 -9.78 -12.40
C07 A1CBJ M . -59.05 -12.51 -12.58
C08 A1CBJ M . -59.86 -11.47 -11.75
C10 A1CBJ M . -59.90 -9.52 -10.70
C11 A1CBJ M . -59.08 -8.50 -9.82
C13 A1CBJ M . -58.39 -6.31 -9.41
C14 A1CBJ M . -57.65 -6.69 -8.29
C15 A1CBJ M . -57.63 -8.04 -7.91
C16 A1CBJ M . -58.35 -8.93 -8.70
N04 A1CBJ M . -58.22 -11.97 -13.54
N09 A1CBJ M . -59.13 -10.36 -11.34
N12 A1CBJ M . -59.08 -7.21 -10.13
#